data_2NB4
#
_entry.id   2NB4
#
_entity_poly.entity_id   1
_entity_poly.type   'polypeptide(L)'
_entity_poly.pdbx_seq_one_letter_code
;PLTRPYLGFRVAVGRDSSGCTTLSIQEVTQTYTGSNGGADLMGPAFAAGLRVGDQLVRFAGYTVTELAAFNTVVARHVRP
SASIPVVFSRDGVVMSATIVVGELE
;
_entity_poly.pdbx_strand_id   A
#
# COMPACT_ATOMS: atom_id res chain seq x y z
N PRO A 1 -12.14 -5.13 -10.45
CA PRO A 1 -12.66 -5.10 -9.08
C PRO A 1 -12.67 -3.70 -8.49
N LEU A 2 -13.42 -3.51 -7.41
CA LEU A 2 -13.52 -2.22 -6.75
C LEU A 2 -14.06 -2.36 -5.33
N THR A 3 -13.70 -1.43 -4.47
CA THR A 3 -14.14 -1.46 -3.08
C THR A 3 -14.70 -0.10 -2.66
N ARG A 4 -15.37 -0.07 -1.51
CA ARG A 4 -15.95 1.16 -1.00
C ARG A 4 -14.88 2.08 -0.42
N PRO A 5 -15.21 3.37 -0.29
CA PRO A 5 -14.27 4.37 0.24
C PRO A 5 -14.01 4.18 1.74
N TYR A 6 -13.16 3.22 2.06
CA TYR A 6 -12.83 2.93 3.46
C TYR A 6 -11.32 3.02 3.69
N LEU A 7 -10.93 3.74 4.73
CA LEU A 7 -9.51 3.90 5.06
C LEU A 7 -9.18 3.19 6.37
N GLY A 8 -8.20 2.30 6.33
CA GLY A 8 -7.80 1.57 7.51
C GLY A 8 -6.32 1.75 7.84
N PHE A 9 -5.84 2.99 7.74
CA PHE A 9 -4.44 3.29 8.02
C PHE A 9 -4.24 4.80 8.21
N ARG A 10 -3.05 5.17 8.67
CA ARG A 10 -2.73 6.57 8.90
C ARG A 10 -1.63 7.04 7.95
N VAL A 11 -1.76 8.28 7.49
CA VAL A 11 -0.78 8.85 6.57
C VAL A 11 -0.38 10.27 6.99
N ALA A 12 0.92 10.51 7.04
CA ALA A 12 1.43 11.82 7.42
C ALA A 12 2.28 12.44 6.31
N VAL A 13 1.91 13.63 5.86
CA VAL A 13 2.64 14.32 4.81
C VAL A 13 3.88 15.00 5.36
N GLY A 14 5.03 14.64 4.82
CA GLY A 14 6.28 15.23 5.27
C GLY A 14 7.37 15.19 4.20
N ARG A 15 8.62 15.24 4.63
CA ARG A 15 9.74 15.20 3.70
C ARG A 15 10.80 14.19 4.16
N ASP A 16 11.34 13.45 3.21
CA ASP A 16 12.35 12.44 3.51
C ASP A 16 13.75 12.99 3.22
N SER A 17 14.76 12.13 3.38
CA SER A 17 16.14 12.54 3.16
C SER A 17 16.34 12.99 1.71
N SER A 18 15.49 12.49 0.82
CA SER A 18 15.57 12.85 -0.60
C SER A 18 14.75 14.11 -0.88
N GLY A 19 13.54 14.16 -0.35
CA GLY A 19 12.68 15.30 -0.55
C GLY A 19 11.81 15.17 -1.79
N CYS A 20 11.01 14.11 -1.84
CA CYS A 20 10.13 13.86 -2.97
C CYS A 20 8.67 14.01 -2.56
N THR A 21 8.44 14.55 -1.37
CA THR A 21 7.08 14.73 -0.87
C THR A 21 6.30 13.43 -0.90
N THR A 22 6.43 12.64 0.17
CA THR A 22 5.74 11.37 0.27
C THR A 22 5.10 11.18 1.65
N LEU A 23 4.10 10.32 1.72
CA LEU A 23 3.41 10.05 2.98
C LEU A 23 3.83 8.70 3.56
N SER A 24 4.19 8.69 4.82
CA SER A 24 4.61 7.46 5.49
C SER A 24 3.43 6.80 6.20
N ILE A 25 3.43 5.46 6.22
CA ILE A 25 2.37 4.71 6.87
C ILE A 25 2.75 4.32 8.29
N GLN A 26 1.85 4.58 9.23
CA GLN A 26 2.10 4.25 10.63
C GLN A 26 1.34 3.00 11.04
N GLU A 27 0.25 2.71 10.33
CA GLU A 27 -0.56 1.53 10.61
C GLU A 27 -0.47 0.52 9.48
N VAL A 28 -1.31 -0.52 9.56
CA VAL A 28 -1.32 -1.55 8.53
C VAL A 28 -2.53 -1.40 7.61
N THR A 29 -2.27 -1.37 6.31
CA THR A 29 -3.32 -1.22 5.32
C THR A 29 -3.45 -2.47 4.45
N GLN A 30 -2.44 -3.34 4.53
CA GLN A 30 -2.43 -4.57 3.75
C GLN A 30 -3.11 -5.71 4.52
N THR A 31 -3.78 -5.36 5.61
CA THR A 31 -4.47 -6.35 6.42
C THR A 31 -5.98 -6.18 6.34
N TYR A 32 -6.44 -5.47 5.31
CA TYR A 32 -7.86 -5.24 5.11
C TYR A 32 -8.31 -5.76 3.74
N THR A 33 -9.57 -6.18 3.66
CA THR A 33 -10.12 -6.71 2.43
C THR A 33 -11.65 -6.67 2.44
N GLY A 34 -12.25 -6.72 1.25
CA GLY A 34 -13.70 -6.69 1.16
C GLY A 34 -14.18 -6.79 -0.27
N SER A 35 -13.35 -6.35 -1.21
CA SER A 35 -13.71 -6.39 -2.63
C SER A 35 -13.01 -7.55 -3.33
N ASN A 36 -13.79 -8.38 -4.01
CA ASN A 36 -13.25 -9.53 -4.73
C ASN A 36 -12.35 -10.36 -3.82
N GLY A 37 -12.66 -10.34 -2.53
CA GLY A 37 -11.87 -11.11 -1.57
C GLY A 37 -12.62 -11.36 -0.27
N GLY A 38 -12.97 -10.30 0.43
CA GLY A 38 -13.69 -10.43 1.68
C GLY A 38 -12.94 -11.27 2.68
N ALA A 39 -12.01 -10.66 3.40
CA ALA A 39 -11.21 -11.35 4.40
C ALA A 39 -10.19 -10.43 5.04
N ASP A 40 -10.68 -9.41 5.74
CA ASP A 40 -9.80 -8.45 6.39
C ASP A 40 -9.08 -9.08 7.57
N LEU A 41 -7.76 -9.24 7.44
CA LEU A 41 -6.95 -9.85 8.48
C LEU A 41 -5.47 -9.83 8.10
N MET A 42 -4.67 -10.60 8.83
CA MET A 42 -3.23 -10.67 8.56
C MET A 42 -2.84 -12.05 8.07
N GLY A 43 -2.22 -12.10 6.90
CA GLY A 43 -1.80 -13.37 6.33
C GLY A 43 -0.99 -13.21 5.06
N PRO A 44 -1.66 -12.77 3.98
CA PRO A 44 -1.01 -12.56 2.68
C PRO A 44 -0.06 -11.37 2.70
N ALA A 45 -0.35 -10.39 3.55
CA ALA A 45 0.49 -9.21 3.67
C ALA A 45 1.88 -9.56 4.16
N PHE A 46 1.95 -10.45 5.14
CA PHE A 46 3.23 -10.88 5.71
C PHE A 46 4.06 -11.64 4.67
N ALA A 47 3.39 -12.15 3.64
CA ALA A 47 4.06 -12.90 2.60
C ALA A 47 5.03 -12.01 1.82
N ALA A 48 4.70 -10.72 1.74
CA ALA A 48 5.54 -9.76 1.03
C ALA A 48 6.41 -8.98 2.00
N GLY A 49 5.97 -8.91 3.25
CA GLY A 49 6.72 -8.18 4.26
C GLY A 49 6.15 -6.79 4.52
N LEU A 50 4.93 -6.57 4.06
CA LEU A 50 4.26 -5.29 4.25
C LEU A 50 3.93 -5.05 5.72
N ARG A 51 4.59 -4.08 6.33
CA ARG A 51 4.37 -3.75 7.73
C ARG A 51 4.44 -2.24 7.96
N VAL A 52 4.20 -1.82 9.19
CA VAL A 52 4.23 -0.41 9.54
C VAL A 52 5.66 0.11 9.59
N GLY A 53 5.90 1.26 8.96
CA GLY A 53 7.22 1.85 8.95
C GLY A 53 7.61 2.38 7.59
N ASP A 54 7.44 1.54 6.55
CA ASP A 54 7.78 1.94 5.19
C ASP A 54 6.63 2.73 4.56
N GLN A 55 6.97 3.62 3.65
CA GLN A 55 5.98 4.44 2.97
C GLN A 55 5.65 3.87 1.59
N LEU A 56 4.40 4.06 1.17
CA LEU A 56 3.95 3.55 -0.13
C LEU A 56 3.43 4.69 -1.00
N VAL A 57 3.96 4.78 -2.22
CA VAL A 57 3.55 5.82 -3.15
C VAL A 57 2.98 5.22 -4.43
N ARG A 58 3.55 4.10 -4.85
CA ARG A 58 3.10 3.42 -6.06
C ARG A 58 3.05 4.38 -7.25
N PHE A 59 3.93 5.38 -7.22
CA PHE A 59 3.99 6.37 -8.29
C PHE A 59 5.44 6.66 -8.68
N ALA A 60 5.64 6.97 -9.96
CA ALA A 60 6.98 7.27 -10.46
C ALA A 60 7.46 8.63 -9.96
N GLY A 61 8.44 8.62 -9.07
CA GLY A 61 8.97 9.86 -8.52
C GLY A 61 9.05 9.84 -7.01
N TYR A 62 8.66 8.72 -6.41
CA TYR A 62 8.68 8.58 -4.96
C TYR A 62 7.78 9.62 -4.29
N THR A 63 6.64 9.89 -4.92
CA THR A 63 5.69 10.87 -4.40
C THR A 63 4.27 10.31 -4.40
N VAL A 64 3.46 10.79 -3.46
CA VAL A 64 2.07 10.34 -3.36
C VAL A 64 1.17 11.45 -2.85
N THR A 65 -0.12 11.38 -3.17
CA THR A 65 -1.08 12.38 -2.74
C THR A 65 -1.47 12.18 -1.28
N GLU A 66 -2.17 11.07 -1.01
CA GLU A 66 -2.60 10.77 0.35
C GLU A 66 -3.37 9.45 0.39
N LEU A 67 -3.89 9.11 1.57
CA LEU A 67 -4.66 7.88 1.74
C LEU A 67 -5.79 7.80 0.73
N ALA A 68 -6.40 8.95 0.43
CA ALA A 68 -7.49 9.01 -0.53
C ALA A 68 -7.06 8.50 -1.90
N ALA A 69 -5.87 8.93 -2.32
CA ALA A 69 -5.34 8.52 -3.62
C ALA A 69 -4.97 7.03 -3.62
N PHE A 70 -4.50 6.55 -2.47
CA PHE A 70 -4.11 5.15 -2.35
C PHE A 70 -5.34 4.25 -2.21
N ASN A 71 -6.44 4.84 -1.74
CA ASN A 71 -7.68 4.09 -1.56
C ASN A 71 -8.16 3.51 -2.88
N THR A 72 -8.08 4.31 -3.95
CA THR A 72 -8.50 3.88 -5.27
C THR A 72 -7.53 2.86 -5.85
N VAL A 73 -6.24 3.15 -5.76
CA VAL A 73 -5.21 2.26 -6.27
C VAL A 73 -5.31 0.88 -5.63
N VAL A 74 -5.44 0.85 -4.32
CA VAL A 74 -5.55 -0.41 -3.58
C VAL A 74 -6.75 -1.22 -4.06
N ALA A 75 -7.91 -0.56 -4.12
CA ALA A 75 -9.14 -1.22 -4.56
C ALA A 75 -8.99 -1.77 -5.98
N ARG A 76 -8.39 -0.98 -6.86
CA ARG A 76 -8.19 -1.39 -8.24
C ARG A 76 -7.17 -2.52 -8.33
N HIS A 77 -6.19 -2.50 -7.44
CA HIS A 77 -5.16 -3.54 -7.41
C HIS A 77 -5.68 -4.81 -6.76
N VAL A 78 -6.64 -4.65 -5.87
CA VAL A 78 -7.23 -5.80 -5.17
C VAL A 78 -7.75 -6.83 -6.16
N ARG A 79 -7.10 -7.99 -6.17
CA ARG A 79 -7.49 -9.08 -7.07
C ARG A 79 -7.06 -10.43 -6.51
N PRO A 80 -7.70 -11.51 -7.00
CA PRO A 80 -7.39 -12.87 -6.57
C PRO A 80 -6.02 -13.35 -7.05
N SER A 81 -5.08 -13.48 -6.12
CA SER A 81 -3.74 -13.93 -6.45
C SER A 81 -3.08 -12.96 -7.44
N ALA A 82 -3.30 -11.67 -7.23
CA ALA A 82 -2.73 -10.65 -8.09
C ALA A 82 -1.51 -10.00 -7.46
N SER A 83 -0.34 -10.22 -8.06
CA SER A 83 0.90 -9.66 -7.55
C SER A 83 1.49 -8.65 -8.53
N ILE A 84 1.82 -7.46 -8.03
CA ILE A 84 2.39 -6.40 -8.85
C ILE A 84 3.52 -5.69 -8.11
N PRO A 85 4.44 -5.09 -8.89
CA PRO A 85 5.58 -4.35 -8.33
C PRO A 85 5.15 -3.04 -7.67
N VAL A 86 5.65 -2.81 -6.45
CA VAL A 86 5.33 -1.60 -5.72
C VAL A 86 6.57 -0.79 -5.40
N VAL A 87 6.45 0.52 -5.43
CA VAL A 87 7.57 1.41 -5.14
C VAL A 87 7.46 1.99 -3.73
N PHE A 88 8.42 1.63 -2.88
CA PHE A 88 8.43 2.11 -1.50
C PHE A 88 9.75 2.83 -1.19
N SER A 89 9.72 3.70 -0.19
CA SER A 89 10.90 4.46 0.21
C SER A 89 11.16 4.31 1.70
N ARG A 90 12.43 4.36 2.07
CA ARG A 90 12.82 4.23 3.47
C ARG A 90 13.59 5.47 3.94
N ASP A 91 12.86 6.52 4.30
CA ASP A 91 13.48 7.76 4.76
C ASP A 91 14.35 8.37 3.67
N GLY A 92 13.88 8.28 2.43
CA GLY A 92 14.63 8.83 1.32
C GLY A 92 15.39 7.77 0.55
N VAL A 93 15.06 6.50 0.80
CA VAL A 93 15.71 5.39 0.12
C VAL A 93 14.89 4.91 -1.06
N VAL A 94 15.57 4.46 -2.11
CA VAL A 94 14.90 3.97 -3.30
C VAL A 94 15.02 2.45 -3.41
N MET A 95 13.88 1.77 -3.29
CA MET A 95 13.84 0.31 -3.37
C MET A 95 12.53 -0.17 -3.97
N SER A 96 12.57 -1.33 -4.61
CA SER A 96 11.38 -1.91 -5.23
C SER A 96 11.25 -3.39 -4.89
N ALA A 97 10.06 -3.79 -4.48
CA ALA A 97 9.79 -5.18 -4.13
C ALA A 97 8.41 -5.62 -4.60
N THR A 98 8.33 -6.84 -5.11
CA THR A 98 7.06 -7.38 -5.61
C THR A 98 6.24 -7.97 -4.46
N ILE A 99 5.00 -7.49 -4.33
CA ILE A 99 4.11 -7.98 -3.28
C ILE A 99 2.91 -8.71 -3.88
N VAL A 100 2.69 -9.94 -3.42
CA VAL A 100 1.57 -10.73 -3.91
C VAL A 100 0.45 -10.80 -2.87
N VAL A 101 -0.68 -10.19 -3.19
CA VAL A 101 -1.83 -10.17 -2.29
C VAL A 101 -2.90 -11.16 -2.75
N GLY A 102 -3.32 -12.02 -1.84
CA GLY A 102 -4.34 -13.01 -2.17
C GLY A 102 -5.68 -12.68 -1.55
N GLU A 103 -6.65 -12.30 -2.39
CA GLU A 103 -7.98 -11.96 -1.91
C GLU A 103 -8.90 -13.18 -1.94
N LEU A 104 -8.61 -14.11 -2.85
CA LEU A 104 -9.41 -15.33 -2.98
C LEU A 104 -8.53 -16.52 -3.31
N GLU A 105 -8.14 -17.26 -2.27
CA GLU A 105 -7.29 -18.43 -2.45
C GLU A 105 -8.08 -19.60 -3.05
N PRO A 1 -11.68 -6.30 -10.06
CA PRO A 1 -12.34 -6.07 -8.77
C PRO A 1 -12.47 -4.58 -8.45
N LEU A 2 -13.31 -4.27 -7.46
CA LEU A 2 -13.54 -2.89 -7.06
C LEU A 2 -13.63 -2.78 -5.53
N THR A 3 -13.31 -1.60 -5.02
CA THR A 3 -13.37 -1.36 -3.59
C THR A 3 -14.15 -0.08 -3.26
N ARG A 4 -14.49 0.10 -1.99
CA ARG A 4 -15.24 1.27 -1.55
C ARG A 4 -14.34 2.26 -0.84
N PRO A 5 -14.79 3.52 -0.76
CA PRO A 5 -14.02 4.59 -0.10
C PRO A 5 -13.96 4.41 1.41
N TYR A 6 -13.10 3.49 1.85
CA TYR A 6 -12.94 3.23 3.27
C TYR A 6 -11.48 3.38 3.70
N LEU A 7 -11.28 3.82 4.94
CA LEU A 7 -9.93 4.02 5.46
C LEU A 7 -9.66 3.05 6.60
N GLY A 8 -8.59 2.26 6.46
CA GLY A 8 -8.23 1.30 7.48
C GLY A 8 -6.81 1.48 7.98
N PHE A 9 -6.23 2.64 7.70
CA PHE A 9 -4.87 2.94 8.11
C PHE A 9 -4.66 4.44 8.26
N ARG A 10 -3.49 4.82 8.77
CA ARG A 10 -3.17 6.24 8.97
C ARG A 10 -2.02 6.66 8.06
N VAL A 11 -2.06 7.91 7.61
CA VAL A 11 -1.02 8.45 6.73
C VAL A 11 -0.59 9.84 7.18
N ALA A 12 0.72 10.07 7.17
CA ALA A 12 1.27 11.36 7.57
C ALA A 12 2.14 11.94 6.48
N VAL A 13 1.79 13.14 6.02
CA VAL A 13 2.54 13.82 4.96
C VAL A 13 3.77 14.52 5.54
N GLY A 14 4.92 14.24 4.94
CA GLY A 14 6.16 14.85 5.41
C GLY A 14 7.25 14.81 4.35
N ARG A 15 8.50 14.81 4.80
CA ARG A 15 9.64 14.79 3.89
C ARG A 15 10.66 13.74 4.31
N ASP A 16 11.28 13.09 3.35
CA ASP A 16 12.28 12.06 3.62
C ASP A 16 13.69 12.64 3.50
N SER A 17 14.69 11.77 3.67
CA SER A 17 16.09 12.19 3.59
C SER A 17 16.43 12.69 2.17
N SER A 18 15.69 12.18 1.19
CA SER A 18 15.91 12.56 -0.20
C SER A 18 15.22 13.89 -0.52
N GLY A 19 13.91 13.93 -0.26
CA GLY A 19 13.15 15.13 -0.52
C GLY A 19 12.37 15.05 -1.82
N CYS A 20 11.55 14.00 -1.95
CA CYS A 20 10.74 13.81 -3.14
C CYS A 20 9.26 13.96 -2.84
N THR A 21 8.96 14.45 -1.64
CA THR A 21 7.58 14.64 -1.21
C THR A 21 6.80 13.33 -1.26
N THR A 22 6.85 12.57 -0.17
CA THR A 22 6.15 11.30 -0.10
C THR A 22 5.55 11.08 1.29
N LEU A 23 4.54 10.22 1.36
CA LEU A 23 3.88 9.93 2.62
C LEU A 23 4.36 8.60 3.20
N SER A 24 4.16 8.42 4.50
CA SER A 24 4.58 7.20 5.18
C SER A 24 3.40 6.51 5.84
N ILE A 25 3.45 5.19 5.91
CA ILE A 25 2.38 4.41 6.52
C ILE A 25 2.72 4.07 7.97
N GLN A 26 1.75 4.29 8.86
CA GLN A 26 1.95 3.99 10.28
C GLN A 26 1.15 2.77 10.70
N GLU A 27 0.20 2.37 9.85
CA GLU A 27 -0.63 1.21 10.15
C GLU A 27 -0.56 0.19 9.01
N VAL A 28 -1.44 -0.81 9.04
CA VAL A 28 -1.48 -1.84 8.02
C VAL A 28 -2.77 -1.76 7.20
N THR A 29 -2.62 -1.76 5.89
CA THR A 29 -3.77 -1.70 5.00
C THR A 29 -3.84 -2.92 4.09
N GLN A 30 -2.74 -3.68 4.04
CA GLN A 30 -2.68 -4.88 3.21
C GLN A 30 -3.23 -6.08 3.96
N THR A 31 -3.78 -5.84 5.15
CA THR A 31 -4.34 -6.91 5.96
C THR A 31 -5.86 -6.78 6.07
N TYR A 32 -6.45 -5.99 5.18
CA TYR A 32 -7.89 -5.79 5.18
C TYR A 32 -8.50 -6.20 3.84
N THR A 33 -9.74 -6.67 3.88
CA THR A 33 -10.43 -7.10 2.67
C THR A 33 -11.94 -7.16 2.89
N GLY A 34 -12.69 -6.82 1.85
CA GLY A 34 -14.15 -6.85 1.96
C GLY A 34 -14.83 -6.94 0.60
N SER A 35 -14.22 -6.31 -0.41
CA SER A 35 -14.78 -6.32 -1.75
C SER A 35 -13.99 -7.26 -2.66
N ASN A 36 -14.70 -8.05 -3.46
CA ASN A 36 -14.07 -9.00 -4.38
C ASN A 36 -13.15 -9.95 -3.61
N GLY A 37 -13.47 -10.21 -2.35
CA GLY A 37 -12.67 -11.09 -1.54
C GLY A 37 -13.31 -11.41 -0.21
N GLY A 38 -13.44 -10.39 0.64
CA GLY A 38 -14.04 -10.59 1.95
C GLY A 38 -13.23 -11.52 2.82
N ALA A 39 -12.22 -10.98 3.49
CA ALA A 39 -11.36 -11.78 4.36
C ALA A 39 -10.27 -10.93 4.99
N ASP A 40 -10.67 -9.97 5.81
CA ASP A 40 -9.73 -9.08 6.48
C ASP A 40 -8.90 -9.85 7.51
N LEU A 41 -7.61 -10.00 7.23
CA LEU A 41 -6.72 -10.71 8.13
C LEU A 41 -5.26 -10.45 7.78
N MET A 42 -4.37 -11.27 8.31
CA MET A 42 -2.94 -11.14 8.05
C MET A 42 -2.42 -12.31 7.22
N GLY A 43 -1.94 -12.02 6.02
CA GLY A 43 -1.43 -13.06 5.14
C GLY A 43 -0.60 -12.50 4.00
N PRO A 44 -1.27 -11.80 3.07
CA PRO A 44 -0.62 -11.20 1.91
C PRO A 44 0.28 -10.03 2.28
N ALA A 45 -0.08 -9.35 3.37
CA ALA A 45 0.71 -8.21 3.83
C ALA A 45 2.05 -8.65 4.41
N PHE A 46 2.00 -9.66 5.29
CA PHE A 46 3.21 -10.19 5.91
C PHE A 46 4.04 -10.98 4.91
N ALA A 47 3.39 -11.47 3.87
CA ALA A 47 4.08 -12.24 2.84
C ALA A 47 4.92 -11.35 1.94
N ALA A 48 4.43 -10.14 1.69
CA ALA A 48 5.14 -9.19 0.85
C ALA A 48 6.12 -8.35 1.68
N GLY A 49 5.86 -8.27 2.97
CA GLY A 49 6.73 -7.51 3.85
C GLY A 49 6.13 -6.16 4.24
N LEU A 50 4.83 -6.00 3.97
CA LEU A 50 4.14 -4.76 4.31
C LEU A 50 4.00 -4.60 5.82
N ARG A 51 4.70 -3.62 6.36
CA ARG A 51 4.64 -3.36 7.80
C ARG A 51 4.69 -1.86 8.09
N VAL A 52 4.18 -1.47 9.25
CA VAL A 52 4.16 -0.07 9.65
C VAL A 52 5.56 0.53 9.63
N GLY A 53 5.69 1.70 9.04
CA GLY A 53 6.98 2.36 8.97
C GLY A 53 7.42 2.64 7.54
N ASP A 54 7.30 1.64 6.68
CA ASP A 54 7.68 1.78 5.28
C ASP A 54 6.77 2.78 4.56
N GLN A 55 7.29 3.38 3.50
CA GLN A 55 6.52 4.35 2.73
C GLN A 55 5.99 3.74 1.45
N LEU A 56 4.82 4.19 1.01
CA LEU A 56 4.20 3.67 -0.20
C LEU A 56 3.71 4.82 -1.09
N VAL A 57 4.18 4.85 -2.32
CA VAL A 57 3.79 5.89 -3.27
C VAL A 57 3.12 5.29 -4.49
N ARG A 58 3.61 4.14 -4.92
CA ARG A 58 3.06 3.46 -6.10
C ARG A 58 2.99 4.40 -7.29
N PHE A 59 3.91 5.35 -7.33
CA PHE A 59 3.95 6.33 -8.43
C PHE A 59 5.39 6.61 -8.84
N ALA A 60 5.58 6.87 -10.13
CA ALA A 60 6.91 7.16 -10.66
C ALA A 60 7.39 8.54 -10.22
N GLY A 61 8.39 8.56 -9.34
CA GLY A 61 8.91 9.82 -8.86
C GLY A 61 9.03 9.85 -7.34
N TYR A 62 8.66 8.76 -6.70
CA TYR A 62 8.73 8.66 -5.25
C TYR A 62 7.84 9.72 -4.59
N THR A 63 6.67 9.94 -5.19
CA THR A 63 5.73 10.92 -4.67
C THR A 63 4.32 10.35 -4.62
N VAL A 64 3.51 10.85 -3.69
CA VAL A 64 2.14 10.39 -3.53
C VAL A 64 1.23 11.51 -3.03
N THR A 65 -0.07 11.36 -3.25
CA THR A 65 -1.04 12.36 -2.81
C THR A 65 -1.49 12.11 -1.38
N GLU A 66 -2.34 11.12 -1.19
CA GLU A 66 -2.84 10.77 0.14
C GLU A 66 -3.70 9.51 0.09
N LEU A 67 -4.39 9.24 1.19
CA LEU A 67 -5.24 8.06 1.28
C LEU A 67 -6.24 8.02 0.12
N ALA A 68 -6.69 9.20 -0.30
CA ALA A 68 -7.64 9.30 -1.40
C ALA A 68 -7.10 8.66 -2.66
N ALA A 69 -5.82 8.91 -2.96
CA ALA A 69 -5.18 8.35 -4.14
C ALA A 69 -5.00 6.84 -3.99
N PHE A 70 -4.75 6.39 -2.77
CA PHE A 70 -4.54 4.98 -2.49
C PHE A 70 -5.86 4.22 -2.58
N ASN A 71 -6.96 4.93 -2.38
CA ASN A 71 -8.29 4.33 -2.43
C ASN A 71 -8.54 3.67 -3.78
N THR A 72 -8.19 4.37 -4.85
CA THR A 72 -8.37 3.86 -6.20
C THR A 72 -7.38 2.75 -6.51
N VAL A 73 -6.16 2.87 -5.97
CA VAL A 73 -5.12 1.88 -6.18
C VAL A 73 -5.46 0.56 -5.48
N VAL A 74 -6.00 0.67 -4.27
CA VAL A 74 -6.37 -0.50 -3.49
C VAL A 74 -7.36 -1.37 -4.26
N ALA A 75 -8.28 -0.73 -4.98
CA ALA A 75 -9.29 -1.45 -5.75
C ALA A 75 -8.63 -2.29 -6.84
N ARG A 76 -7.65 -1.72 -7.51
CA ARG A 76 -6.94 -2.43 -8.58
C ARG A 76 -5.91 -3.39 -8.01
N HIS A 77 -5.47 -3.12 -6.79
CA HIS A 77 -4.48 -3.96 -6.12
C HIS A 77 -5.13 -5.24 -5.59
N VAL A 78 -6.20 -5.06 -4.80
CA VAL A 78 -6.90 -6.19 -4.21
C VAL A 78 -7.36 -7.17 -5.29
N ARG A 79 -6.78 -8.37 -5.28
CA ARG A 79 -7.13 -9.40 -6.25
C ARG A 79 -6.90 -10.79 -5.68
N PRO A 80 -7.54 -11.79 -6.29
CA PRO A 80 -7.43 -13.19 -5.86
C PRO A 80 -6.05 -13.77 -6.15
N SER A 81 -5.16 -13.72 -5.16
CA SER A 81 -3.81 -14.23 -5.31
C SER A 81 -3.11 -13.58 -6.50
N ALA A 82 -3.33 -12.28 -6.68
CA ALA A 82 -2.73 -11.55 -7.78
C ALA A 82 -1.73 -10.51 -7.25
N SER A 83 -0.50 -10.59 -7.76
CA SER A 83 0.55 -9.66 -7.33
C SER A 83 0.72 -8.53 -8.35
N ILE A 84 0.99 -7.33 -7.85
CA ILE A 84 1.18 -6.17 -8.71
C ILE A 84 2.43 -5.40 -8.33
N PRO A 85 2.95 -4.60 -9.28
CA PRO A 85 4.15 -3.78 -9.06
C PRO A 85 3.90 -2.64 -8.09
N VAL A 86 4.81 -2.49 -7.12
CA VAL A 86 4.69 -1.43 -6.13
C VAL A 86 6.06 -0.84 -5.80
N VAL A 87 6.12 0.49 -5.70
CA VAL A 87 7.36 1.18 -5.40
C VAL A 87 7.34 1.73 -3.97
N PHE A 88 8.33 1.34 -3.17
CA PHE A 88 8.42 1.80 -1.79
C PHE A 88 9.75 2.52 -1.54
N SER A 89 9.76 3.36 -0.52
CA SER A 89 10.96 4.12 -0.19
C SER A 89 11.31 3.95 1.30
N ARG A 90 12.61 4.00 1.59
CA ARG A 90 13.08 3.85 2.97
C ARG A 90 13.82 5.10 3.42
N ASP A 91 13.06 6.11 3.84
CA ASP A 91 13.64 7.37 4.30
C ASP A 91 14.45 8.04 3.20
N GLY A 92 13.93 7.97 1.97
CA GLY A 92 14.61 8.57 0.83
C GLY A 92 15.36 7.55 0.00
N VAL A 93 15.08 6.27 0.23
CA VAL A 93 15.73 5.19 -0.49
C VAL A 93 14.86 4.71 -1.65
N VAL A 94 15.49 4.30 -2.74
CA VAL A 94 14.77 3.81 -3.91
C VAL A 94 14.91 2.30 -4.04
N MET A 95 13.80 1.59 -3.86
CA MET A 95 13.79 0.14 -3.96
C MET A 95 12.45 -0.36 -4.47
N SER A 96 12.48 -1.44 -5.25
CA SER A 96 11.26 -2.02 -5.82
C SER A 96 10.99 -3.39 -5.21
N ALA A 97 9.74 -3.62 -4.81
CA ALA A 97 9.34 -4.90 -4.24
C ALA A 97 7.96 -5.32 -4.72
N THR A 98 7.80 -6.61 -4.98
CA THR A 98 6.53 -7.15 -5.46
C THR A 98 5.58 -7.43 -4.31
N ILE A 99 4.37 -6.88 -4.39
CA ILE A 99 3.38 -7.08 -3.34
C ILE A 99 2.28 -8.03 -3.80
N VAL A 100 2.06 -9.08 -3.03
CA VAL A 100 1.04 -10.07 -3.36
C VAL A 100 -0.18 -9.93 -2.45
N VAL A 101 -1.29 -9.49 -3.04
CA VAL A 101 -2.53 -9.31 -2.28
C VAL A 101 -3.50 -10.46 -2.53
N GLY A 102 -4.02 -11.04 -1.45
CA GLY A 102 -4.95 -12.14 -1.58
C GLY A 102 -6.35 -11.78 -1.10
N GLU A 103 -7.28 -11.68 -2.04
CA GLU A 103 -8.66 -11.33 -1.69
C GLU A 103 -9.42 -12.56 -1.20
N LEU A 104 -9.13 -13.71 -1.79
CA LEU A 104 -9.79 -14.95 -1.42
C LEU A 104 -8.79 -15.94 -0.84
N GLU A 105 -8.54 -15.84 0.47
CA GLU A 105 -7.61 -16.72 1.15
C GLU A 105 -6.21 -16.62 0.53
N PRO A 1 -11.44 -5.33 -10.31
CA PRO A 1 -12.09 -5.20 -9.01
C PRO A 1 -12.19 -3.75 -8.56
N LEU A 2 -12.96 -3.51 -7.50
CA LEU A 2 -13.15 -2.16 -6.98
C LEU A 2 -13.12 -2.16 -5.45
N THR A 3 -12.84 -1.00 -4.87
CA THR A 3 -12.78 -0.87 -3.42
C THR A 3 -13.63 0.31 -2.94
N ARG A 4 -14.08 0.23 -1.70
CA ARG A 4 -14.90 1.30 -1.12
C ARG A 4 -14.05 2.30 -0.36
N PRO A 5 -14.60 3.50 -0.13
CA PRO A 5 -13.89 4.58 0.58
C PRO A 5 -13.72 4.26 2.06
N TYR A 6 -12.80 3.36 2.37
CA TYR A 6 -12.54 2.97 3.75
C TYR A 6 -11.06 3.18 4.11
N LEU A 7 -10.82 3.85 5.22
CA LEU A 7 -9.45 4.11 5.67
C LEU A 7 -9.17 3.40 6.99
N GLY A 8 -8.14 2.56 6.99
CA GLY A 8 -7.78 1.82 8.19
C GLY A 8 -6.32 1.98 8.55
N PHE A 9 -5.72 3.11 8.16
CA PHE A 9 -4.32 3.36 8.44
C PHE A 9 -4.07 4.84 8.69
N ARG A 10 -2.83 5.20 8.99
CA ARG A 10 -2.46 6.58 9.26
C ARG A 10 -1.52 7.10 8.18
N VAL A 11 -1.71 8.37 7.80
CA VAL A 11 -0.87 9.00 6.79
C VAL A 11 -0.44 10.40 7.21
N ALA A 12 0.86 10.63 7.21
CA ALA A 12 1.41 11.93 7.59
C ALA A 12 2.29 12.51 6.49
N VAL A 13 1.92 13.69 6.00
CA VAL A 13 2.67 14.35 4.95
C VAL A 13 3.91 15.05 5.51
N GLY A 14 5.04 14.88 4.83
CA GLY A 14 6.28 15.50 5.27
C GLY A 14 7.37 15.42 4.23
N ARG A 15 8.61 15.36 4.69
CA ARG A 15 9.76 15.28 3.79
C ARG A 15 10.73 14.19 4.24
N ASP A 16 11.26 13.44 3.27
CA ASP A 16 12.20 12.37 3.57
C ASP A 16 13.64 12.83 3.35
N SER A 17 14.58 11.91 3.51
CA SER A 17 15.99 12.22 3.34
C SER A 17 16.27 12.72 1.93
N SER A 18 15.43 12.31 0.98
CA SER A 18 15.58 12.71 -0.40
C SER A 18 14.86 14.02 -0.68
N GLY A 19 13.62 14.11 -0.22
CA GLY A 19 12.83 15.31 -0.41
C GLY A 19 12.04 15.29 -1.71
N CYS A 20 11.17 14.29 -1.85
CA CYS A 20 10.36 14.16 -3.05
C CYS A 20 8.88 14.39 -2.74
N THR A 21 8.61 14.89 -1.53
CA THR A 21 7.24 15.15 -1.12
C THR A 21 6.39 13.89 -1.17
N THR A 22 6.47 13.07 -0.13
CA THR A 22 5.72 11.83 -0.06
C THR A 22 5.21 11.57 1.36
N LEU A 23 4.16 10.76 1.47
CA LEU A 23 3.58 10.43 2.77
C LEU A 23 4.11 9.10 3.27
N SER A 24 4.00 8.87 4.58
CA SER A 24 4.47 7.64 5.19
C SER A 24 3.35 6.97 5.98
N ILE A 25 3.33 5.63 5.95
CA ILE A 25 2.32 4.87 6.64
C ILE A 25 2.83 4.41 8.01
N GLN A 26 2.01 4.60 9.04
CA GLN A 26 2.38 4.21 10.40
C GLN A 26 1.58 2.99 10.84
N GLU A 27 0.55 2.64 10.07
CA GLU A 27 -0.29 1.49 10.39
C GLU A 27 -0.21 0.44 9.29
N VAL A 28 -1.09 -0.56 9.37
CA VAL A 28 -1.11 -1.62 8.37
C VAL A 28 -2.42 -1.62 7.60
N THR A 29 -2.32 -1.55 6.28
CA THR A 29 -3.50 -1.54 5.41
C THR A 29 -3.48 -2.73 4.45
N GLN A 30 -2.35 -3.42 4.38
CA GLN A 30 -2.21 -4.57 3.50
C GLN A 30 -2.79 -5.83 4.14
N THR A 31 -3.34 -5.68 5.34
CA THR A 31 -3.92 -6.79 6.07
C THR A 31 -5.44 -6.65 6.18
N TYR A 32 -6.01 -5.79 5.35
CA TYR A 32 -7.44 -5.56 5.35
C TYR A 32 -8.05 -5.87 3.99
N THR A 33 -9.28 -6.36 4.00
CA THR A 33 -9.98 -6.70 2.76
C THR A 33 -11.49 -6.68 2.96
N GLY A 34 -12.23 -6.56 1.86
CA GLY A 34 -13.68 -6.54 1.93
C GLY A 34 -14.33 -6.41 0.56
N SER A 35 -13.63 -5.75 -0.36
CA SER A 35 -14.14 -5.55 -1.71
C SER A 35 -13.45 -6.48 -2.70
N ASN A 36 -14.25 -7.21 -3.47
CA ASN A 36 -13.71 -8.14 -4.46
C ASN A 36 -12.83 -9.20 -3.80
N GLY A 37 -13.18 -9.56 -2.56
CA GLY A 37 -12.42 -10.55 -1.83
C GLY A 37 -13.08 -10.97 -0.54
N GLY A 38 -13.13 -10.04 0.42
CA GLY A 38 -13.75 -10.34 1.70
C GLY A 38 -12.88 -11.24 2.56
N ALA A 39 -11.88 -10.65 3.21
CA ALA A 39 -10.99 -11.41 4.08
C ALA A 39 -9.92 -10.51 4.68
N ASP A 40 -10.27 -9.84 5.77
CA ASP A 40 -9.35 -8.94 6.45
C ASP A 40 -8.53 -9.69 7.49
N LEU A 41 -7.23 -9.82 7.23
CA LEU A 41 -6.34 -10.52 8.15
C LEU A 41 -4.88 -10.34 7.73
N MET A 42 -4.00 -11.15 8.30
CA MET A 42 -2.57 -11.09 8.00
C MET A 42 -2.12 -12.35 7.28
N GLY A 43 -1.58 -12.18 6.07
CA GLY A 43 -1.11 -13.31 5.29
C GLY A 43 -0.23 -12.90 4.14
N PRO A 44 -0.84 -12.25 3.13
CA PRO A 44 -0.11 -11.80 1.94
C PRO A 44 0.83 -10.64 2.25
N ALA A 45 0.40 -9.75 3.14
CA ALA A 45 1.21 -8.60 3.52
C ALA A 45 2.47 -9.04 4.26
N PHE A 46 2.29 -9.92 5.23
CA PHE A 46 3.42 -10.43 6.02
C PHE A 46 4.37 -11.24 5.16
N ALA A 47 3.84 -11.80 4.07
CA ALA A 47 4.65 -12.60 3.15
C ALA A 47 5.66 -11.74 2.41
N ALA A 48 5.28 -10.50 2.11
CA ALA A 48 6.15 -9.58 1.40
C ALA A 48 6.97 -8.74 2.38
N GLY A 49 6.48 -8.62 3.61
CA GLY A 49 7.18 -7.84 4.61
C GLY A 49 6.54 -6.49 4.86
N LEU A 50 5.31 -6.33 4.38
CA LEU A 50 4.58 -5.07 4.55
C LEU A 50 4.15 -4.87 6.00
N ARG A 51 4.75 -3.89 6.67
CA ARG A 51 4.44 -3.59 8.05
C ARG A 51 4.45 -2.09 8.32
N VAL A 52 4.13 -1.70 9.54
CA VAL A 52 4.12 -0.30 9.92
C VAL A 52 5.48 0.35 9.69
N GLY A 53 5.49 1.39 8.87
CA GLY A 53 6.74 2.08 8.57
C GLY A 53 7.01 2.21 7.09
N ASP A 54 6.57 1.20 6.32
CA ASP A 54 6.76 1.20 4.88
C ASP A 54 5.84 2.21 4.21
N GLN A 55 6.43 3.11 3.43
CA GLN A 55 5.67 4.12 2.71
C GLN A 55 5.17 3.60 1.37
N LEU A 56 3.94 3.98 1.02
CA LEU A 56 3.35 3.54 -0.24
C LEU A 56 3.09 4.73 -1.16
N VAL A 57 3.71 4.70 -2.34
CA VAL A 57 3.53 5.78 -3.31
C VAL A 57 2.91 5.27 -4.60
N ARG A 58 3.36 4.10 -5.05
CA ARG A 58 2.84 3.50 -6.27
C ARG A 58 2.88 4.50 -7.43
N PHE A 59 3.84 5.41 -7.39
CA PHE A 59 3.99 6.42 -8.43
C PHE A 59 5.46 6.64 -8.78
N ALA A 60 5.74 6.83 -10.06
CA ALA A 60 7.10 7.05 -10.52
C ALA A 60 7.60 8.44 -10.12
N GLY A 61 8.54 8.48 -9.18
CA GLY A 61 9.08 9.74 -8.73
C GLY A 61 9.06 9.88 -7.23
N TYR A 62 8.60 8.83 -6.54
CA TYR A 62 8.53 8.83 -5.09
C TYR A 62 7.61 9.95 -4.60
N THR A 63 6.52 10.17 -5.32
CA THR A 63 5.56 11.21 -4.96
C THR A 63 4.14 10.65 -4.91
N VAL A 64 3.44 10.93 -3.82
CA VAL A 64 2.06 10.46 -3.66
C VAL A 64 1.17 11.56 -3.09
N THR A 65 -0.12 11.46 -3.36
CA THR A 65 -1.09 12.44 -2.88
C THR A 65 -1.42 12.22 -1.41
N GLU A 66 -2.22 11.18 -1.14
CA GLU A 66 -2.60 10.86 0.23
C GLU A 66 -3.41 9.56 0.27
N LEU A 67 -3.99 9.28 1.43
CA LEU A 67 -4.78 8.06 1.61
C LEU A 67 -5.86 7.96 0.54
N ALA A 68 -6.39 9.10 0.13
CA ALA A 68 -7.44 9.14 -0.90
C ALA A 68 -6.95 8.48 -2.19
N ALA A 69 -5.72 8.78 -2.58
CA ALA A 69 -5.15 8.22 -3.80
C ALA A 69 -4.89 6.72 -3.63
N PHE A 70 -4.52 6.32 -2.42
CA PHE A 70 -4.25 4.91 -2.14
C PHE A 70 -5.48 4.06 -2.39
N ASN A 71 -6.65 4.65 -2.23
CA ASN A 71 -7.91 3.94 -2.44
C ASN A 71 -8.08 3.54 -3.90
N THR A 72 -7.61 4.40 -4.79
CA THR A 72 -7.70 4.14 -6.23
C THR A 72 -6.79 2.97 -6.64
N VAL A 73 -5.56 3.01 -6.16
CA VAL A 73 -4.60 1.96 -6.47
C VAL A 73 -4.96 0.65 -5.79
N VAL A 74 -5.42 0.74 -4.55
CA VAL A 74 -5.82 -0.43 -3.78
C VAL A 74 -6.93 -1.20 -4.49
N ALA A 75 -7.84 -0.47 -5.11
CA ALA A 75 -8.95 -1.08 -5.83
C ALA A 75 -8.45 -1.94 -6.99
N ARG A 76 -7.49 -1.41 -7.74
CA ARG A 76 -6.92 -2.13 -8.87
C ARG A 76 -5.89 -3.15 -8.41
N HIS A 77 -5.39 -2.98 -7.20
CA HIS A 77 -4.40 -3.89 -6.64
C HIS A 77 -5.07 -5.14 -6.08
N VAL A 78 -6.04 -4.94 -5.21
CA VAL A 78 -6.77 -6.05 -4.59
C VAL A 78 -7.27 -7.03 -5.65
N ARG A 79 -6.72 -8.23 -5.66
CA ARG A 79 -7.12 -9.26 -6.62
C ARG A 79 -6.91 -10.65 -6.03
N PRO A 80 -7.57 -11.65 -6.65
CA PRO A 80 -7.48 -13.04 -6.21
C PRO A 80 -6.12 -13.66 -6.50
N SER A 81 -5.29 -13.77 -5.46
CA SER A 81 -3.95 -14.33 -5.60
C SER A 81 -3.20 -13.65 -6.75
N ALA A 82 -3.36 -12.34 -6.86
CA ALA A 82 -2.70 -11.57 -7.90
C ALA A 82 -1.65 -10.62 -7.31
N SER A 83 -0.42 -10.74 -7.79
CA SER A 83 0.67 -9.90 -7.30
C SER A 83 1.07 -8.87 -8.35
N ILE A 84 1.42 -7.68 -7.89
CA ILE A 84 1.83 -6.60 -8.80
C ILE A 84 3.02 -5.83 -8.24
N PRO A 85 3.80 -5.21 -9.14
CA PRO A 85 4.98 -4.43 -8.75
C PRO A 85 4.61 -3.14 -8.03
N VAL A 86 5.05 -3.01 -6.79
CA VAL A 86 4.77 -1.82 -5.99
C VAL A 86 6.04 -1.10 -5.59
N VAL A 87 5.98 0.23 -5.55
CA VAL A 87 7.14 1.03 -5.19
C VAL A 87 6.98 1.64 -3.79
N PHE A 88 7.96 1.39 -2.93
CA PHE A 88 7.92 1.91 -1.56
C PHE A 88 9.19 2.68 -1.24
N SER A 89 9.13 3.52 -0.21
CA SER A 89 10.28 4.31 0.20
C SER A 89 10.47 4.25 1.71
N ARG A 90 11.73 4.16 2.14
CA ARG A 90 12.04 4.10 3.56
C ARG A 90 12.92 5.28 3.98
N ASP A 91 12.27 6.36 4.40
CA ASP A 91 12.98 7.56 4.83
C ASP A 91 13.80 8.15 3.68
N GLY A 92 13.24 8.10 2.48
CA GLY A 92 13.93 8.63 1.31
C GLY A 92 14.56 7.54 0.47
N VAL A 93 14.67 6.35 1.05
CA VAL A 93 15.27 5.22 0.34
C VAL A 93 14.40 4.80 -0.84
N VAL A 94 15.05 4.35 -1.91
CA VAL A 94 14.33 3.90 -3.11
C VAL A 94 14.50 2.40 -3.32
N MET A 95 13.41 1.66 -3.19
CA MET A 95 13.42 0.22 -3.38
C MET A 95 12.13 -0.27 -4.00
N SER A 96 12.19 -1.41 -4.70
CA SER A 96 11.02 -1.98 -5.34
C SER A 96 10.87 -3.45 -4.99
N ALA A 97 9.67 -3.84 -4.56
CA ALA A 97 9.41 -5.23 -4.20
C ALA A 97 7.99 -5.64 -4.63
N THR A 98 7.87 -6.86 -5.14
CA THR A 98 6.59 -7.38 -5.58
C THR A 98 5.79 -7.95 -4.42
N ILE A 99 4.56 -7.46 -4.25
CA ILE A 99 3.70 -7.93 -3.17
C ILE A 99 2.46 -8.63 -3.72
N VAL A 100 2.24 -9.86 -3.25
CA VAL A 100 1.10 -10.65 -3.70
C VAL A 100 -0.04 -10.59 -2.69
N VAL A 101 -1.15 -9.99 -3.08
CA VAL A 101 -2.31 -9.87 -2.21
C VAL A 101 -3.39 -10.89 -2.57
N GLY A 102 -3.93 -11.57 -1.57
CA GLY A 102 -4.96 -12.55 -1.80
C GLY A 102 -6.33 -12.09 -1.34
N GLU A 103 -7.22 -11.84 -2.30
CA GLU A 103 -8.57 -11.38 -1.98
C GLU A 103 -9.53 -12.56 -1.87
N LEU A 104 -9.33 -13.56 -2.72
CA LEU A 104 -10.18 -14.75 -2.72
C LEU A 104 -9.36 -16.00 -2.42
N GLU A 105 -9.20 -16.30 -1.13
CA GLU A 105 -8.44 -17.47 -0.72
C GLU A 105 -7.01 -17.42 -1.24
N PRO A 1 -12.23 -5.41 -11.02
CA PRO A 1 -12.88 -5.34 -9.71
C PRO A 1 -12.99 -3.91 -9.19
N LEU A 2 -13.42 -3.77 -7.93
CA LEU A 2 -13.56 -2.45 -7.32
C LEU A 2 -13.90 -2.58 -5.84
N THR A 3 -13.55 -1.56 -5.06
CA THR A 3 -13.82 -1.56 -3.63
C THR A 3 -14.51 -0.27 -3.21
N ARG A 4 -15.04 -0.27 -1.99
CA ARG A 4 -15.74 0.90 -1.46
C ARG A 4 -14.76 1.85 -0.79
N PRO A 5 -15.18 3.12 -0.63
CA PRO A 5 -14.36 4.16 0.00
C PRO A 5 -14.18 3.93 1.50
N TYR A 6 -13.30 3.00 1.86
CA TYR A 6 -13.05 2.69 3.25
C TYR A 6 -11.57 2.86 3.59
N LEU A 7 -11.29 3.65 4.62
CA LEU A 7 -9.92 3.89 5.06
C LEU A 7 -9.68 3.32 6.44
N GLY A 8 -8.68 2.43 6.55
CA GLY A 8 -8.35 1.84 7.83
C GLY A 8 -6.90 2.01 8.20
N PHE A 9 -6.32 3.13 7.82
CA PHE A 9 -4.91 3.42 8.11
C PHE A 9 -4.67 4.91 8.19
N ARG A 10 -3.51 5.29 8.72
CA ARG A 10 -3.15 6.70 8.87
C ARG A 10 -1.95 7.05 8.00
N VAL A 11 -1.93 8.28 7.51
CA VAL A 11 -0.84 8.75 6.66
C VAL A 11 -0.36 10.14 7.08
N ALA A 12 0.95 10.26 7.28
CA ALA A 12 1.53 11.54 7.68
C ALA A 12 2.44 12.10 6.59
N VAL A 13 2.12 13.31 6.12
CA VAL A 13 2.90 13.96 5.08
C VAL A 13 4.15 14.61 5.65
N GLY A 14 5.30 14.31 5.04
CA GLY A 14 6.55 14.89 5.51
C GLY A 14 7.61 14.93 4.42
N ARG A 15 8.87 14.97 4.84
CA ARG A 15 9.97 15.02 3.89
C ARG A 15 11.07 14.01 4.27
N ASP A 16 11.68 13.41 3.26
CA ASP A 16 12.74 12.43 3.50
C ASP A 16 14.12 13.06 3.33
N SER A 17 15.16 12.26 3.46
CA SER A 17 16.53 12.74 3.33
C SER A 17 16.85 13.07 1.87
N SER A 18 16.16 12.42 0.95
CA SER A 18 16.36 12.64 -0.47
C SER A 18 15.79 13.99 -0.89
N GLY A 19 14.47 14.13 -0.78
CA GLY A 19 13.82 15.36 -1.15
C GLY A 19 12.83 15.18 -2.29
N CYS A 20 12.00 14.15 -2.19
CA CYS A 20 11.00 13.86 -3.22
C CYS A 20 9.60 14.06 -2.69
N THR A 21 9.48 14.25 -1.37
CA THR A 21 8.19 14.46 -0.73
C THR A 21 7.32 13.22 -0.86
N THR A 22 7.28 12.42 0.20
CA THR A 22 6.49 11.19 0.20
C THR A 22 5.81 10.99 1.55
N LEU A 23 4.74 10.21 1.56
CA LEU A 23 3.99 9.93 2.78
C LEU A 23 4.39 8.58 3.37
N SER A 24 4.45 8.50 4.70
CA SER A 24 4.82 7.27 5.37
C SER A 24 3.61 6.65 6.06
N ILE A 25 3.56 5.32 6.07
CA ILE A 25 2.46 4.60 6.69
C ILE A 25 2.74 4.35 8.17
N GLN A 26 1.74 4.62 9.01
CA GLN A 26 1.89 4.41 10.45
C GLN A 26 1.05 3.23 10.92
N GLU A 27 0.07 2.83 10.10
CA GLU A 27 -0.79 1.72 10.43
C GLU A 27 -0.73 0.64 9.35
N VAL A 28 -1.65 -0.32 9.42
CA VAL A 28 -1.71 -1.40 8.45
C VAL A 28 -3.00 -1.36 7.65
N THR A 29 -2.87 -1.37 6.32
CA THR A 29 -4.03 -1.33 5.44
C THR A 29 -4.07 -2.55 4.54
N GLN A 30 -3.05 -3.39 4.63
CA GLN A 30 -2.98 -4.60 3.82
C GLN A 30 -3.63 -5.78 4.54
N THR A 31 -4.35 -5.48 5.61
CA THR A 31 -5.02 -6.51 6.39
C THR A 31 -6.54 -6.40 6.26
N TYR A 32 -6.98 -5.66 5.25
CA TYR A 32 -8.41 -5.47 5.02
C TYR A 32 -8.80 -5.96 3.62
N THR A 33 -10.02 -6.47 3.51
CA THR A 33 -10.53 -6.98 2.24
C THR A 33 -12.05 -6.89 2.17
N GLY A 34 -12.59 -6.85 0.96
CA GLY A 34 -14.02 -6.76 0.78
C GLY A 34 -14.46 -7.14 -0.62
N SER A 35 -13.63 -6.81 -1.61
CA SER A 35 -13.94 -7.11 -3.00
C SER A 35 -13.09 -8.27 -3.50
N ASN A 36 -13.62 -9.02 -4.46
CA ASN A 36 -12.91 -10.15 -5.04
C ASN A 36 -12.45 -11.11 -3.95
N GLY A 37 -13.21 -11.17 -2.85
CA GLY A 37 -12.87 -12.05 -1.74
C GLY A 37 -13.76 -11.85 -0.55
N GLY A 38 -13.61 -10.71 0.12
CA GLY A 38 -14.42 -10.42 1.29
C GLY A 38 -13.93 -11.13 2.53
N ALA A 39 -12.88 -10.59 3.14
CA ALA A 39 -12.31 -11.18 4.35
C ALA A 39 -11.13 -10.35 4.86
N ASP A 40 -11.41 -9.44 5.78
CA ASP A 40 -10.38 -8.58 6.34
C ASP A 40 -9.66 -9.28 7.49
N LEU A 41 -8.36 -9.51 7.31
CA LEU A 41 -7.56 -10.18 8.33
C LEU A 41 -6.07 -9.98 8.06
N MET A 42 -5.24 -10.75 8.77
CA MET A 42 -3.80 -10.67 8.60
C MET A 42 -3.24 -11.95 7.99
N GLY A 43 -2.65 -11.84 6.81
CA GLY A 43 -2.09 -13.00 6.15
C GLY A 43 -1.22 -12.62 4.96
N PRO A 44 -1.85 -12.12 3.89
CA PRO A 44 -1.15 -11.71 2.67
C PRO A 44 -0.30 -10.46 2.88
N ALA A 45 -0.57 -9.75 3.97
CA ALA A 45 0.17 -8.54 4.29
C ALA A 45 1.65 -8.84 4.55
N PHE A 46 1.90 -9.85 5.37
CA PHE A 46 3.26 -10.25 5.70
C PHE A 46 3.90 -11.01 4.55
N ALA A 47 3.09 -11.37 3.56
CA ALA A 47 3.58 -12.11 2.40
C ALA A 47 4.57 -11.28 1.60
N ALA A 48 4.31 -9.98 1.50
CA ALA A 48 5.19 -9.08 0.76
C ALA A 48 6.12 -8.33 1.70
N GLY A 49 5.72 -8.23 2.97
CA GLY A 49 6.54 -7.54 3.95
C GLY A 49 6.00 -6.16 4.28
N LEU A 50 4.75 -5.91 3.93
CA LEU A 50 4.12 -4.63 4.19
C LEU A 50 3.91 -4.42 5.68
N ARG A 51 4.63 -3.47 6.25
CA ARG A 51 4.53 -3.17 7.68
C ARG A 51 4.64 -1.66 7.93
N VAL A 52 4.17 -1.23 9.10
CA VAL A 52 4.22 0.18 9.46
C VAL A 52 5.65 0.72 9.41
N GLY A 53 5.86 1.73 8.58
CA GLY A 53 7.18 2.32 8.45
C GLY A 53 7.63 2.45 7.02
N ASP A 54 6.95 1.74 6.13
CA ASP A 54 7.28 1.76 4.71
C ASP A 54 6.40 2.74 3.96
N GLN A 55 7.02 3.68 3.26
CA GLN A 55 6.28 4.70 2.50
C GLN A 55 5.77 4.12 1.19
N LEU A 56 4.46 3.95 1.09
CA LEU A 56 3.84 3.41 -0.11
C LEU A 56 3.42 4.53 -1.06
N VAL A 57 4.06 4.59 -2.22
CA VAL A 57 3.76 5.61 -3.22
C VAL A 57 3.22 4.98 -4.49
N ARG A 58 3.81 3.87 -4.90
CA ARG A 58 3.38 3.17 -6.11
C ARG A 58 3.32 4.13 -7.29
N PHE A 59 4.17 5.16 -7.28
CA PHE A 59 4.21 6.14 -8.34
C PHE A 59 5.65 6.45 -8.75
N ALA A 60 5.84 6.75 -10.03
CA ALA A 60 7.16 7.07 -10.55
C ALA A 60 7.64 8.42 -10.05
N GLY A 61 8.63 8.42 -9.16
CA GLY A 61 9.16 9.65 -8.62
C GLY A 61 9.29 9.61 -7.11
N TYR A 62 8.90 8.49 -6.51
CA TYR A 62 8.97 8.33 -5.07
C TYR A 62 8.10 9.36 -4.37
N THR A 63 6.94 9.63 -4.95
CA THR A 63 5.99 10.59 -4.38
C THR A 63 4.57 10.05 -4.40
N VAL A 64 3.73 10.57 -3.51
CA VAL A 64 2.35 10.14 -3.43
C VAL A 64 1.44 11.29 -2.98
N THR A 65 0.15 11.16 -3.29
CA THR A 65 -0.82 12.18 -2.91
C THR A 65 -1.26 12.03 -1.46
N GLU A 66 -2.04 10.98 -1.19
CA GLU A 66 -2.53 10.72 0.15
C GLU A 66 -3.30 9.40 0.21
N LEU A 67 -3.94 9.15 1.35
CA LEU A 67 -4.70 7.92 1.53
C LEU A 67 -5.74 7.76 0.43
N ALA A 68 -6.31 8.88 -0.01
CA ALA A 68 -7.31 8.86 -1.07
C ALA A 68 -6.77 8.20 -2.34
N ALA A 69 -5.53 8.53 -2.67
CA ALA A 69 -4.89 7.97 -3.86
C ALA A 69 -4.67 6.47 -3.71
N PHE A 70 -4.38 6.04 -2.49
CA PHE A 70 -4.14 4.63 -2.20
C PHE A 70 -5.42 3.82 -2.33
N ASN A 71 -6.54 4.46 -2.02
CA ASN A 71 -7.85 3.81 -2.08
C ASN A 71 -8.23 3.51 -3.53
N THR A 72 -7.83 4.40 -4.44
CA THR A 72 -8.13 4.22 -5.85
C THR A 72 -7.31 3.08 -6.46
N VAL A 73 -6.01 3.07 -6.16
CA VAL A 73 -5.13 2.04 -6.67
C VAL A 73 -5.47 0.67 -6.07
N VAL A 74 -5.78 0.66 -4.78
CA VAL A 74 -6.14 -0.58 -4.09
C VAL A 74 -7.43 -1.16 -4.64
N ALA A 75 -8.38 -0.28 -4.96
CA ALA A 75 -9.67 -0.72 -5.49
C ALA A 75 -9.48 -1.54 -6.75
N ARG A 76 -8.62 -1.07 -7.65
CA ARG A 76 -8.36 -1.76 -8.91
C ARG A 76 -7.39 -2.92 -8.69
N HIS A 77 -6.58 -2.82 -7.64
CA HIS A 77 -5.61 -3.86 -7.32
C HIS A 77 -6.29 -5.06 -6.66
N VAL A 78 -7.41 -4.79 -5.99
CA VAL A 78 -8.15 -5.85 -5.30
C VAL A 78 -8.43 -7.02 -6.23
N ARG A 79 -7.61 -8.07 -6.11
CA ARG A 79 -7.77 -9.25 -6.94
C ARG A 79 -7.18 -10.48 -6.26
N PRO A 80 -7.62 -11.67 -6.68
CA PRO A 80 -7.15 -12.94 -6.13
C PRO A 80 -5.71 -13.24 -6.51
N SER A 81 -4.80 -13.10 -5.55
CA SER A 81 -3.38 -13.35 -5.79
C SER A 81 -2.85 -12.43 -6.88
N ALA A 82 -3.29 -11.17 -6.86
CA ALA A 82 -2.85 -10.19 -7.84
C ALA A 82 -1.55 -9.52 -7.41
N SER A 83 -0.48 -9.80 -8.14
CA SER A 83 0.82 -9.23 -7.83
C SER A 83 1.21 -8.16 -8.85
N ILE A 84 1.68 -7.01 -8.35
CA ILE A 84 2.07 -5.91 -9.22
C ILE A 84 3.29 -5.19 -8.66
N PRO A 85 4.04 -4.51 -9.54
CA PRO A 85 5.23 -3.76 -9.16
C PRO A 85 4.91 -2.51 -8.34
N VAL A 86 5.45 -2.44 -7.13
CA VAL A 86 5.22 -1.30 -6.26
C VAL A 86 6.53 -0.64 -5.86
N VAL A 87 6.50 0.69 -5.73
CA VAL A 87 7.70 1.44 -5.35
C VAL A 87 7.60 1.92 -3.90
N PHE A 88 8.63 1.62 -3.11
CA PHE A 88 8.66 2.01 -1.71
C PHE A 88 9.96 2.73 -1.38
N SER A 89 9.92 3.57 -0.34
CA SER A 89 11.10 4.31 0.07
C SER A 89 11.28 4.24 1.59
N ARG A 90 12.53 4.26 2.03
CA ARG A 90 12.84 4.19 3.45
C ARG A 90 13.71 5.38 3.88
N ASP A 91 13.06 6.45 4.31
CA ASP A 91 13.76 7.65 4.75
C ASP A 91 14.58 8.24 3.60
N GLY A 92 14.01 8.21 2.40
CA GLY A 92 14.69 8.76 1.24
C GLY A 92 15.32 7.68 0.39
N VAL A 93 15.42 6.47 0.94
CA VAL A 93 16.02 5.35 0.22
C VAL A 93 15.15 4.95 -0.98
N VAL A 94 15.81 4.53 -2.05
CA VAL A 94 15.09 4.12 -3.26
C VAL A 94 15.26 2.62 -3.50
N MET A 95 14.16 1.88 -3.40
CA MET A 95 14.18 0.44 -3.62
C MET A 95 12.86 -0.04 -4.21
N SER A 96 12.94 -1.05 -5.06
CA SER A 96 11.75 -1.61 -5.70
C SER A 96 11.48 -3.03 -5.21
N ALA A 97 10.25 -3.29 -4.82
CA ALA A 97 9.85 -4.61 -4.33
C ALA A 97 8.46 -4.99 -4.82
N THR A 98 8.29 -6.25 -5.19
CA THR A 98 7.00 -6.74 -5.69
C THR A 98 6.09 -7.12 -4.53
N ILE A 99 4.87 -6.59 -4.56
CA ILE A 99 3.89 -6.88 -3.50
C ILE A 99 2.71 -7.65 -4.06
N VAL A 100 2.40 -8.79 -3.45
CA VAL A 100 1.28 -9.63 -3.88
C VAL A 100 0.22 -9.72 -2.80
N VAL A 101 -0.94 -9.12 -3.07
CA VAL A 101 -2.04 -9.14 -2.12
C VAL A 101 -3.11 -10.16 -2.52
N GLY A 102 -3.45 -11.04 -1.60
CA GLY A 102 -4.46 -12.06 -1.88
C GLY A 102 -5.72 -11.88 -1.05
N GLU A 103 -6.81 -11.50 -1.70
CA GLU A 103 -8.08 -11.29 -1.01
C GLU A 103 -8.56 -12.59 -0.37
N LEU A 104 -8.32 -13.71 -1.05
CA LEU A 104 -8.73 -15.01 -0.55
C LEU A 104 -8.23 -16.13 -1.45
N GLU A 105 -8.38 -17.37 -0.99
CA GLU A 105 -7.94 -18.52 -1.77
C GLU A 105 -9.06 -19.55 -1.91
N PRO A 1 -10.98 -4.46 -10.02
CA PRO A 1 -11.62 -4.48 -8.70
C PRO A 1 -11.70 -3.09 -8.08
N LEU A 2 -12.78 -2.86 -7.34
CA LEU A 2 -12.98 -1.57 -6.68
C LEU A 2 -13.57 -1.76 -5.28
N THR A 3 -13.28 -0.80 -4.40
CA THR A 3 -13.77 -0.86 -3.03
C THR A 3 -14.42 0.45 -2.61
N ARG A 4 -15.13 0.44 -1.49
CA ARG A 4 -15.80 1.63 -0.99
C ARG A 4 -14.80 2.58 -0.32
N PRO A 5 -15.19 3.85 -0.19
CA PRO A 5 -14.35 4.87 0.43
C PRO A 5 -14.18 4.67 1.93
N TYR A 6 -13.33 3.70 2.29
CA TYR A 6 -13.08 3.41 3.70
C TYR A 6 -11.60 3.51 4.03
N LEU A 7 -11.30 4.02 5.22
CA LEU A 7 -9.91 4.17 5.66
C LEU A 7 -9.62 3.27 6.85
N GLY A 8 -8.61 2.41 6.70
CA GLY A 8 -8.24 1.50 7.77
C GLY A 8 -6.77 1.62 8.15
N PHE A 9 -6.18 2.77 7.84
CA PHE A 9 -4.77 3.01 8.15
C PHE A 9 -4.50 4.49 8.37
N ARG A 10 -3.29 4.80 8.82
CA ARG A 10 -2.90 6.19 9.06
C ARG A 10 -1.81 6.63 8.10
N VAL A 11 -1.85 7.90 7.71
CA VAL A 11 -0.87 8.46 6.79
C VAL A 11 -0.37 9.82 7.26
N ALA A 12 0.94 10.02 7.19
CA ALA A 12 1.54 11.28 7.62
C ALA A 12 2.35 11.90 6.49
N VAL A 13 1.99 13.12 6.11
CA VAL A 13 2.69 13.83 5.04
C VAL A 13 3.92 14.56 5.57
N GLY A 14 5.06 14.36 4.92
CA GLY A 14 6.28 14.99 5.35
C GLY A 14 7.32 15.06 4.24
N ARG A 15 8.59 15.13 4.63
CA ARG A 15 9.68 15.18 3.65
C ARG A 15 10.78 14.19 4.01
N ASP A 16 11.39 13.60 2.99
CA ASP A 16 12.47 12.63 3.20
C ASP A 16 13.83 13.29 3.02
N SER A 17 14.89 12.48 3.11
CA SER A 17 16.25 12.98 2.95
C SER A 17 16.52 13.35 1.51
N SER A 18 15.82 12.69 0.58
CA SER A 18 16.00 12.94 -0.84
C SER A 18 15.29 14.23 -1.26
N GLY A 19 14.00 14.30 -0.95
CA GLY A 19 13.22 15.48 -1.31
C GLY A 19 12.27 15.24 -2.46
N CYS A 20 11.52 14.14 -2.38
CA CYS A 20 10.57 13.79 -3.42
C CYS A 20 9.13 13.88 -2.91
N THR A 21 8.99 14.33 -1.66
CA THR A 21 7.67 14.48 -1.06
C THR A 21 6.91 13.15 -1.08
N THR A 22 7.01 12.39 0.00
CA THR A 22 6.33 11.10 0.10
C THR A 22 5.69 10.93 1.47
N LEU A 23 4.69 10.06 1.54
CA LEU A 23 3.98 9.80 2.80
C LEU A 23 4.37 8.43 3.36
N SER A 24 4.55 8.36 4.67
CA SER A 24 4.91 7.12 5.33
C SER A 24 3.69 6.47 5.97
N ILE A 25 3.72 5.13 6.04
CA ILE A 25 2.61 4.39 6.63
C ILE A 25 2.89 4.05 8.10
N GLN A 26 1.91 4.29 8.96
CA GLN A 26 2.05 4.01 10.38
C GLN A 26 1.19 2.82 10.79
N GLU A 27 0.22 2.49 9.96
CA GLU A 27 -0.69 1.37 10.24
C GLU A 27 -0.57 0.30 9.16
N VAL A 28 -1.41 -0.73 9.26
CA VAL A 28 -1.40 -1.82 8.29
C VAL A 28 -2.69 -1.84 7.48
N THR A 29 -2.55 -1.82 6.15
CA THR A 29 -3.70 -1.84 5.26
C THR A 29 -3.67 -3.05 4.34
N GLN A 30 -2.62 -3.86 4.47
CA GLN A 30 -2.46 -5.05 3.65
C GLN A 30 -3.21 -6.23 4.24
N THR A 31 -3.94 -5.98 5.32
CA THR A 31 -4.72 -7.02 5.99
C THR A 31 -6.22 -6.78 5.83
N TYR A 32 -6.57 -5.95 4.86
CA TYR A 32 -7.98 -5.64 4.60
C TYR A 32 -8.36 -6.00 3.16
N THR A 33 -9.60 -6.42 2.98
CA THR A 33 -10.10 -6.80 1.67
C THR A 33 -11.56 -6.40 1.49
N GLY A 34 -11.96 -6.18 0.24
CA GLY A 34 -13.34 -5.79 -0.04
C GLY A 34 -13.73 -6.06 -1.48
N SER A 35 -12.77 -5.91 -2.39
CA SER A 35 -13.03 -6.13 -3.80
C SER A 35 -12.41 -7.44 -4.26
N ASN A 36 -13.16 -8.18 -5.10
CA ASN A 36 -12.69 -9.46 -5.60
C ASN A 36 -12.43 -10.44 -4.47
N GLY A 37 -13.24 -10.35 -3.42
CA GLY A 37 -13.09 -11.24 -2.28
C GLY A 37 -14.01 -10.88 -1.14
N GLY A 38 -13.74 -9.74 -0.50
CA GLY A 38 -14.56 -9.30 0.61
C GLY A 38 -14.31 -10.11 1.87
N ALA A 39 -13.16 -9.86 2.50
CA ALA A 39 -12.81 -10.58 3.73
C ALA A 39 -11.45 -10.11 4.25
N ASP A 40 -11.47 -9.18 5.20
CA ASP A 40 -10.24 -8.66 5.78
C ASP A 40 -9.60 -9.69 6.71
N LEU A 41 -8.30 -9.91 6.53
CA LEU A 41 -7.57 -10.86 7.35
C LEU A 41 -6.07 -10.66 7.20
N MET A 42 -5.30 -11.62 7.72
CA MET A 42 -3.84 -11.56 7.64
C MET A 42 -3.29 -12.66 6.75
N GLY A 43 -2.56 -12.28 5.71
CA GLY A 43 -2.00 -13.25 4.79
C GLY A 43 -0.97 -12.64 3.86
N PRO A 44 -1.46 -11.82 2.92
CA PRO A 44 -0.60 -11.15 1.93
C PRO A 44 0.28 -10.07 2.57
N ALA A 45 -0.15 -9.57 3.72
CA ALA A 45 0.61 -8.53 4.42
C ALA A 45 1.94 -9.07 4.92
N PHE A 46 1.92 -10.24 5.52
CA PHE A 46 3.13 -10.86 6.05
C PHE A 46 3.79 -11.73 4.98
N ALA A 47 3.02 -12.10 3.96
CA ALA A 47 3.54 -12.92 2.88
C ALA A 47 4.63 -12.19 2.09
N ALA A 48 4.44 -10.88 1.91
CA ALA A 48 5.40 -10.07 1.18
C ALA A 48 6.31 -9.31 2.14
N GLY A 49 5.85 -9.12 3.37
CA GLY A 49 6.63 -8.41 4.36
C GLY A 49 6.18 -6.97 4.54
N LEU A 50 4.98 -6.67 4.06
CA LEU A 50 4.43 -5.33 4.17
C LEU A 50 4.10 -4.99 5.63
N ARG A 51 4.85 -4.04 6.18
CA ARG A 51 4.65 -3.63 7.57
C ARG A 51 4.71 -2.11 7.69
N VAL A 52 4.41 -1.60 8.88
CA VAL A 52 4.43 -0.17 9.14
C VAL A 52 5.85 0.37 9.09
N GLY A 53 6.05 1.43 8.31
CA GLY A 53 7.37 2.03 8.18
C GLY A 53 7.78 2.23 6.74
N ASP A 54 7.08 1.56 5.83
CA ASP A 54 7.39 1.66 4.41
C ASP A 54 6.45 2.65 3.72
N GLN A 55 7.02 3.70 3.13
CA GLN A 55 6.23 4.71 2.44
C GLN A 55 5.61 4.15 1.16
N LEU A 56 4.30 3.99 1.17
CA LEU A 56 3.58 3.47 0.02
C LEU A 56 3.20 4.59 -0.94
N VAL A 57 3.87 4.62 -2.10
CA VAL A 57 3.59 5.64 -3.10
C VAL A 57 2.99 5.03 -4.36
N ARG A 58 3.53 3.88 -4.77
CA ARG A 58 3.04 3.19 -5.95
C ARG A 58 2.99 4.13 -7.16
N PHE A 59 3.90 5.12 -7.16
CA PHE A 59 3.96 6.08 -8.24
C PHE A 59 5.41 6.35 -8.66
N ALA A 60 5.61 6.60 -9.95
CA ALA A 60 6.95 6.87 -10.47
C ALA A 60 7.44 8.25 -10.03
N GLY A 61 8.43 8.25 -9.14
CA GLY A 61 8.97 9.50 -8.65
C GLY A 61 9.10 9.54 -7.14
N TYR A 62 8.71 8.44 -6.50
CA TYR A 62 8.77 8.34 -5.05
C TYR A 62 7.89 9.41 -4.39
N THR A 63 6.73 9.65 -4.98
CA THR A 63 5.80 10.65 -4.46
C THR A 63 4.37 10.11 -4.44
N VAL A 64 3.55 10.64 -3.55
CA VAL A 64 2.17 10.22 -3.42
C VAL A 64 1.28 11.37 -2.97
N THR A 65 -0.02 11.24 -3.22
CA THR A 65 -0.98 12.27 -2.85
C THR A 65 -1.42 12.10 -1.39
N GLU A 66 -2.11 11.00 -1.12
CA GLU A 66 -2.59 10.72 0.24
C GLU A 66 -3.35 9.39 0.28
N LEU A 67 -3.90 9.07 1.44
CA LEU A 67 -4.65 7.83 1.62
C LEU A 67 -5.78 7.74 0.61
N ALA A 68 -6.39 8.88 0.30
CA ALA A 68 -7.49 8.93 -0.66
C ALA A 68 -7.03 8.48 -2.04
N ALA A 69 -5.87 8.97 -2.46
CA ALA A 69 -5.32 8.62 -3.77
C ALA A 69 -4.89 7.15 -3.81
N PHE A 70 -4.41 6.66 -2.68
CA PHE A 70 -3.96 5.27 -2.60
C PHE A 70 -5.15 4.33 -2.45
N ASN A 71 -6.25 4.84 -1.93
CA ASN A 71 -7.46 4.05 -1.74
C ASN A 71 -7.97 3.50 -3.07
N THR A 72 -7.89 4.33 -4.11
CA THR A 72 -8.33 3.91 -5.44
C THR A 72 -7.38 2.90 -6.06
N VAL A 73 -6.09 3.08 -5.82
CA VAL A 73 -5.08 2.18 -6.35
C VAL A 73 -5.13 0.82 -5.65
N VAL A 74 -5.27 0.86 -4.33
CA VAL A 74 -5.34 -0.37 -3.54
C VAL A 74 -6.50 -1.25 -3.99
N ALA A 75 -7.65 -0.63 -4.22
CA ALA A 75 -8.83 -1.36 -4.66
C ALA A 75 -8.63 -1.96 -6.05
N ARG A 76 -7.83 -1.27 -6.87
CA ARG A 76 -7.56 -1.73 -8.22
C ARG A 76 -6.49 -2.82 -8.22
N HIS A 77 -5.57 -2.73 -7.27
CA HIS A 77 -4.50 -3.71 -7.16
C HIS A 77 -4.99 -4.99 -6.48
N VAL A 78 -5.69 -4.83 -5.36
CA VAL A 78 -6.22 -5.97 -4.63
C VAL A 78 -6.93 -6.95 -5.56
N ARG A 79 -6.37 -8.14 -5.69
CA ARG A 79 -6.95 -9.17 -6.55
C ARG A 79 -6.66 -10.57 -6.01
N PRO A 80 -7.44 -11.55 -6.47
CA PRO A 80 -7.29 -12.94 -6.04
C PRO A 80 -6.01 -13.58 -6.58
N SER A 81 -5.07 -13.85 -5.68
CA SER A 81 -3.79 -14.44 -6.07
C SER A 81 -3.14 -13.66 -7.20
N ALA A 82 -3.23 -12.33 -7.11
CA ALA A 82 -2.64 -11.46 -8.12
C ALA A 82 -1.48 -10.66 -7.54
N SER A 83 -0.27 -10.96 -8.02
CA SER A 83 0.92 -10.26 -7.55
C SER A 83 1.15 -8.99 -8.34
N ILE A 84 1.62 -7.95 -7.66
CA ILE A 84 1.89 -6.66 -8.30
C ILE A 84 3.05 -5.95 -7.63
N PRO A 85 3.98 -5.42 -8.45
CA PRO A 85 5.17 -4.71 -7.95
C PRO A 85 4.80 -3.35 -7.34
N VAL A 86 5.34 -3.08 -6.17
CA VAL A 86 5.08 -1.81 -5.48
C VAL A 86 6.37 -1.04 -5.24
N VAL A 87 6.28 0.28 -5.26
CA VAL A 87 7.44 1.13 -5.03
C VAL A 87 7.37 1.81 -3.67
N PHE A 88 8.38 1.58 -2.84
CA PHE A 88 8.44 2.17 -1.51
C PHE A 88 9.73 2.96 -1.31
N SER A 89 9.70 3.89 -0.36
CA SER A 89 10.86 4.72 -0.07
C SER A 89 11.11 4.83 1.42
N ARG A 90 12.37 4.94 1.82
CA ARG A 90 12.73 5.05 3.22
C ARG A 90 13.76 6.15 3.43
N ASP A 91 13.29 7.30 3.90
CA ASP A 91 14.17 8.45 4.15
C ASP A 91 14.86 8.89 2.86
N GLY A 92 14.17 8.70 1.73
CA GLY A 92 14.73 9.09 0.45
C GLY A 92 15.31 7.91 -0.31
N VAL A 93 15.42 6.77 0.37
CA VAL A 93 15.96 5.57 -0.26
C VAL A 93 15.04 5.05 -1.36
N VAL A 94 15.62 4.52 -2.42
CA VAL A 94 14.86 3.99 -3.54
C VAL A 94 14.94 2.47 -3.60
N MET A 95 13.82 1.81 -3.36
CA MET A 95 13.77 0.35 -3.39
C MET A 95 12.47 -0.14 -4.01
N SER A 96 12.50 -1.35 -4.56
CA SER A 96 11.32 -1.93 -5.20
C SER A 96 11.21 -3.42 -4.89
N ALA A 97 10.04 -3.84 -4.45
CA ALA A 97 9.81 -5.25 -4.12
C ALA A 97 8.41 -5.69 -4.53
N THR A 98 8.32 -6.90 -5.08
CA THR A 98 7.04 -7.44 -5.53
C THR A 98 6.28 -8.07 -4.37
N ILE A 99 5.07 -7.58 -4.11
CA ILE A 99 4.24 -8.09 -3.03
C ILE A 99 2.98 -8.75 -3.58
N VAL A 100 2.75 -10.00 -3.19
CA VAL A 100 1.57 -10.74 -3.64
C VAL A 100 0.36 -10.43 -2.77
N VAL A 101 -0.72 -9.97 -3.40
CA VAL A 101 -1.94 -9.64 -2.67
C VAL A 101 -2.97 -10.76 -2.79
N GLY A 102 -3.60 -11.09 -1.66
CA GLY A 102 -4.60 -12.14 -1.66
C GLY A 102 -5.90 -11.70 -1.02
N GLU A 103 -6.94 -11.57 -1.84
CA GLU A 103 -8.25 -11.16 -1.35
C GLU A 103 -8.95 -12.30 -0.61
N LEU A 104 -8.64 -13.52 -1.00
CA LEU A 104 -9.24 -14.70 -0.38
C LEU A 104 -8.22 -15.84 -0.29
N GLU A 105 -8.37 -16.68 0.73
CA GLU A 105 -7.47 -17.81 0.91
C GLU A 105 -8.26 -19.11 1.07
N PRO A 1 -12.15 -5.02 -10.82
CA PRO A 1 -12.78 -4.98 -9.50
C PRO A 1 -12.82 -3.56 -8.93
N LEU A 2 -13.36 -3.42 -7.72
CA LEU A 2 -13.46 -2.12 -7.06
C LEU A 2 -13.97 -2.28 -5.63
N THR A 3 -13.61 -1.32 -4.79
CA THR A 3 -14.04 -1.35 -3.39
C THR A 3 -14.64 -0.01 -2.97
N ARG A 4 -15.30 0.01 -1.82
CA ARG A 4 -15.92 1.22 -1.31
C ARG A 4 -14.88 2.15 -0.71
N PRO A 5 -15.20 3.45 -0.67
CA PRO A 5 -14.30 4.48 -0.11
C PRO A 5 -14.17 4.37 1.40
N TYR A 6 -13.37 3.41 1.85
CA TYR A 6 -13.17 3.21 3.28
C TYR A 6 -11.69 3.27 3.63
N LEU A 7 -11.36 4.05 4.67
CA LEU A 7 -9.98 4.20 5.11
C LEU A 7 -9.79 3.61 6.51
N GLY A 8 -8.86 2.66 6.62
CA GLY A 8 -8.58 2.04 7.90
C GLY A 8 -7.13 2.15 8.31
N PHE A 9 -6.49 3.26 7.91
CA PHE A 9 -5.09 3.47 8.24
C PHE A 9 -4.81 4.96 8.43
N ARG A 10 -3.61 5.28 8.93
CA ARG A 10 -3.22 6.66 9.17
C ARG A 10 -2.08 7.06 8.24
N VAL A 11 -2.08 8.32 7.81
CA VAL A 11 -1.04 8.83 6.92
C VAL A 11 -0.55 10.19 7.39
N ALA A 12 0.77 10.36 7.42
CA ALA A 12 1.37 11.62 7.83
C ALA A 12 2.31 12.17 6.76
N VAL A 13 2.03 13.39 6.30
CA VAL A 13 2.84 14.02 5.27
C VAL A 13 4.10 14.65 5.87
N GLY A 14 5.25 14.37 5.27
CA GLY A 14 6.50 14.91 5.76
C GLY A 14 7.55 15.01 4.68
N ARG A 15 8.82 15.04 5.09
CA ARG A 15 9.93 15.13 4.14
C ARG A 15 11.00 14.11 4.46
N ASP A 16 11.59 13.53 3.42
CA ASP A 16 12.64 12.53 3.59
C ASP A 16 14.03 13.16 3.43
N SER A 17 15.06 12.33 3.48
CA SER A 17 16.43 12.80 3.34
C SER A 17 16.73 13.14 1.89
N SER A 18 16.03 12.48 0.97
CA SER A 18 16.23 12.71 -0.45
C SER A 18 15.65 14.07 -0.88
N GLY A 19 14.34 14.21 -0.75
CA GLY A 19 13.69 15.46 -1.13
C GLY A 19 12.71 15.27 -2.27
N CYS A 20 11.87 14.26 -2.17
CA CYS A 20 10.87 13.98 -3.19
C CYS A 20 9.46 14.20 -2.66
N THR A 21 9.35 14.41 -1.35
CA THR A 21 8.06 14.63 -0.72
C THR A 21 7.17 13.40 -0.83
N THR A 22 7.14 12.60 0.23
CA THR A 22 6.33 11.39 0.25
C THR A 22 5.70 11.18 1.62
N LEU A 23 4.61 10.41 1.66
CA LEU A 23 3.91 10.12 2.91
C LEU A 23 4.29 8.75 3.44
N SER A 24 4.25 8.59 4.75
CA SER A 24 4.58 7.31 5.39
C SER A 24 3.37 6.72 6.10
N ILE A 25 3.33 5.39 6.20
CA ILE A 25 2.23 4.70 6.85
C ILE A 25 2.57 4.39 8.30
N GLN A 26 1.62 4.66 9.20
CA GLN A 26 1.82 4.40 10.61
C GLN A 26 1.28 3.02 11.00
N GLU A 27 0.32 2.54 10.22
CA GLU A 27 -0.29 1.23 10.48
C GLU A 27 -0.28 0.37 9.22
N VAL A 28 -0.98 -0.76 9.28
CA VAL A 28 -1.06 -1.67 8.15
C VAL A 28 -2.47 -1.71 7.56
N THR A 29 -2.55 -1.58 6.24
CA THR A 29 -3.84 -1.59 5.55
C THR A 29 -3.90 -2.72 4.53
N GLN A 30 -2.84 -3.53 4.47
CA GLN A 30 -2.78 -4.64 3.54
C GLN A 30 -3.37 -5.91 4.16
N THR A 31 -4.01 -5.75 5.31
CA THR A 31 -4.61 -6.88 6.01
C THR A 31 -6.13 -6.79 6.00
N TYR A 32 -6.66 -5.96 5.10
CA TYR A 32 -8.11 -5.78 4.99
C TYR A 32 -8.59 -6.14 3.59
N THR A 33 -9.81 -6.67 3.52
CA THR A 33 -10.40 -7.05 2.23
C THR A 33 -11.92 -6.96 2.28
N GLY A 34 -12.53 -6.77 1.12
CA GLY A 34 -13.98 -6.66 1.04
C GLY A 34 -14.50 -6.94 -0.36
N SER A 35 -13.75 -6.52 -1.37
CA SER A 35 -14.15 -6.72 -2.76
C SER A 35 -13.33 -7.82 -3.41
N ASN A 36 -13.93 -8.53 -4.36
CA ASN A 36 -13.26 -9.61 -5.06
C ASN A 36 -12.72 -10.65 -4.07
N GLY A 37 -13.41 -10.79 -2.95
CA GLY A 37 -13.00 -11.75 -1.94
C GLY A 37 -13.82 -11.65 -0.67
N GLY A 38 -13.63 -10.55 0.06
CA GLY A 38 -14.37 -10.36 1.30
C GLY A 38 -13.81 -11.18 2.44
N ALA A 39 -12.71 -10.70 3.02
CA ALA A 39 -12.08 -11.39 4.13
C ALA A 39 -10.86 -10.62 4.64
N ASP A 40 -11.07 -9.77 5.64
CA ASP A 40 -9.99 -8.97 6.20
C ASP A 40 -9.21 -9.76 7.23
N LEU A 41 -7.92 -9.97 6.98
CA LEU A 41 -7.07 -10.72 7.89
C LEU A 41 -5.60 -10.49 7.57
N MET A 42 -4.73 -11.32 8.14
CA MET A 42 -3.29 -11.20 7.91
C MET A 42 -2.77 -12.42 7.14
N GLY A 43 -2.20 -12.17 5.97
CA GLY A 43 -1.67 -13.24 5.16
C GLY A 43 -0.76 -12.75 4.04
N PRO A 44 -1.36 -12.07 3.05
CA PRO A 44 -0.62 -11.52 1.91
C PRO A 44 0.27 -10.35 2.31
N ALA A 45 -0.05 -9.73 3.43
CA ALA A 45 0.73 -8.59 3.92
C ALA A 45 2.02 -9.05 4.58
N PHE A 46 1.92 -10.05 5.44
CA PHE A 46 3.09 -10.57 6.13
C PHE A 46 3.99 -11.36 5.17
N ALA A 47 3.40 -11.80 4.06
CA ALA A 47 4.14 -12.56 3.06
C ALA A 47 5.09 -11.66 2.27
N ALA A 48 4.67 -10.40 2.07
CA ALA A 48 5.47 -9.44 1.34
C ALA A 48 6.36 -8.63 2.27
N GLY A 49 5.96 -8.56 3.54
CA GLY A 49 6.73 -7.82 4.52
C GLY A 49 6.16 -6.43 4.77
N LEU A 50 4.92 -6.22 4.36
CA LEU A 50 4.26 -4.93 4.54
C LEU A 50 4.01 -4.65 6.01
N ARG A 51 4.70 -3.66 6.56
CA ARG A 51 4.54 -3.29 7.96
C ARG A 51 4.62 -1.79 8.14
N VAL A 52 4.31 -1.32 9.35
CA VAL A 52 4.35 0.11 9.65
C VAL A 52 5.72 0.69 9.34
N GLY A 53 5.73 1.83 8.66
CA GLY A 53 6.98 2.49 8.30
C GLY A 53 7.33 2.32 6.84
N ASP A 54 6.43 1.69 6.09
CA ASP A 54 6.65 1.46 4.66
C ASP A 54 5.88 2.48 3.82
N GLN A 55 6.62 3.34 3.13
CA GLN A 55 6.01 4.36 2.29
C GLN A 55 5.51 3.77 0.97
N LEU A 56 4.28 4.14 0.60
CA LEU A 56 3.69 3.63 -0.64
C LEU A 56 3.19 4.78 -1.51
N VAL A 57 3.80 4.93 -2.69
CA VAL A 57 3.42 5.98 -3.61
C VAL A 57 2.91 5.41 -4.93
N ARG A 58 3.50 4.29 -5.35
CA ARG A 58 3.10 3.64 -6.59
C ARG A 58 3.09 4.63 -7.75
N PHE A 59 3.95 5.64 -7.66
CA PHE A 59 4.03 6.66 -8.71
C PHE A 59 5.49 6.97 -9.05
N ALA A 60 5.74 7.32 -10.30
CA ALA A 60 7.09 7.65 -10.75
C ALA A 60 7.55 8.99 -10.18
N GLY A 61 8.48 8.93 -9.23
CA GLY A 61 8.99 10.14 -8.62
C GLY A 61 9.04 10.05 -7.11
N TYR A 62 8.62 8.91 -6.57
CA TYR A 62 8.62 8.69 -5.13
C TYR A 62 7.74 9.74 -4.43
N THR A 63 6.61 10.05 -5.04
CA THR A 63 5.68 11.03 -4.48
C THR A 63 4.25 10.52 -4.54
N VAL A 64 3.43 10.94 -3.58
CA VAL A 64 2.03 10.52 -3.53
C VAL A 64 1.16 11.62 -2.92
N THR A 65 -0.14 11.56 -3.21
CA THR A 65 -1.09 12.55 -2.69
C THR A 65 -1.40 12.28 -1.22
N GLU A 66 -2.19 11.25 -0.97
CA GLU A 66 -2.57 10.89 0.40
C GLU A 66 -3.31 9.55 0.42
N LEU A 67 -3.89 9.23 1.58
CA LEU A 67 -4.63 7.98 1.74
C LEU A 67 -5.69 7.84 0.65
N ALA A 68 -6.30 8.96 0.27
CA ALA A 68 -7.33 8.95 -0.77
C ALA A 68 -6.79 8.39 -2.07
N ALA A 69 -5.55 8.73 -2.39
CA ALA A 69 -4.92 8.25 -3.62
C ALA A 69 -4.66 6.75 -3.56
N PHE A 70 -4.34 6.26 -2.36
CA PHE A 70 -4.07 4.84 -2.17
C PHE A 70 -5.35 4.02 -2.28
N ASN A 71 -6.46 4.61 -1.85
CA ASN A 71 -7.76 3.94 -1.90
C ASN A 71 -8.12 3.55 -3.33
N THR A 72 -7.76 4.42 -4.28
CA THR A 72 -8.05 4.16 -5.68
C THR A 72 -7.15 3.06 -6.24
N VAL A 73 -5.90 3.06 -5.81
CA VAL A 73 -4.93 2.06 -6.27
C VAL A 73 -5.25 0.69 -5.69
N VAL A 74 -5.46 0.64 -4.37
CA VAL A 74 -5.77 -0.61 -3.69
C VAL A 74 -7.10 -1.18 -4.17
N ALA A 75 -8.07 -0.30 -4.38
CA ALA A 75 -9.39 -0.71 -4.84
C ALA A 75 -9.31 -1.41 -6.20
N ARG A 76 -8.51 -0.86 -7.10
CA ARG A 76 -8.33 -1.42 -8.43
C ARG A 76 -7.37 -2.61 -8.39
N HIS A 77 -6.46 -2.59 -7.43
CA HIS A 77 -5.48 -3.67 -7.28
C HIS A 77 -6.11 -4.90 -6.65
N VAL A 78 -7.15 -4.68 -5.84
CA VAL A 78 -7.84 -5.78 -5.17
C VAL A 78 -8.25 -6.86 -6.17
N ARG A 79 -7.50 -7.95 -6.18
CA ARG A 79 -7.78 -9.06 -7.09
C ARG A 79 -7.26 -10.38 -6.51
N PRO A 80 -7.86 -11.49 -6.94
CA PRO A 80 -7.47 -12.83 -6.49
C PRO A 80 -6.11 -13.24 -7.02
N SER A 81 -5.18 -13.53 -6.11
CA SER A 81 -3.83 -13.94 -6.49
C SER A 81 -3.22 -12.94 -7.46
N ALA A 82 -3.46 -11.66 -7.22
CA ALA A 82 -2.93 -10.61 -8.08
C ALA A 82 -1.71 -9.96 -7.45
N SER A 83 -0.54 -10.23 -8.01
CA SER A 83 0.71 -9.67 -7.49
C SER A 83 1.35 -8.75 -8.52
N ILE A 84 1.84 -7.60 -8.06
CA ILE A 84 2.48 -6.63 -8.93
C ILE A 84 3.52 -5.82 -8.18
N PRO A 85 4.51 -5.28 -8.92
CA PRO A 85 5.58 -4.46 -8.34
C PRO A 85 5.08 -3.11 -7.85
N VAL A 86 5.73 -2.59 -6.82
CA VAL A 86 5.35 -1.30 -6.25
C VAL A 86 6.57 -0.50 -5.83
N VAL A 87 6.48 0.82 -5.92
CA VAL A 87 7.58 1.70 -5.54
C VAL A 87 7.42 2.21 -4.12
N PHE A 88 8.31 1.76 -3.23
CA PHE A 88 8.28 2.17 -1.84
C PHE A 88 9.56 2.90 -1.45
N SER A 89 9.47 3.70 -0.39
CA SER A 89 10.63 4.46 0.09
C SER A 89 10.76 4.35 1.59
N ARG A 90 12.00 4.25 2.07
CA ARG A 90 12.27 4.14 3.50
C ARG A 90 13.15 5.29 3.98
N ASP A 91 12.52 6.38 4.39
CA ASP A 91 13.24 7.55 4.88
C ASP A 91 14.12 8.14 3.77
N GLY A 92 13.60 8.14 2.56
CA GLY A 92 14.34 8.68 1.42
C GLY A 92 14.98 7.60 0.58
N VAL A 93 15.04 6.38 1.12
CA VAL A 93 15.63 5.26 0.40
C VAL A 93 14.79 4.88 -0.81
N VAL A 94 15.45 4.43 -1.87
CA VAL A 94 14.77 4.03 -3.09
C VAL A 94 14.92 2.54 -3.34
N MET A 95 13.81 1.81 -3.25
CA MET A 95 13.83 0.37 -3.48
C MET A 95 12.45 -0.12 -3.91
N SER A 96 12.44 -1.13 -4.76
CA SER A 96 11.18 -1.70 -5.27
C SER A 96 11.05 -3.16 -4.85
N ALA A 97 9.84 -3.54 -4.43
CA ALA A 97 9.57 -4.90 -4.00
C ALA A 97 8.18 -5.36 -4.45
N THR A 98 8.09 -6.61 -4.89
CA THR A 98 6.83 -7.17 -5.35
C THR A 98 6.00 -7.67 -4.19
N ILE A 99 4.74 -7.27 -4.13
CA ILE A 99 3.83 -7.68 -3.07
C ILE A 99 2.69 -8.53 -3.62
N VAL A 100 2.51 -9.72 -3.06
CA VAL A 100 1.45 -10.61 -3.49
C VAL A 100 0.20 -10.46 -2.62
N VAL A 101 -0.89 -10.02 -3.23
CA VAL A 101 -2.14 -9.82 -2.51
C VAL A 101 -3.11 -10.98 -2.76
N GLY A 102 -3.73 -11.47 -1.69
CA GLY A 102 -4.66 -12.57 -1.82
C GLY A 102 -6.01 -12.26 -1.21
N GLU A 103 -7.03 -12.11 -2.07
CA GLU A 103 -8.37 -11.80 -1.62
C GLU A 103 -9.09 -13.06 -1.14
N LEU A 104 -8.68 -14.20 -1.68
CA LEU A 104 -9.28 -15.48 -1.32
C LEU A 104 -8.22 -16.49 -0.93
N GLU A 105 -7.49 -16.20 0.15
CA GLU A 105 -6.44 -17.10 0.63
C GLU A 105 -5.40 -17.34 -0.47
N PRO A 1 -12.48 -5.48 -10.43
CA PRO A 1 -13.10 -5.41 -9.10
C PRO A 1 -13.32 -3.98 -8.63
N LEU A 2 -13.68 -3.82 -7.36
CA LEU A 2 -13.93 -2.50 -6.79
C LEU A 2 -13.90 -2.56 -5.27
N THR A 3 -13.57 -1.43 -4.65
CA THR A 3 -13.50 -1.34 -3.20
C THR A 3 -14.29 -0.15 -2.68
N ARG A 4 -14.75 -0.23 -1.43
CA ARG A 4 -15.52 0.84 -0.82
C ARG A 4 -14.60 1.83 -0.12
N PRO A 5 -15.11 3.05 0.12
CA PRO A 5 -14.35 4.12 0.78
C PRO A 5 -14.10 3.82 2.26
N TYR A 6 -13.13 2.95 2.52
CA TYR A 6 -12.79 2.57 3.90
C TYR A 6 -11.33 2.87 4.19
N LEU A 7 -11.07 3.54 5.30
CA LEU A 7 -9.71 3.86 5.71
C LEU A 7 -9.32 3.14 6.99
N GLY A 8 -8.25 2.36 6.94
CA GLY A 8 -7.79 1.64 8.10
C GLY A 8 -6.34 1.91 8.42
N PHE A 9 -5.85 3.07 8.02
CA PHE A 9 -4.47 3.46 8.27
C PHE A 9 -4.32 4.97 8.36
N ARG A 10 -3.16 5.42 8.80
CA ARG A 10 -2.89 6.85 8.93
C ARG A 10 -1.80 7.30 7.96
N VAL A 11 -1.89 8.53 7.49
CA VAL A 11 -0.91 9.08 6.56
C VAL A 11 -0.49 10.49 6.97
N ALA A 12 0.81 10.67 7.15
CA ALA A 12 1.35 11.98 7.53
C ALA A 12 2.25 12.54 6.45
N VAL A 13 1.91 13.72 5.93
CA VAL A 13 2.70 14.36 4.89
C VAL A 13 3.92 15.07 5.48
N GLY A 14 5.09 14.74 4.96
CA GLY A 14 6.33 15.35 5.45
C GLY A 14 7.46 15.25 4.46
N ARG A 15 8.69 15.19 4.96
CA ARG A 15 9.86 15.09 4.11
C ARG A 15 10.81 14.01 4.61
N ASP A 16 11.44 13.29 3.69
CA ASP A 16 12.36 12.22 4.03
C ASP A 16 13.80 12.71 3.95
N SER A 17 14.74 11.80 4.18
CA SER A 17 16.16 12.14 4.13
C SER A 17 16.54 12.65 2.74
N SER A 18 15.81 12.22 1.73
CA SER A 18 16.08 12.64 0.36
C SER A 18 15.34 13.94 0.03
N GLY A 19 14.01 13.88 0.02
CA GLY A 19 13.22 15.06 -0.27
C GLY A 19 12.44 14.92 -1.55
N CYS A 20 11.59 13.90 -1.63
CA CYS A 20 10.78 13.66 -2.82
C CYS A 20 9.30 13.89 -2.53
N THR A 21 9.01 14.47 -1.37
CA THR A 21 7.64 14.74 -0.97
C THR A 21 6.81 13.46 -0.98
N THR A 22 6.95 12.65 0.06
CA THR A 22 6.21 11.40 0.18
C THR A 22 5.58 11.25 1.55
N LEU A 23 4.54 10.43 1.64
CA LEU A 23 3.84 10.20 2.89
C LEU A 23 4.28 8.88 3.54
N SER A 24 4.25 8.83 4.86
CA SER A 24 4.64 7.63 5.59
C SER A 24 3.44 7.03 6.32
N ILE A 25 3.28 5.72 6.20
CA ILE A 25 2.18 5.02 6.86
C ILE A 25 2.57 4.58 8.27
N GLN A 26 1.70 4.87 9.23
CA GLN A 26 1.96 4.51 10.62
C GLN A 26 1.27 3.19 10.98
N GLU A 27 0.23 2.85 10.22
CA GLU A 27 -0.52 1.62 10.45
C GLU A 27 -0.37 0.67 9.26
N VAL A 28 -1.19 -0.39 9.25
CA VAL A 28 -1.16 -1.36 8.18
C VAL A 28 -2.47 -1.35 7.39
N THR A 29 -2.36 -1.33 6.07
CA THR A 29 -3.53 -1.30 5.20
C THR A 29 -3.54 -2.52 4.28
N GLN A 30 -2.43 -3.24 4.23
CA GLN A 30 -2.32 -4.42 3.38
C GLN A 30 -2.85 -5.65 4.10
N THR A 31 -3.39 -5.45 5.30
CA THR A 31 -3.94 -6.54 6.10
C THR A 31 -5.47 -6.43 6.21
N TYR A 32 -6.06 -5.65 5.32
CA TYR A 32 -7.51 -5.45 5.32
C TYR A 32 -8.12 -5.87 3.99
N THR A 33 -9.33 -6.39 4.04
CA THR A 33 -10.03 -6.84 2.84
C THR A 33 -11.53 -6.94 3.07
N GLY A 34 -12.30 -6.95 1.99
CA GLY A 34 -13.75 -7.05 2.11
C GLY A 34 -14.44 -6.97 0.77
N SER A 35 -13.80 -6.29 -0.19
CA SER A 35 -14.37 -6.14 -1.53
C SER A 35 -13.68 -7.06 -2.52
N ASN A 36 -14.48 -7.80 -3.30
CA ASN A 36 -13.94 -8.72 -4.29
C ASN A 36 -12.91 -9.66 -3.66
N GLY A 37 -13.09 -9.94 -2.37
CA GLY A 37 -12.17 -10.82 -1.67
C GLY A 37 -12.74 -11.34 -0.37
N GLY A 38 -12.91 -10.45 0.60
CA GLY A 38 -13.46 -10.84 1.88
C GLY A 38 -12.48 -11.66 2.70
N ALA A 39 -11.54 -10.98 3.34
CA ALA A 39 -10.53 -11.65 4.17
C ALA A 39 -9.58 -10.64 4.78
N ASP A 40 -10.05 -9.93 5.81
CA ASP A 40 -9.23 -8.94 6.49
C ASP A 40 -8.36 -9.58 7.56
N LEU A 41 -7.06 -9.59 7.33
CA LEU A 41 -6.12 -10.19 8.29
C LEU A 41 -4.68 -10.03 7.79
N MET A 42 -3.76 -10.74 8.44
CA MET A 42 -2.35 -10.68 8.06
C MET A 42 -1.88 -12.02 7.52
N GLY A 43 -1.37 -11.99 6.28
CA GLY A 43 -0.88 -13.21 5.66
C GLY A 43 -0.04 -12.93 4.43
N PRO A 44 -0.70 -12.57 3.32
CA PRO A 44 -0.02 -12.27 2.05
C PRO A 44 0.78 -10.98 2.12
N ALA A 45 0.39 -10.10 3.03
CA ALA A 45 1.08 -8.82 3.19
C ALA A 45 2.36 -8.98 4.00
N PHE A 46 2.35 -9.90 4.96
CA PHE A 46 3.51 -10.14 5.80
C PHE A 46 4.65 -10.74 4.98
N ALA A 47 4.32 -11.30 3.83
CA ALA A 47 5.31 -11.91 2.96
C ALA A 47 6.13 -10.84 2.24
N ALA A 48 5.55 -9.66 2.08
CA ALA A 48 6.22 -8.56 1.42
C ALA A 48 7.04 -7.73 2.41
N GLY A 49 6.66 -7.82 3.69
CA GLY A 49 7.37 -7.06 4.71
C GLY A 49 6.68 -5.76 5.07
N LEU A 50 5.42 -5.64 4.66
CA LEU A 50 4.65 -4.43 4.93
C LEU A 50 4.36 -4.30 6.42
N ARG A 51 4.96 -3.30 7.05
CA ARG A 51 4.77 -3.07 8.48
C ARG A 51 4.73 -1.57 8.79
N VAL A 52 4.28 -1.23 9.99
CA VAL A 52 4.20 0.17 10.41
C VAL A 52 5.55 0.85 10.27
N GLY A 53 5.54 2.03 9.64
CA GLY A 53 6.77 2.77 9.45
C GLY A 53 7.15 2.92 8.00
N ASP A 54 6.94 1.85 7.22
CA ASP A 54 7.27 1.86 5.81
C ASP A 54 6.38 2.84 5.05
N GLN A 55 6.90 3.40 3.97
CA GLN A 55 6.16 4.35 3.16
C GLN A 55 5.67 3.70 1.87
N LEU A 56 4.46 4.09 1.44
CA LEU A 56 3.88 3.54 0.22
C LEU A 56 3.42 4.66 -0.71
N VAL A 57 3.98 4.70 -1.91
CA VAL A 57 3.62 5.72 -2.89
C VAL A 57 3.01 5.08 -4.14
N ARG A 58 3.55 3.93 -4.53
CA ARG A 58 3.06 3.23 -5.71
C ARG A 58 3.03 4.15 -6.92
N PHE A 59 3.92 5.13 -6.95
CA PHE A 59 3.99 6.09 -8.04
C PHE A 59 5.43 6.34 -8.48
N ALA A 60 5.63 6.59 -9.76
CA ALA A 60 6.96 6.85 -10.30
C ALA A 60 7.48 8.21 -9.87
N GLY A 61 8.47 8.20 -8.98
CA GLY A 61 9.04 9.46 -8.51
C GLY A 61 9.14 9.50 -6.99
N TYR A 62 8.73 8.43 -6.34
CA TYR A 62 8.77 8.35 -4.88
C TYR A 62 7.91 9.44 -4.25
N THR A 63 6.76 9.70 -4.86
CA THR A 63 5.85 10.73 -4.37
C THR A 63 4.42 10.21 -4.33
N VAL A 64 3.64 10.72 -3.37
CA VAL A 64 2.25 10.30 -3.23
C VAL A 64 1.39 11.44 -2.68
N THR A 65 0.10 11.39 -2.98
CA THR A 65 -0.83 12.42 -2.52
C THR A 65 -1.36 12.11 -1.12
N GLU A 66 -2.21 11.09 -1.03
CA GLU A 66 -2.78 10.69 0.25
C GLU A 66 -3.60 9.42 0.10
N LEU A 67 -4.35 9.08 1.14
CA LEU A 67 -5.19 7.89 1.14
C LEU A 67 -6.12 7.88 -0.08
N ALA A 68 -6.61 9.06 -0.45
CA ALA A 68 -7.51 9.20 -1.58
C ALA A 68 -6.85 8.67 -2.86
N ALA A 69 -5.56 8.95 -3.02
CA ALA A 69 -4.83 8.49 -4.18
C ALA A 69 -4.66 6.98 -4.19
N PHE A 70 -4.53 6.41 -3.00
CA PHE A 70 -4.37 4.96 -2.87
C PHE A 70 -5.72 4.24 -2.97
N ASN A 71 -6.80 5.01 -2.87
CA ASN A 71 -8.14 4.46 -2.96
C ASN A 71 -8.35 3.77 -4.30
N THR A 72 -7.94 4.44 -5.38
CA THR A 72 -8.09 3.89 -6.72
C THR A 72 -7.10 2.75 -6.96
N VAL A 73 -5.92 2.87 -6.37
CA VAL A 73 -4.88 1.85 -6.52
C VAL A 73 -5.30 0.54 -5.86
N VAL A 74 -5.77 0.63 -4.63
CA VAL A 74 -6.21 -0.55 -3.89
C VAL A 74 -7.45 -1.17 -4.52
N ALA A 75 -8.31 -0.32 -5.06
CA ALA A 75 -9.53 -0.78 -5.71
C ALA A 75 -9.22 -1.59 -6.96
N ARG A 76 -8.26 -1.12 -7.74
CA ARG A 76 -7.86 -1.80 -8.97
C ARG A 76 -6.88 -2.93 -8.68
N HIS A 77 -6.16 -2.80 -7.57
CA HIS A 77 -5.18 -3.81 -7.18
C HIS A 77 -5.88 -5.01 -6.54
N VAL A 78 -6.77 -4.74 -5.61
CA VAL A 78 -7.52 -5.81 -4.92
C VAL A 78 -8.03 -6.84 -5.91
N ARG A 79 -7.38 -8.00 -5.94
CA ARG A 79 -7.78 -9.07 -6.85
C ARG A 79 -7.34 -10.43 -6.32
N PRO A 80 -7.98 -11.50 -6.81
CA PRO A 80 -7.65 -12.88 -6.39
C PRO A 80 -6.29 -13.33 -6.90
N SER A 81 -5.37 -13.57 -5.97
CA SER A 81 -4.02 -14.01 -6.33
C SER A 81 -3.39 -13.06 -7.34
N ALA A 82 -3.62 -11.77 -7.15
CA ALA A 82 -3.07 -10.75 -8.05
C ALA A 82 -1.90 -10.03 -7.40
N SER A 83 -0.73 -10.11 -8.04
CA SER A 83 0.46 -9.46 -7.53
C SER A 83 0.84 -8.25 -8.38
N ILE A 84 1.11 -7.13 -7.72
CA ILE A 84 1.47 -5.91 -8.41
C ILE A 84 2.72 -5.28 -7.80
N PRO A 85 3.67 -4.89 -8.66
CA PRO A 85 4.93 -4.27 -8.22
C PRO A 85 4.72 -2.87 -7.67
N VAL A 86 4.91 -2.72 -6.36
CA VAL A 86 4.75 -1.43 -5.70
C VAL A 86 6.09 -0.86 -5.28
N VAL A 87 6.19 0.47 -5.28
CA VAL A 87 7.43 1.14 -4.89
C VAL A 87 7.30 1.76 -3.50
N PHE A 88 8.26 1.44 -2.63
CA PHE A 88 8.26 1.94 -1.27
C PHE A 88 9.56 2.68 -0.96
N SER A 89 9.54 3.49 0.10
CA SER A 89 10.72 4.25 0.49
C SER A 89 11.02 4.06 1.98
N ARG A 90 12.29 4.10 2.33
CA ARG A 90 12.72 3.92 3.71
C ARG A 90 13.47 5.15 4.21
N ASP A 91 12.72 6.20 4.58
CA ASP A 91 13.32 7.43 5.08
C ASP A 91 14.20 8.07 4.01
N GLY A 92 13.75 8.02 2.77
CA GLY A 92 14.51 8.59 1.67
C GLY A 92 15.26 7.54 0.87
N VAL A 93 14.93 6.28 1.09
CA VAL A 93 15.58 5.18 0.39
C VAL A 93 14.75 4.73 -0.81
N VAL A 94 15.43 4.32 -1.87
CA VAL A 94 14.76 3.86 -3.09
C VAL A 94 14.81 2.35 -3.21
N MET A 95 13.66 1.71 -3.10
CA MET A 95 13.57 0.26 -3.19
C MET A 95 12.27 -0.17 -3.88
N SER A 96 12.26 -1.38 -4.42
CA SER A 96 11.08 -1.90 -5.10
C SER A 96 10.89 -3.38 -4.79
N ALA A 97 9.67 -3.74 -4.40
CA ALA A 97 9.35 -5.12 -4.07
C ALA A 97 7.94 -5.49 -4.55
N THR A 98 7.80 -6.70 -5.08
CA THR A 98 6.51 -7.17 -5.57
C THR A 98 5.67 -7.75 -4.44
N ILE A 99 4.43 -7.28 -4.32
CA ILE A 99 3.53 -7.76 -3.29
C ILE A 99 2.34 -8.49 -3.89
N VAL A 100 2.12 -9.72 -3.43
CA VAL A 100 1.01 -10.54 -3.92
C VAL A 100 -0.06 -10.71 -2.85
N VAL A 101 -1.23 -10.12 -3.08
CA VAL A 101 -2.33 -10.22 -2.14
C VAL A 101 -3.39 -11.21 -2.62
N GLY A 102 -3.91 -12.00 -1.69
CA GLY A 102 -4.92 -12.98 -2.04
C GLY A 102 -6.32 -12.57 -1.57
N GLU A 103 -7.18 -12.25 -2.53
CA GLU A 103 -8.55 -11.84 -2.21
C GLU A 103 -9.48 -13.05 -2.19
N LEU A 104 -9.24 -13.99 -3.09
CA LEU A 104 -10.06 -15.20 -3.17
C LEU A 104 -9.22 -16.41 -3.56
N GLU A 105 -9.56 -17.57 -3.00
CA GLU A 105 -8.83 -18.80 -3.28
C GLU A 105 -9.15 -19.31 -4.67
N PRO A 1 -11.14 -4.37 -10.66
CA PRO A 1 -11.93 -4.43 -9.43
C PRO A 1 -12.12 -3.05 -8.80
N LEU A 2 -12.66 -3.04 -7.58
CA LEU A 2 -12.90 -1.79 -6.87
C LEU A 2 -13.22 -2.05 -5.39
N THR A 3 -12.92 -1.08 -4.54
CA THR A 3 -13.19 -1.20 -3.11
C THR A 3 -13.93 0.02 -2.58
N ARG A 4 -14.66 -0.18 -1.48
CA ARG A 4 -15.43 0.90 -0.88
C ARG A 4 -14.50 1.86 -0.14
N PRO A 5 -15.00 3.09 0.11
CA PRO A 5 -14.23 4.13 0.81
C PRO A 5 -14.03 3.80 2.28
N TYR A 6 -13.07 2.92 2.56
CA TYR A 6 -12.78 2.53 3.94
C TYR A 6 -11.32 2.83 4.30
N LEU A 7 -11.14 3.53 5.41
CA LEU A 7 -9.80 3.90 5.87
C LEU A 7 -9.47 3.21 7.19
N GLY A 8 -8.38 2.45 7.19
CA GLY A 8 -7.98 1.76 8.40
C GLY A 8 -6.54 2.06 8.80
N PHE A 9 -6.03 3.19 8.32
CA PHE A 9 -4.66 3.58 8.62
C PHE A 9 -4.49 5.10 8.50
N ARG A 10 -3.39 5.61 9.05
CA ARG A 10 -3.11 7.05 8.99
C ARG A 10 -1.89 7.33 8.14
N VAL A 11 -1.85 8.53 7.57
CA VAL A 11 -0.72 8.93 6.72
C VAL A 11 -0.27 10.35 7.05
N ALA A 12 1.03 10.54 7.15
CA ALA A 12 1.60 11.85 7.44
C ALA A 12 2.47 12.35 6.30
N VAL A 13 2.12 13.52 5.76
CA VAL A 13 2.88 14.11 4.66
C VAL A 13 4.13 14.81 5.17
N GLY A 14 5.27 14.47 4.60
CA GLY A 14 6.53 15.08 5.00
C GLY A 14 7.56 15.07 3.90
N ARG A 15 8.83 15.11 4.29
CA ARG A 15 9.93 15.11 3.32
C ARG A 15 11.00 14.10 3.71
N ASP A 16 11.51 13.38 2.73
CA ASP A 16 12.55 12.38 2.97
C ASP A 16 13.93 12.93 2.63
N SER A 17 14.95 12.08 2.74
CA SER A 17 16.31 12.49 2.45
C SER A 17 16.44 12.99 1.01
N SER A 18 15.56 12.50 0.14
CA SER A 18 15.58 12.89 -1.26
C SER A 18 14.74 14.14 -1.49
N GLY A 19 13.58 14.20 -0.84
CA GLY A 19 12.70 15.35 -0.98
C GLY A 19 11.73 15.20 -2.13
N CYS A 20 10.99 14.10 -2.14
CA CYS A 20 10.02 13.84 -3.20
C CYS A 20 8.59 13.86 -2.65
N THR A 21 8.45 14.31 -1.40
CA THR A 21 7.15 14.37 -0.77
C THR A 21 6.50 13.00 -0.70
N THR A 22 6.60 12.36 0.46
CA THR A 22 6.01 11.04 0.66
C THR A 22 5.18 10.99 1.93
N LEU A 23 4.49 9.87 2.15
CA LEU A 23 3.65 9.69 3.33
C LEU A 23 3.97 8.39 4.03
N SER A 24 4.37 8.47 5.30
CA SER A 24 4.70 7.28 6.07
C SER A 24 3.45 6.69 6.71
N ILE A 25 3.42 5.37 6.80
CA ILE A 25 2.28 4.66 7.39
C ILE A 25 2.50 4.41 8.88
N GLN A 26 1.48 4.72 9.68
CA GLN A 26 1.56 4.53 11.13
C GLN A 26 0.73 3.33 11.56
N GLU A 27 -0.25 2.97 10.73
CA GLU A 27 -1.12 1.83 11.04
C GLU A 27 -0.99 0.75 9.98
N VAL A 28 -1.89 -0.24 10.04
CA VAL A 28 -1.88 -1.33 9.08
C VAL A 28 -3.19 -1.40 8.30
N THR A 29 -3.09 -1.32 6.98
CA THR A 29 -4.27 -1.37 6.12
C THR A 29 -4.21 -2.58 5.18
N GLN A 30 -3.03 -3.18 5.08
CA GLN A 30 -2.85 -4.34 4.21
C GLN A 30 -3.48 -5.58 4.83
N THR A 31 -3.88 -5.47 6.09
CA THR A 31 -4.51 -6.59 6.79
C THR A 31 -6.03 -6.48 6.76
N TYR A 32 -6.53 -5.66 5.86
CA TYR A 32 -7.97 -5.47 5.72
C TYR A 32 -8.44 -5.79 4.31
N THR A 33 -9.68 -6.26 4.19
CA THR A 33 -10.25 -6.61 2.90
C THR A 33 -11.77 -6.65 2.96
N GLY A 34 -12.41 -6.44 1.81
CA GLY A 34 -13.86 -6.46 1.76
C GLY A 34 -14.38 -6.60 0.33
N SER A 35 -13.69 -5.97 -0.61
CA SER A 35 -14.10 -6.02 -2.01
C SER A 35 -13.17 -6.93 -2.81
N ASN A 36 -13.72 -7.56 -3.84
CA ASN A 36 -12.95 -8.47 -4.69
C ASN A 36 -12.29 -9.57 -3.85
N GLY A 37 -12.94 -9.92 -2.74
CA GLY A 37 -12.39 -10.96 -1.88
C GLY A 37 -13.20 -11.11 -0.60
N GLY A 38 -13.14 -10.10 0.26
CA GLY A 38 -13.87 -10.16 1.52
C GLY A 38 -13.19 -11.03 2.54
N ALA A 39 -12.19 -10.49 3.23
CA ALA A 39 -11.47 -11.23 4.25
C ALA A 39 -10.38 -10.36 4.89
N ASP A 40 -10.74 -9.68 5.96
CA ASP A 40 -9.80 -8.81 6.67
C ASP A 40 -9.01 -9.61 7.71
N LEU A 41 -7.72 -9.77 7.46
CA LEU A 41 -6.85 -10.50 8.39
C LEU A 41 -5.39 -10.31 8.03
N MET A 42 -4.53 -11.18 8.55
CA MET A 42 -3.09 -11.10 8.28
C MET A 42 -2.64 -12.30 7.46
N GLY A 43 -2.25 -12.05 6.22
CA GLY A 43 -1.78 -13.13 5.36
C GLY A 43 -1.05 -12.61 4.14
N PRO A 44 -1.80 -11.98 3.22
CA PRO A 44 -1.25 -11.43 1.98
C PRO A 44 -0.36 -10.22 2.23
N ALA A 45 -0.54 -9.58 3.39
CA ALA A 45 0.25 -8.41 3.75
C ALA A 45 1.62 -8.82 4.28
N PHE A 46 1.63 -9.79 5.19
CA PHE A 46 2.89 -10.27 5.77
C PHE A 46 3.75 -10.94 4.71
N ALA A 47 3.11 -11.43 3.66
CA ALA A 47 3.82 -12.10 2.58
C ALA A 47 4.78 -11.15 1.86
N ALA A 48 4.41 -9.86 1.84
CA ALA A 48 5.22 -8.85 1.18
C ALA A 48 6.07 -8.09 2.20
N GLY A 49 5.62 -8.09 3.45
CA GLY A 49 6.34 -7.40 4.50
C GLY A 49 5.81 -6.00 4.75
N LEU A 50 4.61 -5.73 4.24
CA LEU A 50 3.98 -4.42 4.39
C LEU A 50 3.61 -4.17 5.85
N ARG A 51 4.30 -3.22 6.48
CA ARG A 51 4.03 -2.89 7.88
C ARG A 51 4.18 -1.39 8.11
N VAL A 52 3.92 -0.97 9.34
CA VAL A 52 4.02 0.44 9.70
C VAL A 52 5.45 0.94 9.56
N GLY A 53 5.62 2.06 8.85
CA GLY A 53 6.94 2.62 8.66
C GLY A 53 7.27 2.83 7.19
N ASP A 54 7.22 1.75 6.42
CA ASP A 54 7.52 1.81 4.99
C ASP A 54 6.47 2.63 4.26
N GLN A 55 6.92 3.40 3.26
CA GLN A 55 6.01 4.24 2.49
C GLN A 55 5.67 3.57 1.16
N LEU A 56 4.40 3.67 0.77
CA LEU A 56 3.93 3.07 -0.49
C LEU A 56 3.56 4.15 -1.49
N VAL A 57 4.21 4.13 -2.65
CA VAL A 57 3.94 5.11 -3.71
C VAL A 57 3.46 4.42 -4.98
N ARG A 58 4.11 3.31 -5.33
CA ARG A 58 3.75 2.55 -6.53
C ARG A 58 3.72 3.47 -7.75
N PHE A 59 4.54 4.51 -7.73
CA PHE A 59 4.60 5.46 -8.83
C PHE A 59 6.03 5.91 -9.08
N ALA A 60 6.35 6.19 -10.35
CA ALA A 60 7.69 6.63 -10.72
C ALA A 60 7.93 8.08 -10.31
N GLY A 61 8.69 8.27 -9.25
CA GLY A 61 8.98 9.62 -8.78
C GLY A 61 8.94 9.72 -7.26
N TYR A 62 8.49 8.66 -6.61
CA TYR A 62 8.39 8.63 -5.15
C TYR A 62 7.48 9.74 -4.65
N THR A 63 6.39 9.97 -5.38
CA THR A 63 5.43 11.00 -5.01
C THR A 63 4.09 10.39 -4.57
N VAL A 64 3.54 10.92 -3.49
CA VAL A 64 2.27 10.41 -2.97
C VAL A 64 1.38 11.56 -2.50
N THR A 65 0.07 11.32 -2.50
CA THR A 65 -0.89 12.33 -2.07
C THR A 65 -1.34 12.09 -0.63
N GLU A 66 -2.13 11.05 -0.42
CA GLU A 66 -2.62 10.72 0.91
C GLU A 66 -3.40 9.42 0.88
N LEU A 67 -4.03 9.09 2.02
CA LEU A 67 -4.82 7.86 2.12
C LEU A 67 -5.87 7.80 1.03
N ALA A 68 -6.30 8.96 0.55
CA ALA A 68 -7.31 9.03 -0.50
C ALA A 68 -6.78 8.47 -1.81
N ALA A 69 -5.54 8.82 -2.15
CA ALA A 69 -4.91 8.34 -3.38
C ALA A 69 -4.70 6.83 -3.33
N PHE A 70 -4.39 6.32 -2.13
CA PHE A 70 -4.15 4.90 -1.96
C PHE A 70 -5.43 4.10 -2.14
N ASN A 71 -6.56 4.69 -1.72
CA ASN A 71 -7.85 4.04 -1.85
C ASN A 71 -8.18 3.73 -3.30
N THR A 72 -7.73 4.59 -4.21
CA THR A 72 -7.97 4.41 -5.63
C THR A 72 -7.11 3.28 -6.19
N VAL A 73 -5.84 3.24 -5.76
CA VAL A 73 -4.92 2.22 -6.23
C VAL A 73 -5.28 0.86 -5.65
N VAL A 74 -5.51 0.81 -4.34
CA VAL A 74 -5.87 -0.43 -3.67
C VAL A 74 -7.14 -1.04 -4.26
N ALA A 75 -8.05 -0.18 -4.70
CA ALA A 75 -9.30 -0.64 -5.30
C ALA A 75 -9.04 -1.46 -6.56
N ARG A 76 -8.14 -0.97 -7.40
CA ARG A 76 -7.80 -1.66 -8.64
C ARG A 76 -6.75 -2.73 -8.39
N HIS A 77 -6.02 -2.60 -7.29
CA HIS A 77 -4.98 -3.56 -6.94
C HIS A 77 -5.59 -4.83 -6.35
N VAL A 78 -6.50 -4.66 -5.39
CA VAL A 78 -7.16 -5.80 -4.76
C VAL A 78 -7.65 -6.80 -5.80
N ARG A 79 -7.01 -7.95 -5.86
CA ARG A 79 -7.38 -9.00 -6.81
C ARG A 79 -6.94 -10.37 -6.30
N PRO A 80 -7.56 -11.42 -6.85
CA PRO A 80 -7.26 -12.81 -6.48
C PRO A 80 -5.88 -13.24 -6.96
N SER A 81 -4.93 -13.30 -6.03
CA SER A 81 -3.57 -13.70 -6.36
C SER A 81 -2.95 -12.76 -7.38
N ALA A 82 -3.22 -11.46 -7.23
CA ALA A 82 -2.70 -10.45 -8.14
C ALA A 82 -1.33 -9.96 -7.68
N SER A 83 -0.27 -10.51 -8.25
CA SER A 83 1.08 -10.13 -7.90
C SER A 83 1.57 -8.99 -8.78
N ILE A 84 1.80 -7.83 -8.16
CA ILE A 84 2.27 -6.67 -8.89
C ILE A 84 3.41 -5.97 -8.15
N PRO A 85 4.47 -5.63 -8.89
CA PRO A 85 5.65 -4.96 -8.32
C PRO A 85 5.35 -3.51 -7.91
N VAL A 86 5.56 -3.21 -6.63
CA VAL A 86 5.32 -1.87 -6.12
C VAL A 86 6.62 -1.21 -5.66
N VAL A 87 6.71 0.10 -5.86
CA VAL A 87 7.89 0.86 -5.47
C VAL A 87 7.78 1.36 -4.04
N PHE A 88 8.77 1.03 -3.22
CA PHE A 88 8.78 1.45 -1.82
C PHE A 88 9.97 2.36 -1.53
N SER A 89 9.82 3.23 -0.55
CA SER A 89 10.87 4.16 -0.17
C SER A 89 11.05 4.22 1.34
N ARG A 90 12.30 4.25 1.78
CA ARG A 90 12.61 4.28 3.20
C ARG A 90 13.51 5.47 3.53
N ASP A 91 12.92 6.55 4.03
CA ASP A 91 13.66 7.75 4.38
C ASP A 91 14.36 8.33 3.16
N GLY A 92 13.76 8.14 1.99
CA GLY A 92 14.34 8.65 0.76
C GLY A 92 15.06 7.58 -0.03
N VAL A 93 15.25 6.42 0.59
CA VAL A 93 15.94 5.31 -0.06
C VAL A 93 15.12 4.77 -1.24
N VAL A 94 15.80 4.42 -2.32
CA VAL A 94 15.16 3.89 -3.51
C VAL A 94 15.31 2.38 -3.60
N MET A 95 14.20 1.67 -3.47
CA MET A 95 14.21 0.21 -3.54
C MET A 95 12.95 -0.32 -4.21
N SER A 96 13.03 -1.54 -4.73
CA SER A 96 11.89 -2.15 -5.40
C SER A 96 11.61 -3.54 -4.83
N ALA A 97 10.35 -3.79 -4.50
CA ALA A 97 9.94 -5.08 -3.95
C ALA A 97 8.58 -5.51 -4.48
N THR A 98 8.44 -6.78 -4.80
CA THR A 98 7.19 -7.32 -5.33
C THR A 98 6.25 -7.71 -4.20
N ILE A 99 5.02 -7.17 -4.25
CA ILE A 99 4.02 -7.47 -3.23
C ILE A 99 2.84 -8.24 -3.83
N VAL A 100 2.53 -9.38 -3.23
CA VAL A 100 1.42 -10.21 -3.68
C VAL A 100 0.19 -10.02 -2.81
N VAL A 101 -0.86 -9.43 -3.38
CA VAL A 101 -2.09 -9.19 -2.66
C VAL A 101 -3.16 -10.21 -3.04
N GLY A 102 -3.38 -11.18 -2.17
CA GLY A 102 -4.38 -12.21 -2.44
C GLY A 102 -5.50 -12.20 -1.42
N GLU A 103 -6.69 -11.80 -1.87
CA GLU A 103 -7.85 -11.74 -0.98
C GLU A 103 -8.59 -13.08 -0.97
N LEU A 104 -8.27 -13.93 -1.94
CA LEU A 104 -8.90 -15.24 -2.05
C LEU A 104 -7.90 -16.29 -2.50
N GLU A 105 -7.31 -16.99 -1.55
CA GLU A 105 -6.33 -18.04 -1.86
C GLU A 105 -7.03 -19.32 -2.31
N PRO A 1 -12.40 -5.72 -10.47
CA PRO A 1 -12.92 -5.60 -9.11
C PRO A 1 -12.94 -4.15 -8.62
N LEU A 2 -13.36 -3.96 -7.38
CA LEU A 2 -13.43 -2.62 -6.79
C LEU A 2 -13.93 -2.68 -5.36
N THR A 3 -13.55 -1.68 -4.57
CA THR A 3 -13.96 -1.61 -3.17
C THR A 3 -14.55 -0.26 -2.82
N ARG A 4 -15.19 -0.17 -1.67
CA ARG A 4 -15.80 1.09 -1.22
C ARG A 4 -14.76 2.00 -0.59
N PRO A 5 -15.08 3.30 -0.51
CA PRO A 5 -14.19 4.30 0.08
C PRO A 5 -14.06 4.14 1.59
N TYR A 6 -13.22 3.21 2.01
CA TYR A 6 -13.00 2.95 3.43
C TYR A 6 -11.52 3.07 3.78
N LEU A 7 -11.23 3.78 4.87
CA LEU A 7 -9.86 3.96 5.31
C LEU A 7 -9.63 3.29 6.67
N GLY A 8 -8.58 2.47 6.74
CA GLY A 8 -8.26 1.78 7.97
C GLY A 8 -6.83 2.00 8.41
N PHE A 9 -6.29 3.18 8.11
CA PHE A 9 -4.92 3.52 8.48
C PHE A 9 -4.73 5.02 8.50
N ARG A 10 -3.58 5.46 9.03
CA ARG A 10 -3.27 6.88 9.12
C ARG A 10 -2.07 7.23 8.23
N VAL A 11 -2.05 8.46 7.76
CA VAL A 11 -0.97 8.93 6.89
C VAL A 11 -0.47 10.30 7.32
N ALA A 12 0.84 10.50 7.26
CA ALA A 12 1.44 11.78 7.64
C ALA A 12 2.27 12.35 6.50
N VAL A 13 1.92 13.55 6.06
CA VAL A 13 2.64 14.21 4.97
C VAL A 13 3.88 14.93 5.49
N GLY A 14 5.00 14.74 4.80
CA GLY A 14 6.24 15.37 5.21
C GLY A 14 7.30 15.33 4.12
N ARG A 15 8.56 15.41 4.52
CA ARG A 15 9.67 15.39 3.57
C ARG A 15 10.75 14.41 4.03
N ASP A 16 11.40 13.76 3.07
CA ASP A 16 12.45 12.80 3.37
C ASP A 16 13.82 13.44 3.20
N SER A 17 14.88 12.64 3.38
CA SER A 17 16.24 13.13 3.25
C SER A 17 16.54 13.51 1.81
N SER A 18 15.83 12.88 0.87
CA SER A 18 16.03 13.15 -0.55
C SER A 18 15.28 14.42 -0.96
N GLY A 19 13.96 14.38 -0.82
CA GLY A 19 13.15 15.53 -1.19
C GLY A 19 12.28 15.26 -2.41
N CYS A 20 11.50 14.19 -2.35
CA CYS A 20 10.63 13.82 -3.47
C CYS A 20 9.16 13.97 -3.08
N THR A 21 8.92 14.59 -1.93
CA THR A 21 7.56 14.79 -1.44
C THR A 21 6.79 13.48 -1.42
N THR A 22 6.90 12.74 -0.32
CA THR A 22 6.20 11.47 -0.18
C THR A 22 5.62 11.31 1.22
N LEU A 23 4.60 10.47 1.34
CA LEU A 23 3.95 10.22 2.62
C LEU A 23 4.41 8.90 3.23
N SER A 24 4.24 8.76 4.54
CA SER A 24 4.63 7.55 5.23
C SER A 24 3.43 6.89 5.91
N ILE A 25 3.49 5.57 6.05
CA ILE A 25 2.41 4.83 6.68
C ILE A 25 2.70 4.57 8.16
N GLN A 26 1.71 4.80 9.01
CA GLN A 26 1.86 4.60 10.44
C GLN A 26 1.05 3.40 10.91
N GLU A 27 0.02 3.03 10.13
CA GLU A 27 -0.83 1.91 10.47
C GLU A 27 -0.70 0.80 9.42
N VAL A 28 -1.61 -0.18 9.49
CA VAL A 28 -1.60 -1.29 8.56
C VAL A 28 -2.85 -1.28 7.68
N THR A 29 -2.66 -1.26 6.37
CA THR A 29 -3.77 -1.26 5.43
C THR A 29 -3.74 -2.48 4.53
N GLN A 30 -2.65 -3.22 4.58
CA GLN A 30 -2.50 -4.42 3.77
C GLN A 30 -3.10 -5.63 4.47
N THR A 31 -3.73 -5.39 5.61
CA THR A 31 -4.36 -6.45 6.39
C THR A 31 -5.87 -6.32 6.39
N TYR A 32 -6.39 -5.56 5.43
CA TYR A 32 -7.83 -5.35 5.32
C TYR A 32 -8.35 -5.83 3.97
N THR A 33 -9.57 -6.34 3.95
CA THR A 33 -10.18 -6.83 2.72
C THR A 33 -11.71 -6.94 2.86
N GLY A 34 -12.40 -6.98 1.73
CA GLY A 34 -13.85 -7.07 1.75
C GLY A 34 -14.43 -7.22 0.37
N SER A 35 -13.79 -6.60 -0.62
CA SER A 35 -14.26 -6.66 -2.00
C SER A 35 -13.39 -7.60 -2.83
N ASN A 36 -14.04 -8.43 -3.64
CA ASN A 36 -13.32 -9.37 -4.49
C ASN A 36 -12.30 -10.17 -3.68
N GLY A 37 -12.61 -10.38 -2.40
CA GLY A 37 -11.71 -11.13 -1.54
C GLY A 37 -12.36 -11.53 -0.23
N GLY A 38 -12.82 -10.53 0.53
CA GLY A 38 -13.47 -10.81 1.81
C GLY A 38 -12.59 -11.64 2.72
N ALA A 39 -11.71 -10.98 3.45
CA ALA A 39 -10.81 -11.67 4.37
C ALA A 39 -9.89 -10.67 5.09
N ASP A 40 -10.48 -9.72 5.80
CA ASP A 40 -9.72 -8.72 6.52
C ASP A 40 -8.98 -9.35 7.69
N LEU A 41 -7.65 -9.39 7.59
CA LEU A 41 -6.82 -9.96 8.65
C LEU A 41 -5.34 -9.86 8.29
N MET A 42 -4.50 -10.59 9.03
CA MET A 42 -3.07 -10.59 8.78
C MET A 42 -2.59 -11.95 8.27
N GLY A 43 -2.15 -11.98 7.02
CA GLY A 43 -1.68 -13.23 6.44
C GLY A 43 -0.90 -13.00 5.16
N PRO A 44 -1.59 -12.59 4.09
CA PRO A 44 -0.98 -12.33 2.79
C PRO A 44 -0.09 -11.10 2.81
N ALA A 45 -0.25 -10.26 3.82
CA ALA A 45 0.54 -9.04 3.95
C ALA A 45 1.97 -9.36 4.40
N PHE A 46 2.07 -10.26 5.38
CA PHE A 46 3.38 -10.65 5.90
C PHE A 46 4.19 -11.39 4.84
N ALA A 47 3.52 -11.87 3.81
CA ALA A 47 4.17 -12.59 2.73
C ALA A 47 5.14 -11.69 1.97
N ALA A 48 4.74 -10.43 1.78
CA ALA A 48 5.58 -9.47 1.07
C ALA A 48 6.40 -8.63 2.05
N GLY A 49 5.93 -8.56 3.29
CA GLY A 49 6.64 -7.79 4.30
C GLY A 49 6.04 -6.40 4.49
N LEU A 50 4.83 -6.21 4.00
CA LEU A 50 4.15 -4.92 4.13
C LEU A 50 3.77 -4.65 5.58
N ARG A 51 4.43 -3.66 6.18
CA ARG A 51 4.17 -3.29 7.56
C ARG A 51 4.26 -1.78 7.75
N VAL A 52 4.01 -1.32 8.97
CA VAL A 52 4.07 0.10 9.28
C VAL A 52 5.50 0.62 9.25
N GLY A 53 5.71 1.75 8.60
CA GLY A 53 7.04 2.32 8.52
C GLY A 53 7.51 2.50 7.08
N ASP A 54 6.85 1.79 6.17
CA ASP A 54 7.21 1.87 4.74
C ASP A 54 6.32 2.87 4.02
N GLN A 55 6.95 3.87 3.40
CA GLN A 55 6.22 4.89 2.67
C GLN A 55 5.59 4.32 1.40
N LEU A 56 4.27 4.22 1.39
CA LEU A 56 3.54 3.69 0.24
C LEU A 56 3.49 4.71 -0.88
N VAL A 57 4.19 4.44 -1.97
CA VAL A 57 4.20 5.35 -3.12
C VAL A 57 3.49 4.73 -4.31
N ARG A 58 3.95 3.57 -4.75
CA ARG A 58 3.36 2.87 -5.89
C ARG A 58 3.23 3.80 -7.09
N PHE A 59 4.14 4.77 -7.17
CA PHE A 59 4.13 5.73 -8.28
C PHE A 59 5.55 6.07 -8.70
N ALA A 60 5.74 6.28 -10.00
CA ALA A 60 7.06 6.62 -10.54
C ALA A 60 7.45 8.05 -10.17
N GLY A 61 8.39 8.18 -9.26
CA GLY A 61 8.84 9.49 -8.83
C GLY A 61 9.04 9.58 -7.33
N TYR A 62 8.68 8.51 -6.62
CA TYR A 62 8.82 8.48 -5.18
C TYR A 62 7.96 9.57 -4.52
N THR A 63 6.78 9.80 -5.08
CA THR A 63 5.88 10.81 -4.55
C THR A 63 4.53 10.21 -4.16
N VAL A 64 3.82 10.89 -3.27
CA VAL A 64 2.52 10.42 -2.81
C VAL A 64 1.56 11.58 -2.61
N THR A 65 0.26 11.29 -2.70
CA THR A 65 -0.77 12.31 -2.52
C THR A 65 -1.40 12.22 -1.14
N GLU A 66 -2.15 11.15 -0.91
CA GLU A 66 -2.81 10.94 0.37
C GLU A 66 -3.44 9.56 0.45
N LEU A 67 -4.11 9.27 1.56
CA LEU A 67 -4.75 7.97 1.76
C LEU A 67 -5.67 7.64 0.60
N ALA A 68 -6.23 8.67 -0.02
CA ALA A 68 -7.14 8.49 -1.15
C ALA A 68 -6.41 7.91 -2.35
N ALA A 69 -5.15 8.32 -2.53
CA ALA A 69 -4.35 7.84 -3.65
C ALA A 69 -4.00 6.36 -3.48
N PHE A 70 -3.81 5.95 -2.23
CA PHE A 70 -3.49 4.55 -1.93
C PHE A 70 -4.75 3.68 -1.92
N ASN A 71 -5.87 4.30 -1.57
CA ASN A 71 -7.14 3.59 -1.51
C ASN A 71 -7.66 3.28 -2.92
N THR A 72 -7.51 4.25 -3.81
CA THR A 72 -7.98 4.08 -5.18
C THR A 72 -7.17 3.01 -5.91
N VAL A 73 -5.87 3.00 -5.68
CA VAL A 73 -4.98 2.03 -6.32
C VAL A 73 -5.21 0.63 -5.74
N VAL A 74 -5.41 0.57 -4.43
CA VAL A 74 -5.64 -0.70 -3.76
C VAL A 74 -6.96 -1.33 -4.20
N ALA A 75 -7.99 -0.49 -4.33
CA ALA A 75 -9.30 -0.95 -4.75
C ALA A 75 -9.23 -1.69 -6.09
N ARG A 76 -8.49 -1.10 -7.03
CA ARG A 76 -8.34 -1.69 -8.36
C ARG A 76 -7.32 -2.83 -8.33
N HIS A 77 -6.40 -2.77 -7.38
CA HIS A 77 -5.37 -3.80 -7.25
C HIS A 77 -5.94 -5.06 -6.59
N VAL A 78 -6.97 -4.88 -5.77
CA VAL A 78 -7.59 -5.99 -5.08
C VAL A 78 -8.02 -7.08 -6.07
N ARG A 79 -7.28 -8.18 -6.08
CA ARG A 79 -7.58 -9.29 -6.98
C ARG A 79 -7.05 -10.60 -6.42
N PRO A 80 -7.64 -11.72 -6.86
CA PRO A 80 -7.25 -13.06 -6.41
C PRO A 80 -5.88 -13.46 -6.93
N SER A 81 -4.90 -13.54 -6.02
CA SER A 81 -3.54 -13.91 -6.39
C SER A 81 -2.96 -12.93 -7.40
N ALA A 82 -3.25 -11.64 -7.20
CA ALA A 82 -2.75 -10.60 -8.09
C ALA A 82 -1.46 -10.00 -7.55
N SER A 83 -0.37 -10.21 -8.28
CA SER A 83 0.93 -9.68 -7.88
C SER A 83 1.29 -8.43 -8.67
N ILE A 84 1.85 -7.44 -7.99
CA ILE A 84 2.23 -6.19 -8.64
C ILE A 84 3.41 -5.54 -7.92
N PRO A 85 4.43 -5.14 -8.70
CA PRO A 85 5.63 -4.50 -8.16
C PRO A 85 5.35 -3.09 -7.63
N VAL A 86 5.43 -2.94 -6.32
CA VAL A 86 5.19 -1.64 -5.68
C VAL A 86 6.50 -0.97 -5.30
N VAL A 87 6.51 0.36 -5.33
CA VAL A 87 7.70 1.13 -4.98
C VAL A 87 7.58 1.71 -3.57
N PHE A 88 8.62 1.50 -2.76
CA PHE A 88 8.63 2.01 -1.40
C PHE A 88 9.84 2.91 -1.16
N SER A 89 9.70 3.86 -0.25
CA SER A 89 10.79 4.78 0.08
C SER A 89 11.05 4.81 1.58
N ARG A 90 12.31 5.02 1.95
CA ARG A 90 12.69 5.08 3.36
C ARG A 90 13.70 6.19 3.60
N ASP A 91 13.21 7.33 4.10
CA ASP A 91 14.06 8.47 4.37
C ASP A 91 14.75 8.96 3.11
N GLY A 92 14.08 8.78 1.96
CA GLY A 92 14.65 9.21 0.69
C GLY A 92 15.27 8.06 -0.08
N VAL A 93 15.41 6.91 0.58
CA VAL A 93 15.98 5.73 -0.06
C VAL A 93 15.08 5.21 -1.18
N VAL A 94 15.70 4.72 -2.25
CA VAL A 94 14.96 4.20 -3.38
C VAL A 94 15.07 2.68 -3.46
N MET A 95 13.97 1.99 -3.24
CA MET A 95 13.94 0.53 -3.29
C MET A 95 12.68 0.03 -3.99
N SER A 96 12.74 -1.20 -4.49
CA SER A 96 11.61 -1.81 -5.19
C SER A 96 11.45 -3.27 -4.80
N ALA A 97 10.22 -3.64 -4.44
CA ALA A 97 9.94 -5.02 -4.05
C ALA A 97 8.56 -5.45 -4.55
N THR A 98 8.48 -6.69 -5.03
CA THR A 98 7.22 -7.23 -5.54
C THR A 98 6.36 -7.79 -4.41
N ILE A 99 5.13 -7.30 -4.32
CA ILE A 99 4.21 -7.75 -3.28
C ILE A 99 3.01 -8.47 -3.90
N VAL A 100 2.77 -9.69 -3.43
CA VAL A 100 1.65 -10.49 -3.93
C VAL A 100 0.54 -10.58 -2.89
N VAL A 101 -0.61 -9.99 -3.21
CA VAL A 101 -1.75 -10.01 -2.30
C VAL A 101 -2.79 -11.04 -2.74
N GLY A 102 -3.17 -11.93 -1.83
CA GLY A 102 -4.16 -12.95 -2.15
C GLY A 102 -5.51 -12.67 -1.53
N GLU A 103 -6.49 -12.34 -2.36
CA GLU A 103 -7.83 -12.05 -1.88
C GLU A 103 -8.69 -13.31 -1.86
N LEU A 104 -8.38 -14.25 -2.75
CA LEU A 104 -9.12 -15.50 -2.83
C LEU A 104 -8.21 -16.64 -3.27
N GLU A 105 -8.23 -17.74 -2.52
CA GLU A 105 -7.41 -18.90 -2.84
C GLU A 105 -8.08 -19.76 -3.89
N PRO A 1 -13.05 -6.53 -10.07
CA PRO A 1 -13.49 -6.36 -8.68
C PRO A 1 -13.62 -4.89 -8.30
N LEU A 2 -14.03 -4.64 -7.06
CA LEU A 2 -14.19 -3.29 -6.56
C LEU A 2 -14.33 -3.28 -5.03
N THR A 3 -13.96 -2.16 -4.42
CA THR A 3 -14.04 -2.02 -2.97
C THR A 3 -14.76 -0.73 -2.59
N ARG A 4 -15.13 -0.63 -1.31
CA ARG A 4 -15.83 0.55 -0.82
C ARG A 4 -14.84 1.57 -0.26
N PRO A 5 -15.28 2.84 -0.14
CA PRO A 5 -14.46 3.92 0.38
C PRO A 5 -14.20 3.79 1.87
N TYR A 6 -13.27 2.90 2.22
CA TYR A 6 -12.92 2.67 3.61
C TYR A 6 -11.43 2.87 3.85
N LEU A 7 -11.08 3.35 5.03
CA LEU A 7 -9.68 3.59 5.38
C LEU A 7 -9.24 2.67 6.51
N GLY A 8 -8.12 1.98 6.32
CA GLY A 8 -7.61 1.08 7.32
C GLY A 8 -6.15 1.36 7.68
N PHE A 9 -5.77 2.64 7.61
CA PHE A 9 -4.41 3.03 7.92
C PHE A 9 -4.27 4.55 7.91
N ARG A 10 -3.13 5.05 8.40
CA ARG A 10 -2.88 6.48 8.45
C ARG A 10 -1.72 6.85 7.53
N VAL A 11 -1.77 8.06 6.98
CA VAL A 11 -0.73 8.54 6.08
C VAL A 11 -0.34 9.97 6.42
N ALA A 12 0.96 10.19 6.59
CA ALA A 12 1.47 11.52 6.92
C ALA A 12 2.44 12.01 5.84
N VAL A 13 2.11 13.15 5.25
CA VAL A 13 2.95 13.73 4.20
C VAL A 13 4.14 14.47 4.80
N GLY A 14 5.34 14.15 4.33
CA GLY A 14 6.54 14.79 4.81
C GLY A 14 7.67 14.78 3.80
N ARG A 15 8.89 14.94 4.28
CA ARG A 15 10.05 14.96 3.41
C ARG A 15 11.17 14.07 3.96
N ASP A 16 11.80 13.30 3.09
CA ASP A 16 12.87 12.41 3.49
C ASP A 16 14.24 13.03 3.20
N SER A 17 15.30 12.32 3.56
CA SER A 17 16.66 12.82 3.34
C SER A 17 16.88 13.16 1.88
N SER A 18 16.13 12.50 1.00
CA SER A 18 16.26 12.74 -0.43
C SER A 18 15.61 14.07 -0.82
N GLY A 19 14.44 14.34 -0.25
CA GLY A 19 13.75 15.58 -0.55
C GLY A 19 12.82 15.44 -1.74
N CYS A 20 12.07 14.34 -1.79
CA CYS A 20 11.14 14.09 -2.88
C CYS A 20 9.70 14.11 -2.38
N THR A 21 9.51 14.55 -1.14
CA THR A 21 8.19 14.61 -0.54
C THR A 21 7.48 13.26 -0.63
N THR A 22 7.71 12.42 0.38
CA THR A 22 7.09 11.10 0.42
C THR A 22 6.12 10.97 1.59
N LEU A 23 5.36 9.87 1.61
CA LEU A 23 4.39 9.64 2.68
C LEU A 23 4.68 8.32 3.39
N SER A 24 4.89 8.40 4.69
CA SER A 24 5.17 7.22 5.50
C SER A 24 3.89 6.63 6.09
N ILE A 25 3.79 5.31 6.07
CA ILE A 25 2.61 4.63 6.61
C ILE A 25 2.84 4.20 8.06
N GLN A 26 1.88 4.53 8.93
CA GLN A 26 1.98 4.17 10.34
C GLN A 26 1.23 2.88 10.62
N GLU A 27 0.19 2.60 9.84
CA GLU A 27 -0.60 1.39 10.01
C GLU A 27 -0.39 0.44 8.84
N VAL A 28 -1.23 -0.60 8.77
CA VAL A 28 -1.14 -1.58 7.71
C VAL A 28 -2.44 -1.65 6.91
N THR A 29 -2.32 -1.68 5.58
CA THR A 29 -3.49 -1.75 4.71
C THR A 29 -3.57 -3.09 4.00
N GLN A 30 -2.43 -3.77 3.91
CA GLN A 30 -2.38 -5.07 3.25
C GLN A 30 -3.00 -6.16 4.13
N THR A 31 -3.33 -5.79 5.36
CA THR A 31 -3.94 -6.73 6.31
C THR A 31 -5.45 -6.54 6.37
N TYR A 32 -6.01 -5.88 5.36
CA TYR A 32 -7.44 -5.64 5.29
C TYR A 32 -8.04 -6.25 4.02
N THR A 33 -9.27 -6.73 4.13
CA THR A 33 -9.96 -7.33 3.00
C THR A 33 -11.46 -7.40 3.24
N GLY A 34 -12.22 -7.59 2.16
CA GLY A 34 -13.67 -7.67 2.28
C GLY A 34 -14.36 -7.65 0.93
N SER A 35 -13.71 -7.05 -0.06
CA SER A 35 -14.27 -6.95 -1.39
C SER A 35 -13.52 -7.86 -2.36
N ASN A 36 -14.26 -8.77 -3.01
CA ASN A 36 -13.66 -9.69 -3.96
C ASN A 36 -12.44 -10.39 -3.36
N GLY A 37 -12.55 -10.76 -2.08
CA GLY A 37 -11.46 -11.43 -1.40
C GLY A 37 -11.93 -12.28 -0.24
N GLY A 38 -12.28 -11.63 0.86
CA GLY A 38 -12.75 -12.35 2.03
C GLY A 38 -13.00 -11.44 3.22
N ALA A 39 -11.93 -11.11 3.94
CA ALA A 39 -12.04 -10.24 5.10
C ALA A 39 -10.66 -9.81 5.60
N ASP A 40 -10.64 -8.83 6.49
CA ASP A 40 -9.38 -8.34 7.06
C ASP A 40 -8.75 -9.39 7.95
N LEU A 41 -7.46 -9.62 7.75
CA LEU A 41 -6.72 -10.61 8.55
C LEU A 41 -5.23 -10.49 8.30
N MET A 42 -4.47 -11.47 8.81
CA MET A 42 -3.02 -11.47 8.64
C MET A 42 -2.58 -12.65 7.78
N GLY A 43 -1.77 -12.38 6.77
CA GLY A 43 -1.28 -13.42 5.90
C GLY A 43 -0.54 -12.88 4.68
N PRO A 44 -1.29 -12.24 3.77
CA PRO A 44 -0.73 -11.67 2.54
C PRO A 44 0.14 -10.45 2.84
N ALA A 45 -0.15 -9.77 3.94
CA ALA A 45 0.60 -8.58 4.33
C ALA A 45 2.05 -8.92 4.64
N PHE A 46 2.25 -9.98 5.40
CA PHE A 46 3.59 -10.41 5.78
C PHE A 46 4.24 -11.20 4.65
N ALA A 47 3.41 -11.66 3.70
CA ALA A 47 3.91 -12.43 2.57
C ALA A 47 4.83 -11.59 1.69
N ALA A 48 4.50 -10.31 1.54
CA ALA A 48 5.31 -9.41 0.73
C ALA A 48 6.27 -8.60 1.61
N GLY A 49 5.94 -8.48 2.89
CA GLY A 49 6.78 -7.72 3.80
C GLY A 49 6.16 -6.41 4.21
N LEU A 50 4.86 -6.26 3.96
CA LEU A 50 4.15 -5.04 4.30
C LEU A 50 4.02 -4.89 5.81
N ARG A 51 4.71 -3.88 6.37
CA ARG A 51 4.68 -3.63 7.80
C ARG A 51 4.69 -2.14 8.08
N VAL A 52 4.33 -1.76 9.31
CA VAL A 52 4.29 -0.37 9.71
C VAL A 52 5.71 0.18 9.90
N GLY A 53 5.97 1.35 9.30
CA GLY A 53 7.27 1.97 9.41
C GLY A 53 7.84 2.37 8.07
N ASP A 54 7.71 1.50 7.08
CA ASP A 54 8.22 1.77 5.74
C ASP A 54 7.29 2.73 5.00
N GLN A 55 7.84 3.46 4.03
CA GLN A 55 7.06 4.42 3.26
C GLN A 55 6.51 3.76 2.00
N LEU A 56 5.25 4.06 1.68
CA LEU A 56 4.61 3.50 0.49
C LEU A 56 4.19 4.60 -0.47
N VAL A 57 4.77 4.59 -1.67
CA VAL A 57 4.45 5.59 -2.68
C VAL A 57 3.85 4.94 -3.92
N ARG A 58 4.42 3.81 -4.32
CA ARG A 58 3.94 3.09 -5.50
C ARG A 58 3.82 4.03 -6.71
N PHE A 59 4.67 5.04 -6.74
CA PHE A 59 4.67 6.01 -7.83
C PHE A 59 6.09 6.42 -8.21
N ALA A 60 6.31 6.68 -9.49
CA ALA A 60 7.62 7.08 -9.97
C ALA A 60 7.92 8.53 -9.62
N GLY A 61 8.78 8.73 -8.62
CA GLY A 61 9.14 10.06 -8.19
C GLY A 61 9.08 10.23 -6.68
N TYR A 62 8.70 9.16 -6.00
CA TYR A 62 8.60 9.19 -4.54
C TYR A 62 7.60 10.25 -4.08
N THR A 63 6.50 10.37 -4.83
CA THR A 63 5.46 11.35 -4.50
C THR A 63 4.14 10.65 -4.20
N VAL A 64 3.35 11.25 -3.31
CA VAL A 64 2.05 10.70 -2.95
C VAL A 64 1.03 11.81 -2.68
N THR A 65 -0.24 11.48 -2.84
CA THR A 65 -1.31 12.45 -2.63
C THR A 65 -1.89 12.32 -1.22
N GLU A 66 -2.56 11.21 -0.96
CA GLU A 66 -3.17 10.97 0.34
C GLU A 66 -3.89 9.62 0.37
N LEU A 67 -4.50 9.31 1.51
CA LEU A 67 -5.22 8.06 1.66
C LEU A 67 -6.28 7.90 0.57
N ALA A 68 -6.77 9.02 0.05
CA ALA A 68 -7.78 9.01 -0.99
C ALA A 68 -7.21 8.42 -2.29
N ALA A 69 -5.96 8.78 -2.60
CA ALA A 69 -5.31 8.30 -3.81
C ALA A 69 -5.04 6.79 -3.72
N PHE A 70 -4.74 6.32 -2.51
CA PHE A 70 -4.46 4.91 -2.29
C PHE A 70 -5.76 4.11 -2.21
N ASN A 71 -6.80 4.74 -1.69
CA ASN A 71 -8.10 4.08 -1.55
C ASN A 71 -8.63 3.63 -2.90
N THR A 72 -8.53 4.50 -3.90
CA THR A 72 -8.99 4.19 -5.24
C THR A 72 -8.14 3.11 -5.89
N VAL A 73 -6.85 3.14 -5.59
CA VAL A 73 -5.91 2.16 -6.15
C VAL A 73 -6.16 0.77 -5.55
N VAL A 74 -6.41 0.74 -4.24
CA VAL A 74 -6.66 -0.52 -3.55
C VAL A 74 -7.84 -1.26 -4.17
N ALA A 75 -8.85 -0.51 -4.58
CA ALA A 75 -10.04 -1.09 -5.19
C ALA A 75 -9.70 -1.84 -6.47
N ARG A 76 -8.85 -1.23 -7.30
CA ARG A 76 -8.44 -1.84 -8.56
C ARG A 76 -7.35 -2.89 -8.32
N HIS A 77 -6.61 -2.73 -7.22
CA HIS A 77 -5.55 -3.67 -6.89
C HIS A 77 -6.11 -4.95 -6.30
N VAL A 78 -7.16 -4.81 -5.49
CA VAL A 78 -7.79 -5.96 -4.85
C VAL A 78 -8.21 -7.00 -5.89
N ARG A 79 -7.47 -8.11 -5.94
CA ARG A 79 -7.75 -9.17 -6.89
C ARG A 79 -7.21 -10.50 -6.38
N PRO A 80 -7.81 -11.61 -6.85
CA PRO A 80 -7.41 -12.96 -6.46
C PRO A 80 -6.04 -13.34 -7.02
N SER A 81 -5.05 -13.45 -6.15
CA SER A 81 -3.69 -13.80 -6.54
C SER A 81 -3.13 -12.77 -7.53
N ALA A 82 -3.42 -11.50 -7.27
CA ALA A 82 -2.95 -10.42 -8.13
C ALA A 82 -1.64 -9.84 -7.60
N SER A 83 -0.57 -9.98 -8.38
CA SER A 83 0.74 -9.47 -7.99
C SER A 83 1.09 -8.22 -8.78
N ILE A 84 1.33 -7.12 -8.06
CA ILE A 84 1.68 -5.86 -8.69
C ILE A 84 2.94 -5.26 -8.06
N PRO A 85 3.74 -4.60 -8.89
CA PRO A 85 4.99 -3.96 -8.44
C PRO A 85 4.73 -2.75 -7.56
N VAL A 86 5.62 -2.53 -6.59
CA VAL A 86 5.49 -1.41 -5.68
C VAL A 86 6.86 -0.80 -5.35
N VAL A 87 6.87 0.50 -5.09
CA VAL A 87 8.12 1.19 -4.77
C VAL A 87 8.11 1.68 -3.33
N PHE A 88 9.15 1.30 -2.58
CA PHE A 88 9.27 1.70 -1.19
C PHE A 88 10.45 2.65 -0.98
N SER A 89 10.40 3.42 0.09
CA SER A 89 11.46 4.38 0.40
C SER A 89 11.81 4.33 1.88
N ARG A 90 13.08 4.58 2.19
CA ARG A 90 13.55 4.58 3.57
C ARG A 90 14.45 5.77 3.85
N ASP A 91 13.83 6.89 4.21
CA ASP A 91 14.58 8.12 4.50
C ASP A 91 15.33 8.60 3.27
N GLY A 92 14.71 8.47 2.11
CA GLY A 92 15.34 8.89 0.87
C GLY A 92 15.90 7.74 0.07
N VAL A 93 15.92 6.56 0.69
CA VAL A 93 16.44 5.36 0.03
C VAL A 93 15.50 4.90 -1.08
N VAL A 94 16.09 4.41 -2.17
CA VAL A 94 15.31 3.94 -3.31
C VAL A 94 15.42 2.42 -3.45
N MET A 95 14.28 1.74 -3.32
CA MET A 95 14.26 0.28 -3.44
C MET A 95 12.99 -0.17 -4.16
N SER A 96 12.99 -1.42 -4.61
CA SER A 96 11.84 -1.98 -5.32
C SER A 96 11.61 -3.44 -4.91
N ALA A 97 10.37 -3.75 -4.56
CA ALA A 97 10.01 -5.10 -4.15
C ALA A 97 8.63 -5.49 -4.67
N THR A 98 8.48 -6.74 -5.09
CA THR A 98 7.22 -7.23 -5.62
C THR A 98 6.29 -7.66 -4.49
N ILE A 99 5.06 -7.15 -4.51
CA ILE A 99 4.08 -7.49 -3.49
C ILE A 99 2.97 -8.36 -4.06
N VAL A 100 2.72 -9.50 -3.42
CA VAL A 100 1.68 -10.41 -3.86
C VAL A 100 0.53 -10.48 -2.86
N VAL A 101 -0.62 -9.96 -3.26
CA VAL A 101 -1.80 -9.95 -2.39
C VAL A 101 -2.80 -11.02 -2.82
N GLY A 102 -3.17 -11.89 -1.88
CA GLY A 102 -4.12 -12.94 -2.19
C GLY A 102 -5.49 -12.67 -1.59
N GLU A 103 -6.46 -12.38 -2.45
CA GLU A 103 -7.82 -12.09 -2.01
C GLU A 103 -8.67 -13.35 -2.05
N LEU A 104 -8.44 -14.19 -3.05
CA LEU A 104 -9.19 -15.43 -3.21
C LEU A 104 -8.36 -16.49 -3.91
N GLU A 105 -8.46 -17.74 -3.45
CA GLU A 105 -7.71 -18.84 -4.05
C GLU A 105 -6.22 -18.52 -4.10
N PRO A 1 -11.25 -4.79 -10.74
CA PRO A 1 -12.02 -4.77 -9.50
C PRO A 1 -12.21 -3.35 -8.98
N LEU A 2 -13.01 -3.22 -7.91
CA LEU A 2 -13.27 -1.92 -7.32
C LEU A 2 -13.53 -2.06 -5.82
N THR A 3 -13.22 -1.00 -5.07
CA THR A 3 -13.43 -1.00 -3.62
C THR A 3 -14.19 0.24 -3.17
N ARG A 4 -14.65 0.22 -1.92
CA ARG A 4 -15.39 1.35 -1.36
C ARG A 4 -14.46 2.29 -0.60
N PRO A 5 -14.92 3.54 -0.41
CA PRO A 5 -14.14 4.56 0.30
C PRO A 5 -14.02 4.26 1.80
N TYR A 6 -13.15 3.31 2.13
CA TYR A 6 -12.94 2.92 3.52
C TYR A 6 -11.47 3.04 3.91
N LEU A 7 -11.20 3.78 4.98
CA LEU A 7 -9.84 3.97 5.46
C LEU A 7 -9.63 3.32 6.83
N GLY A 8 -8.66 2.42 6.90
CA GLY A 8 -8.39 1.74 8.16
C GLY A 8 -6.92 1.84 8.56
N PHE A 9 -6.28 2.94 8.18
CA PHE A 9 -4.88 3.16 8.50
C PHE A 9 -4.59 4.64 8.71
N ARG A 10 -3.37 4.94 9.14
CA ARG A 10 -2.96 6.32 9.38
C ARG A 10 -1.88 6.76 8.41
N VAL A 11 -1.99 7.98 7.91
CA VAL A 11 -1.01 8.51 6.97
C VAL A 11 -0.61 9.94 7.33
N ALA A 12 0.68 10.22 7.29
CA ALA A 12 1.19 11.54 7.61
C ALA A 12 2.04 12.10 6.46
N VAL A 13 1.63 13.25 5.96
CA VAL A 13 2.35 13.90 4.86
C VAL A 13 3.55 14.67 5.37
N GLY A 14 4.68 14.53 4.68
CA GLY A 14 5.89 15.22 5.07
C GLY A 14 6.97 15.15 4.02
N ARG A 15 8.22 15.35 4.44
CA ARG A 15 9.35 15.32 3.52
C ARG A 15 10.43 14.37 4.03
N ASP A 16 11.05 13.64 3.11
CA ASP A 16 12.10 12.69 3.47
C ASP A 16 13.49 13.29 3.22
N SER A 17 14.53 12.51 3.48
CA SER A 17 15.90 12.97 3.29
C SER A 17 16.15 13.31 1.82
N SER A 18 15.40 12.67 0.93
CA SER A 18 15.56 12.89 -0.50
C SER A 18 14.83 14.18 -0.93
N GLY A 19 13.51 14.14 -0.87
CA GLY A 19 12.72 15.29 -1.26
C GLY A 19 11.83 15.03 -2.45
N CYS A 20 11.12 13.90 -2.41
CA CYS A 20 10.23 13.52 -3.51
C CYS A 20 8.76 13.65 -3.07
N THR A 21 8.55 14.28 -1.93
CA THR A 21 7.20 14.47 -1.40
C THR A 21 6.43 13.15 -1.36
N THR A 22 6.62 12.41 -0.28
CA THR A 22 5.96 11.11 -0.12
C THR A 22 5.38 10.97 1.29
N LEU A 23 4.38 10.10 1.42
CA LEU A 23 3.75 9.88 2.72
C LEU A 23 4.24 8.58 3.35
N SER A 24 4.16 8.50 4.67
CA SER A 24 4.61 7.32 5.40
C SER A 24 3.44 6.67 6.15
N ILE A 25 3.41 5.35 6.17
CA ILE A 25 2.36 4.61 6.85
C ILE A 25 2.80 4.20 8.25
N GLN A 26 1.94 4.43 9.24
CA GLN A 26 2.24 4.08 10.62
C GLN A 26 1.64 2.73 10.98
N GLU A 27 0.59 2.35 10.28
CA GLU A 27 -0.08 1.08 10.52
C GLU A 27 -0.04 0.18 9.29
N VAL A 28 -0.80 -0.90 9.31
CA VAL A 28 -0.85 -1.84 8.20
C VAL A 28 -2.25 -1.93 7.62
N THR A 29 -2.35 -1.76 6.30
CA THR A 29 -3.63 -1.81 5.61
C THR A 29 -3.66 -2.93 4.59
N GLN A 30 -2.57 -3.69 4.52
CA GLN A 30 -2.47 -4.80 3.58
C GLN A 30 -3.04 -6.08 4.17
N THR A 31 -3.65 -5.95 5.35
CA THR A 31 -4.23 -7.11 6.03
C THR A 31 -5.76 -6.99 6.07
N TYR A 32 -6.31 -6.12 5.24
CA TYR A 32 -7.75 -5.92 5.18
C TYR A 32 -8.29 -6.19 3.78
N THR A 33 -9.51 -6.70 3.71
CA THR A 33 -10.14 -7.00 2.43
C THR A 33 -11.65 -6.96 2.54
N GLY A 34 -12.31 -6.61 1.43
CA GLY A 34 -13.76 -6.52 1.43
C GLY A 34 -14.34 -6.61 0.03
N SER A 35 -13.64 -6.03 -0.94
CA SER A 35 -14.10 -6.05 -2.32
C SER A 35 -13.26 -7.00 -3.15
N ASN A 36 -13.91 -7.67 -4.11
CA ASN A 36 -13.22 -8.62 -4.98
C ASN A 36 -12.62 -9.76 -4.17
N GLY A 37 -13.25 -10.08 -3.04
CA GLY A 37 -12.75 -11.15 -2.19
C GLY A 37 -13.51 -11.25 -0.88
N GLY A 38 -13.36 -10.23 -0.03
CA GLY A 38 -14.05 -10.23 1.25
C GLY A 38 -13.39 -11.17 2.25
N ALA A 39 -12.32 -10.69 2.88
CA ALA A 39 -11.61 -11.49 3.88
C ALA A 39 -10.44 -10.72 4.46
N ASP A 40 -10.69 -9.99 5.55
CA ASP A 40 -9.65 -9.21 6.21
C ASP A 40 -8.84 -10.07 7.18
N LEU A 41 -7.57 -10.25 6.90
CA LEU A 41 -6.69 -11.05 7.74
C LEU A 41 -5.23 -10.80 7.41
N MET A 42 -4.35 -11.66 7.91
CA MET A 42 -2.92 -11.55 7.67
C MET A 42 -2.41 -12.69 6.79
N GLY A 43 -1.83 -12.34 5.65
CA GLY A 43 -1.31 -13.34 4.75
C GLY A 43 -0.38 -12.76 3.70
N PRO A 44 -0.94 -11.97 2.76
CA PRO A 44 -0.18 -11.35 1.69
C PRO A 44 0.74 -10.24 2.21
N ALA A 45 0.56 -9.86 3.47
CA ALA A 45 1.37 -8.82 4.08
C ALA A 45 2.73 -9.36 4.53
N PHE A 46 2.70 -10.51 5.20
CA PHE A 46 3.94 -11.13 5.68
C PHE A 46 4.71 -11.76 4.53
N ALA A 47 3.99 -12.09 3.45
CA ALA A 47 4.61 -12.71 2.29
C ALA A 47 5.41 -11.68 1.50
N ALA A 48 5.00 -10.42 1.58
CA ALA A 48 5.69 -9.34 0.87
C ALA A 48 6.64 -8.58 1.80
N GLY A 49 6.36 -8.66 3.10
CA GLY A 49 7.18 -7.97 4.07
C GLY A 49 6.62 -6.60 4.44
N LEU A 50 5.36 -6.37 4.12
CA LEU A 50 4.71 -5.10 4.42
C LEU A 50 4.53 -4.93 5.93
N ARG A 51 5.24 -3.96 6.49
CA ARG A 51 5.17 -3.69 7.92
C ARG A 51 5.25 -2.19 8.20
N VAL A 52 4.72 -1.78 9.34
CA VAL A 52 4.74 -0.37 9.73
C VAL A 52 6.16 0.18 9.73
N GLY A 53 6.33 1.35 9.12
CA GLY A 53 7.64 1.98 9.06
C GLY A 53 8.09 2.28 7.65
N ASP A 54 7.68 1.43 6.71
CA ASP A 54 8.03 1.61 5.30
C ASP A 54 7.03 2.52 4.61
N GLN A 55 7.47 3.19 3.54
CA GLN A 55 6.60 4.08 2.79
C GLN A 55 6.13 3.43 1.50
N LEU A 56 4.92 3.77 1.08
CA LEU A 56 4.36 3.22 -0.15
C LEU A 56 3.84 4.33 -1.06
N VAL A 57 4.32 4.33 -2.30
CA VAL A 57 3.91 5.33 -3.28
C VAL A 57 3.15 4.70 -4.43
N ARG A 58 3.58 3.50 -4.83
CA ARG A 58 2.94 2.78 -5.92
C ARG A 58 2.82 3.68 -7.16
N PHE A 59 3.74 4.63 -7.29
CA PHE A 59 3.73 5.55 -8.42
C PHE A 59 5.16 5.90 -8.84
N ALA A 60 5.33 6.15 -10.13
CA ALA A 60 6.65 6.49 -10.67
C ALA A 60 7.06 7.90 -10.26
N GLY A 61 7.97 7.99 -9.30
CA GLY A 61 8.43 9.29 -8.82
C GLY A 61 8.64 9.33 -7.33
N TYR A 62 8.24 8.25 -6.65
CA TYR A 62 8.38 8.16 -5.20
C TYR A 62 7.58 9.27 -4.51
N THR A 63 6.38 9.54 -5.04
CA THR A 63 5.52 10.57 -4.47
C THR A 63 4.15 10.01 -4.13
N VAL A 64 3.46 10.66 -3.21
CA VAL A 64 2.13 10.23 -2.78
C VAL A 64 1.19 11.42 -2.63
N THR A 65 -0.11 11.16 -2.76
CA THR A 65 -1.11 12.21 -2.64
C THR A 65 -1.76 12.19 -1.25
N GLU A 66 -2.49 11.12 -0.97
CA GLU A 66 -3.17 10.98 0.32
C GLU A 66 -3.94 9.67 0.40
N LEU A 67 -4.52 9.40 1.56
CA LEU A 67 -5.28 8.17 1.76
C LEU A 67 -6.37 8.02 0.69
N ALA A 68 -6.81 9.15 0.15
CA ALA A 68 -7.85 9.15 -0.88
C ALA A 68 -7.35 8.47 -2.14
N ALA A 69 -6.12 8.78 -2.54
CA ALA A 69 -5.52 8.20 -3.73
C ALA A 69 -5.28 6.71 -3.56
N PHE A 70 -4.93 6.31 -2.33
CA PHE A 70 -4.67 4.91 -2.03
C PHE A 70 -5.91 4.05 -2.29
N ASN A 71 -7.08 4.70 -2.28
CA ASN A 71 -8.34 4.00 -2.50
C ASN A 71 -8.48 3.59 -3.97
N THR A 72 -7.94 4.42 -4.86
CA THR A 72 -8.00 4.15 -6.29
C THR A 72 -7.04 3.02 -6.68
N VAL A 73 -5.83 3.07 -6.13
CA VAL A 73 -4.83 2.05 -6.42
C VAL A 73 -5.19 0.71 -5.79
N VAL A 74 -5.66 0.76 -4.54
CA VAL A 74 -6.05 -0.45 -3.82
C VAL A 74 -7.25 -1.12 -4.49
N ALA A 75 -8.14 -0.31 -5.05
CA ALA A 75 -9.33 -0.83 -5.71
C ALA A 75 -8.95 -1.70 -6.90
N ARG A 76 -7.98 -1.23 -7.68
CA ARG A 76 -7.52 -1.97 -8.86
C ARG A 76 -6.52 -3.04 -8.47
N HIS A 77 -5.88 -2.86 -7.31
CA HIS A 77 -4.90 -3.82 -6.82
C HIS A 77 -5.58 -5.05 -6.24
N VAL A 78 -6.54 -4.83 -5.35
CA VAL A 78 -7.26 -5.92 -4.71
C VAL A 78 -7.73 -6.95 -5.74
N ARG A 79 -7.04 -8.08 -5.78
CA ARG A 79 -7.38 -9.15 -6.72
C ARG A 79 -6.91 -10.50 -6.19
N PRO A 80 -7.50 -11.58 -6.73
CA PRO A 80 -7.15 -12.95 -6.32
C PRO A 80 -5.77 -13.36 -6.79
N SER A 81 -4.81 -13.37 -5.86
CA SER A 81 -3.44 -13.73 -6.18
C SER A 81 -2.85 -12.80 -7.23
N ALA A 82 -3.16 -11.51 -7.11
CA ALA A 82 -2.67 -10.52 -8.06
C ALA A 82 -1.27 -10.05 -7.67
N SER A 83 -0.26 -10.55 -8.38
CA SER A 83 1.12 -10.19 -8.12
C SER A 83 1.52 -8.95 -8.92
N ILE A 84 1.64 -7.83 -8.23
CA ILE A 84 2.02 -6.57 -8.87
C ILE A 84 3.19 -5.91 -8.13
N PRO A 85 4.19 -5.47 -8.91
CA PRO A 85 5.38 -4.81 -8.36
C PRO A 85 5.07 -3.44 -7.79
N VAL A 86 5.42 -3.22 -6.53
CA VAL A 86 5.18 -1.95 -5.86
C VAL A 86 6.50 -1.24 -5.55
N VAL A 87 6.49 0.08 -5.64
CA VAL A 87 7.68 0.88 -5.35
C VAL A 87 7.65 1.40 -3.92
N PHE A 88 8.70 1.07 -3.16
CA PHE A 88 8.79 1.51 -1.76
C PHE A 88 10.00 2.43 -1.58
N SER A 89 9.92 3.29 -0.56
CA SER A 89 11.00 4.22 -0.27
C SER A 89 11.34 4.22 1.21
N ARG A 90 12.61 4.45 1.52
CA ARG A 90 13.06 4.48 2.91
C ARG A 90 13.72 5.81 3.24
N ASP A 91 12.90 6.81 3.56
CA ASP A 91 13.40 8.13 3.90
C ASP A 91 14.17 8.74 2.73
N GLY A 92 13.68 8.50 1.52
CA GLY A 92 14.35 9.03 0.34
C GLY A 92 15.18 7.99 -0.37
N VAL A 93 15.01 6.73 0.01
CA VAL A 93 15.75 5.63 -0.59
C VAL A 93 14.97 4.98 -1.73
N VAL A 94 15.68 4.58 -2.79
CA VAL A 94 15.05 3.96 -3.93
C VAL A 94 15.21 2.43 -3.89
N MET A 95 14.09 1.73 -3.71
CA MET A 95 14.11 0.28 -3.65
C MET A 95 12.87 -0.31 -4.32
N SER A 96 13.02 -1.49 -4.91
CA SER A 96 11.92 -2.16 -5.59
C SER A 96 11.63 -3.52 -4.95
N ALA A 97 10.35 -3.75 -4.64
CA ALA A 97 9.95 -5.02 -4.03
C ALA A 97 8.60 -5.48 -4.58
N THR A 98 8.49 -6.78 -4.82
CA THR A 98 7.26 -7.35 -5.36
C THR A 98 6.28 -7.67 -4.24
N ILE A 99 5.07 -7.13 -4.34
CA ILE A 99 4.04 -7.36 -3.34
C ILE A 99 2.86 -8.13 -3.92
N VAL A 100 2.51 -9.25 -3.29
CA VAL A 100 1.40 -10.06 -3.75
C VAL A 100 0.20 -9.95 -2.81
N VAL A 101 -0.87 -9.33 -3.31
CA VAL A 101 -2.08 -9.16 -2.52
C VAL A 101 -3.16 -10.15 -2.93
N GLY A 102 -3.49 -11.06 -2.01
CA GLY A 102 -4.51 -12.06 -2.30
C GLY A 102 -5.78 -11.83 -1.51
N GLU A 103 -6.85 -11.45 -2.20
CA GLU A 103 -8.13 -11.21 -1.56
C GLU A 103 -8.88 -12.50 -1.30
N LEU A 104 -8.50 -13.54 -2.05
CA LEU A 104 -9.15 -14.85 -1.90
C LEU A 104 -8.12 -15.91 -1.53
N GLU A 105 -7.60 -15.82 -0.31
CA GLU A 105 -6.62 -16.78 0.18
C GLU A 105 -5.43 -16.88 -0.78
N PRO A 1 -11.94 -5.06 -9.57
CA PRO A 1 -12.22 -5.30 -8.15
C PRO A 1 -12.60 -4.01 -7.41
N LEU A 2 -12.64 -4.08 -6.10
CA LEU A 2 -12.99 -2.92 -5.28
C LEU A 2 -12.48 -3.08 -3.85
N THR A 3 -12.50 -2.00 -3.08
CA THR A 3 -12.04 -2.03 -1.70
C THR A 3 -13.07 -1.41 -0.76
N ARG A 4 -12.87 -1.60 0.53
CA ARG A 4 -13.79 -1.06 1.53
C ARG A 4 -14.06 0.42 1.28
N PRO A 5 -15.19 0.91 1.79
CA PRO A 5 -15.59 2.31 1.65
C PRO A 5 -14.70 3.27 2.43
N TYR A 6 -14.49 2.94 3.71
CA TYR A 6 -13.65 3.77 4.58
C TYR A 6 -12.26 3.16 4.74
N LEU A 7 -11.28 4.00 5.00
CA LEU A 7 -9.91 3.55 5.19
C LEU A 7 -9.60 3.30 6.66
N GLY A 8 -8.84 2.24 6.93
CA GLY A 8 -8.49 1.91 8.29
C GLY A 8 -7.01 2.12 8.59
N PHE A 9 -6.48 3.25 8.13
CA PHE A 9 -5.06 3.55 8.34
C PHE A 9 -4.82 5.06 8.25
N ARG A 10 -3.71 5.51 8.82
CA ARG A 10 -3.36 6.92 8.81
C ARG A 10 -2.12 7.17 7.97
N VAL A 11 -2.04 8.35 7.34
CA VAL A 11 -0.89 8.70 6.52
C VAL A 11 -0.45 10.13 6.80
N ALA A 12 0.86 10.30 7.01
CA ALA A 12 1.42 11.61 7.29
C ALA A 12 2.28 12.09 6.13
N VAL A 13 1.93 13.25 5.57
CA VAL A 13 2.67 13.82 4.45
C VAL A 13 3.90 14.58 4.93
N GLY A 14 5.06 14.21 4.42
CA GLY A 14 6.29 14.88 4.81
C GLY A 14 7.36 14.80 3.74
N ARG A 15 8.61 14.96 4.16
CA ARG A 15 9.74 14.91 3.22
C ARG A 15 10.85 14.02 3.76
N ASP A 16 11.30 13.07 2.94
CA ASP A 16 12.36 12.16 3.34
C ASP A 16 13.73 12.78 3.07
N SER A 17 14.79 12.04 3.43
CA SER A 17 16.15 12.52 3.23
C SER A 17 16.39 12.91 1.77
N SER A 18 15.64 12.29 0.87
CA SER A 18 15.77 12.58 -0.55
C SER A 18 15.11 13.91 -0.91
N GLY A 19 13.94 14.15 -0.33
CA GLY A 19 13.23 15.38 -0.60
C GLY A 19 12.29 15.28 -1.80
N CYS A 20 11.57 14.17 -1.88
CA CYS A 20 10.64 13.95 -2.97
C CYS A 20 9.20 13.95 -2.48
N THR A 21 9.00 14.36 -1.23
CA THR A 21 7.67 14.40 -0.63
C THR A 21 7.01 13.02 -0.65
N THR A 22 7.12 12.32 0.47
CA THR A 22 6.54 10.98 0.58
C THR A 22 5.61 10.89 1.79
N LEU A 23 4.87 9.78 1.87
CA LEU A 23 3.94 9.57 2.98
C LEU A 23 4.22 8.25 3.68
N SER A 24 4.44 8.31 4.99
CA SER A 24 4.72 7.12 5.78
C SER A 24 3.43 6.52 6.34
N ILE A 25 3.40 5.19 6.42
CA ILE A 25 2.22 4.50 6.93
C ILE A 25 2.39 4.17 8.41
N GLN A 26 1.34 4.42 9.19
CA GLN A 26 1.37 4.14 10.63
C GLN A 26 0.48 2.96 10.97
N GLU A 27 -0.39 2.59 10.03
CA GLU A 27 -1.32 1.48 10.24
C GLU A 27 -1.19 0.46 9.12
N VAL A 28 -2.15 -0.46 9.05
CA VAL A 28 -2.16 -1.49 8.02
C VAL A 28 -3.44 -1.44 7.19
N THR A 29 -3.28 -1.24 5.89
CA THR A 29 -4.43 -1.17 4.98
C THR A 29 -4.42 -2.33 4.00
N GLN A 30 -3.31 -3.05 3.94
CA GLN A 30 -3.17 -4.18 3.04
C GLN A 30 -3.67 -5.47 3.69
N THR A 31 -4.31 -5.32 4.85
CA THR A 31 -4.83 -6.47 5.59
C THR A 31 -6.36 -6.44 5.61
N TYR A 32 -6.94 -5.67 4.69
CA TYR A 32 -8.40 -5.58 4.61
C TYR A 32 -8.89 -5.99 3.23
N THR A 33 -10.09 -6.56 3.19
CA THR A 33 -10.68 -7.01 1.93
C THR A 33 -12.19 -7.18 2.06
N GLY A 34 -12.88 -7.17 0.92
CA GLY A 34 -14.33 -7.33 0.94
C GLY A 34 -14.91 -7.41 -0.46
N SER A 35 -14.27 -6.73 -1.41
CA SER A 35 -14.73 -6.73 -2.79
C SER A 35 -13.87 -7.62 -3.66
N ASN A 36 -14.50 -8.51 -4.42
CA ASN A 36 -13.79 -9.42 -5.30
C ASN A 36 -12.72 -10.20 -4.52
N GLY A 37 -12.96 -10.39 -3.24
CA GLY A 37 -12.02 -11.11 -2.41
C GLY A 37 -12.64 -11.61 -1.12
N GLY A 38 -13.20 -10.69 -0.34
CA GLY A 38 -13.81 -11.07 0.92
C GLY A 38 -12.91 -11.91 1.79
N ALA A 39 -12.02 -11.26 2.53
CA ALA A 39 -11.09 -11.96 3.40
C ALA A 39 -10.17 -10.97 4.14
N ASP A 40 -10.77 -10.09 4.91
CA ASP A 40 -10.02 -9.10 5.67
C ASP A 40 -9.20 -9.77 6.78
N LEU A 41 -7.88 -9.74 6.62
CA LEU A 41 -6.99 -10.35 7.60
C LEU A 41 -5.53 -10.05 7.27
N MET A 42 -4.62 -10.78 7.91
CA MET A 42 -3.19 -10.59 7.68
C MET A 42 -2.59 -11.81 6.99
N GLY A 43 -2.07 -11.61 5.78
CA GLY A 43 -1.47 -12.71 5.03
C GLY A 43 -0.63 -12.21 3.87
N PRO A 44 -1.30 -11.67 2.84
CA PRO A 44 -0.63 -11.15 1.64
C PRO A 44 0.19 -9.89 1.93
N ALA A 45 -0.21 -9.16 2.97
CA ALA A 45 0.48 -7.94 3.35
C ALA A 45 1.78 -8.25 4.09
N PHE A 46 1.70 -9.15 5.07
CA PHE A 46 2.87 -9.52 5.85
C PHE A 46 3.85 -10.34 5.01
N ALA A 47 3.32 -11.03 3.99
CA ALA A 47 4.14 -11.84 3.11
C ALA A 47 4.96 -10.98 2.17
N ALA A 48 4.38 -9.85 1.75
CA ALA A 48 5.06 -8.94 0.84
C ALA A 48 6.05 -8.05 1.59
N GLY A 49 5.82 -7.89 2.89
CA GLY A 49 6.70 -7.08 3.70
C GLY A 49 6.07 -5.74 4.05
N LEU A 50 4.76 -5.63 3.87
CA LEU A 50 4.05 -4.39 4.17
C LEU A 50 3.70 -4.31 5.66
N ARG A 51 4.35 -3.39 6.36
CA ARG A 51 4.10 -3.21 7.78
C ARG A 51 4.16 -1.72 8.16
N VAL A 52 3.60 -1.39 9.33
CA VAL A 52 3.59 -0.01 9.79
C VAL A 52 5.00 0.56 9.87
N GLY A 53 5.24 1.62 9.10
CA GLY A 53 6.55 2.24 9.08
C GLY A 53 7.16 2.27 7.70
N ASP A 54 6.60 1.49 6.78
CA ASP A 54 7.10 1.43 5.42
C ASP A 54 6.34 2.42 4.53
N GLN A 55 7.06 3.02 3.57
CA GLN A 55 6.46 3.98 2.66
C GLN A 55 6.00 3.30 1.38
N LEU A 56 4.86 3.72 0.86
CA LEU A 56 4.31 3.16 -0.36
C LEU A 56 3.85 4.25 -1.32
N VAL A 57 4.49 4.30 -2.49
CA VAL A 57 4.16 5.30 -3.50
C VAL A 57 3.70 4.65 -4.80
N ARG A 58 4.33 3.53 -5.14
CA ARG A 58 3.98 2.80 -6.36
C ARG A 58 3.99 3.73 -7.57
N PHE A 59 4.83 4.76 -7.51
CA PHE A 59 4.92 5.72 -8.60
C PHE A 59 6.37 6.16 -8.81
N ALA A 60 6.71 6.45 -10.07
CA ALA A 60 8.06 6.88 -10.40
C ALA A 60 8.30 8.33 -9.97
N GLY A 61 9.05 8.49 -8.89
CA GLY A 61 9.35 9.82 -8.39
C GLY A 61 9.19 9.92 -6.89
N TYR A 62 8.72 8.85 -6.27
CA TYR A 62 8.51 8.82 -4.82
C TYR A 62 7.54 9.92 -4.39
N THR A 63 6.51 10.15 -5.20
CA THR A 63 5.52 11.17 -4.91
C THR A 63 4.16 10.55 -4.61
N VAL A 64 3.58 10.92 -3.47
CA VAL A 64 2.28 10.40 -3.07
C VAL A 64 1.29 11.54 -2.84
N THR A 65 0.00 11.23 -2.99
CA THR A 65 -1.05 12.21 -2.79
C THR A 65 -1.59 12.16 -1.36
N GLU A 66 -2.30 11.09 -1.04
CA GLU A 66 -2.87 10.92 0.29
C GLU A 66 -3.62 9.59 0.40
N LEU A 67 -4.09 9.28 1.59
CA LEU A 67 -4.82 8.04 1.83
C LEU A 67 -6.01 7.91 0.87
N ALA A 68 -6.52 9.05 0.40
CA ALA A 68 -7.64 9.07 -0.52
C ALA A 68 -7.25 8.47 -1.87
N ALA A 69 -6.07 8.85 -2.36
CA ALA A 69 -5.58 8.35 -3.64
C ALA A 69 -5.24 6.86 -3.56
N PHE A 70 -4.75 6.44 -2.40
CA PHE A 70 -4.38 5.04 -2.19
C PHE A 70 -5.62 4.15 -2.16
N ASN A 71 -6.72 4.69 -1.66
CA ASN A 71 -7.97 3.96 -1.58
C ASN A 71 -8.43 3.52 -2.96
N THR A 72 -8.25 4.39 -3.94
CA THR A 72 -8.64 4.09 -5.32
C THR A 72 -7.70 3.08 -5.95
N VAL A 73 -6.42 3.17 -5.61
CA VAL A 73 -5.42 2.26 -6.15
C VAL A 73 -5.59 0.85 -5.58
N VAL A 74 -5.69 0.76 -4.26
CA VAL A 74 -5.87 -0.51 -3.59
C VAL A 74 -7.11 -1.25 -4.10
N ALA A 75 -8.15 -0.49 -4.41
CA ALA A 75 -9.39 -1.06 -4.91
C ALA A 75 -9.16 -1.79 -6.23
N ARG A 76 -8.41 -1.16 -7.13
CA ARG A 76 -8.11 -1.75 -8.43
C ARG A 76 -6.96 -2.75 -8.33
N HIS A 77 -6.14 -2.60 -7.29
CA HIS A 77 -5.01 -3.49 -7.08
C HIS A 77 -5.46 -4.83 -6.51
N VAL A 78 -6.22 -4.78 -5.42
CA VAL A 78 -6.72 -6.00 -4.79
C VAL A 78 -7.36 -6.93 -5.81
N ARG A 79 -6.74 -8.08 -6.02
CA ARG A 79 -7.25 -9.06 -6.97
C ARG A 79 -6.83 -10.47 -6.57
N PRO A 80 -7.54 -11.48 -7.10
CA PRO A 80 -7.25 -12.88 -6.82
C PRO A 80 -5.94 -13.35 -7.45
N SER A 81 -4.94 -13.58 -6.62
CA SER A 81 -3.64 -14.02 -7.09
C SER A 81 -3.03 -13.00 -8.06
N ALA A 82 -3.20 -11.72 -7.74
CA ALA A 82 -2.67 -10.65 -8.57
C ALA A 82 -1.39 -10.08 -7.98
N SER A 83 -0.27 -10.36 -8.64
CA SER A 83 1.03 -9.87 -8.18
C SER A 83 1.48 -8.67 -9.00
N ILE A 84 1.78 -7.57 -8.31
CA ILE A 84 2.22 -6.35 -8.99
C ILE A 84 3.40 -5.73 -8.25
N PRO A 85 4.44 -5.35 -9.01
CA PRO A 85 5.65 -4.73 -8.45
C PRO A 85 5.39 -3.32 -7.93
N VAL A 86 5.67 -3.10 -6.66
CA VAL A 86 5.47 -1.79 -6.04
C VAL A 86 6.78 -1.22 -5.52
N VAL A 87 6.93 0.10 -5.62
CA VAL A 87 8.14 0.77 -5.17
C VAL A 87 7.96 1.30 -3.75
N PHE A 88 8.89 0.95 -2.87
CA PHE A 88 8.84 1.39 -1.48
C PHE A 88 10.05 2.24 -1.14
N SER A 89 9.93 3.04 -0.08
CA SER A 89 11.02 3.92 0.35
C SER A 89 11.24 3.80 1.86
N ARG A 90 12.49 3.96 2.28
CA ARG A 90 12.85 3.87 3.68
C ARG A 90 13.57 5.13 4.15
N ASP A 91 12.80 6.16 4.47
CA ASP A 91 13.38 7.43 4.92
C ASP A 91 14.25 8.05 3.84
N GLY A 92 13.82 7.93 2.59
CA GLY A 92 14.58 8.48 1.49
C GLY A 92 15.38 7.43 0.75
N VAL A 93 15.16 6.16 1.10
CA VAL A 93 15.85 5.05 0.46
C VAL A 93 15.10 4.56 -0.77
N VAL A 94 15.84 4.15 -1.79
CA VAL A 94 15.24 3.65 -3.02
C VAL A 94 15.39 2.14 -3.13
N MET A 95 14.27 1.44 -3.06
CA MET A 95 14.27 -0.03 -3.15
C MET A 95 13.04 -0.53 -3.89
N SER A 96 13.13 -1.74 -4.42
CA SER A 96 12.01 -2.34 -5.15
C SER A 96 11.68 -3.72 -4.60
N ALA A 97 10.40 -3.94 -4.33
CA ALA A 97 9.94 -5.22 -3.80
C ALA A 97 8.60 -5.62 -4.40
N THR A 98 8.45 -6.90 -4.72
CA THR A 98 7.22 -7.41 -5.30
C THR A 98 6.19 -7.73 -4.22
N ILE A 99 4.98 -7.23 -4.41
CA ILE A 99 3.90 -7.45 -3.45
C ILE A 99 2.84 -8.37 -4.04
N VAL A 100 2.53 -9.44 -3.32
CA VAL A 100 1.52 -10.41 -3.77
C VAL A 100 0.25 -10.29 -2.93
N VAL A 101 -0.82 -9.82 -3.58
CA VAL A 101 -2.10 -9.66 -2.90
C VAL A 101 -3.07 -10.78 -3.26
N GLY A 102 -3.60 -11.46 -2.25
CA GLY A 102 -4.52 -12.55 -2.48
C GLY A 102 -5.93 -12.22 -2.03
N GLU A 103 -6.83 -12.04 -2.98
CA GLU A 103 -8.22 -11.71 -2.67
C GLU A 103 -9.07 -12.98 -2.60
N LEU A 104 -8.76 -13.94 -3.47
CA LEU A 104 -9.50 -15.20 -3.50
C LEU A 104 -8.54 -16.39 -3.66
N GLU A 105 -7.85 -16.73 -2.58
CA GLU A 105 -6.91 -17.83 -2.60
C GLU A 105 -7.43 -19.00 -1.76
N PRO A 1 -12.21 -5.25 -9.60
CA PRO A 1 -12.52 -5.40 -8.18
C PRO A 1 -12.84 -4.07 -7.50
N LEU A 2 -12.91 -4.09 -6.17
CA LEU A 2 -13.22 -2.88 -5.41
C LEU A 2 -12.65 -2.98 -3.99
N THR A 3 -12.64 -1.85 -3.29
CA THR A 3 -12.13 -1.82 -1.93
C THR A 3 -13.14 -1.19 -0.98
N ARG A 4 -12.91 -1.34 0.32
CA ARG A 4 -13.81 -0.80 1.33
C ARG A 4 -14.10 0.68 1.05
N PRO A 5 -15.21 1.18 1.62
CA PRO A 5 -15.63 2.57 1.45
C PRO A 5 -14.71 3.54 2.18
N TYR A 6 -14.43 3.25 3.44
CA TYR A 6 -13.56 4.11 4.24
C TYR A 6 -12.17 3.49 4.39
N LEU A 7 -11.16 4.34 4.58
CA LEU A 7 -9.80 3.87 4.74
C LEU A 7 -9.50 3.53 6.19
N GLY A 8 -8.73 2.46 6.40
CA GLY A 8 -8.38 2.05 7.75
C GLY A 8 -6.91 2.23 8.05
N PHE A 9 -6.37 3.38 7.66
CA PHE A 9 -4.96 3.68 7.90
C PHE A 9 -4.71 5.19 7.86
N ARG A 10 -3.61 5.60 8.48
CA ARG A 10 -3.25 7.02 8.53
C ARG A 10 -1.97 7.28 7.74
N VAL A 11 -1.90 8.44 7.10
CA VAL A 11 -0.72 8.81 6.32
C VAL A 11 -0.32 10.26 6.59
N ALA A 12 0.98 10.47 6.80
CA ALA A 12 1.50 11.80 7.07
C ALA A 12 2.52 12.22 6.01
N VAL A 13 2.24 13.33 5.34
CA VAL A 13 3.13 13.84 4.30
C VAL A 13 4.28 14.63 4.91
N GLY A 14 5.49 14.37 4.41
CA GLY A 14 6.65 15.08 4.91
C GLY A 14 7.74 15.22 3.86
N ARG A 15 8.99 15.33 4.31
CA ARG A 15 10.11 15.47 3.40
C ARG A 15 11.25 14.53 3.78
N ASP A 16 11.75 13.79 2.80
CA ASP A 16 12.84 12.85 3.03
C ASP A 16 14.18 13.45 2.62
N SER A 17 15.24 12.63 2.70
CA SER A 17 16.58 13.10 2.34
C SER A 17 16.68 13.34 0.84
N SER A 18 15.85 12.64 0.07
CA SER A 18 15.86 12.78 -1.38
C SER A 18 15.07 14.01 -1.81
N GLY A 19 13.88 14.17 -1.23
CA GLY A 19 13.04 15.31 -1.56
C GLY A 19 12.01 14.98 -2.61
N CYS A 20 11.37 13.82 -2.45
CA CYS A 20 10.34 13.38 -3.40
C CYS A 20 8.97 13.35 -2.74
N THR A 21 8.88 13.91 -1.55
CA THR A 21 7.63 13.94 -0.80
C THR A 21 7.09 12.53 -0.57
N THR A 22 7.40 11.97 0.60
CA THR A 22 6.95 10.63 0.94
C THR A 22 5.93 10.66 2.08
N LEU A 23 5.23 9.55 2.28
CA LEU A 23 4.23 9.46 3.33
C LEU A 23 4.41 8.17 4.14
N SER A 24 4.61 8.33 5.45
CA SER A 24 4.81 7.19 6.33
C SER A 24 3.47 6.65 6.84
N ILE A 25 3.32 5.34 6.81
CA ILE A 25 2.08 4.71 7.27
C ILE A 25 2.21 4.24 8.72
N GLN A 26 1.19 4.55 9.52
CA GLN A 26 1.19 4.15 10.92
C GLN A 26 0.51 2.80 11.11
N GLU A 27 -0.40 2.46 10.20
CA GLU A 27 -1.12 1.19 10.27
C GLU A 27 -1.03 0.45 8.94
N VAL A 28 -1.83 -0.60 8.80
CA VAL A 28 -1.84 -1.39 7.58
C VAL A 28 -3.24 -1.43 6.97
N THR A 29 -3.30 -1.26 5.65
CA THR A 29 -4.58 -1.27 4.94
C THR A 29 -4.62 -2.39 3.91
N GLN A 30 -3.51 -3.11 3.78
CA GLN A 30 -3.43 -4.21 2.84
C GLN A 30 -3.85 -5.53 3.48
N THR A 31 -4.46 -5.43 4.66
CA THR A 31 -4.91 -6.61 5.39
C THR A 31 -6.44 -6.66 5.46
N TYR A 32 -7.08 -5.88 4.59
CA TYR A 32 -8.54 -5.83 4.54
C TYR A 32 -9.05 -6.20 3.16
N THR A 33 -10.30 -6.66 3.10
CA THR A 33 -10.91 -7.04 1.83
C THR A 33 -12.43 -7.08 1.94
N GLY A 34 -13.11 -7.03 0.80
CA GLY A 34 -14.56 -7.06 0.80
C GLY A 34 -15.13 -7.21 -0.60
N SER A 35 -14.45 -6.64 -1.58
CA SER A 35 -14.90 -6.71 -2.97
C SER A 35 -14.05 -7.70 -3.76
N ASN A 36 -14.70 -8.67 -4.38
CA ASN A 36 -14.00 -9.68 -5.17
C ASN A 36 -13.04 -10.47 -4.31
N GLY A 37 -13.46 -10.78 -3.08
CA GLY A 37 -12.62 -11.54 -2.18
C GLY A 37 -13.22 -11.66 -0.79
N GLY A 38 -13.20 -10.56 -0.04
CA GLY A 38 -13.74 -10.58 1.30
C GLY A 38 -12.88 -11.34 2.28
N ALA A 39 -11.59 -11.43 1.98
CA ALA A 39 -10.65 -12.14 2.84
C ALA A 39 -9.91 -11.18 3.75
N ASP A 40 -10.66 -10.40 4.52
CA ASP A 40 -10.08 -9.44 5.44
C ASP A 40 -9.37 -10.14 6.60
N LEU A 41 -8.05 -10.03 6.62
CA LEU A 41 -7.26 -10.67 7.67
C LEU A 41 -5.77 -10.42 7.44
N MET A 42 -4.93 -11.19 8.15
CA MET A 42 -3.49 -11.06 8.03
C MET A 42 -2.88 -12.31 7.40
N GLY A 43 -2.25 -12.14 6.24
CA GLY A 43 -1.63 -13.26 5.56
C GLY A 43 -0.66 -12.83 4.49
N PRO A 44 -1.19 -12.23 3.41
CA PRO A 44 -0.38 -11.76 2.29
C PRO A 44 0.49 -10.56 2.66
N ALA A 45 0.26 -10.02 3.86
CA ALA A 45 1.02 -8.87 4.34
C ALA A 45 2.48 -9.23 4.54
N PHE A 46 2.73 -10.34 5.22
CA PHE A 46 4.09 -10.80 5.49
C PHE A 46 4.75 -11.30 4.21
N ALA A 47 3.93 -11.61 3.20
CA ALA A 47 4.44 -12.10 1.93
C ALA A 47 5.09 -10.98 1.12
N ALA A 48 4.51 -9.79 1.20
CA ALA A 48 5.03 -8.63 0.48
C ALA A 48 5.95 -7.80 1.37
N GLY A 49 5.79 -7.94 2.67
CA GLY A 49 6.61 -7.20 3.61
C GLY A 49 5.99 -5.88 4.02
N LEU A 50 4.72 -5.69 3.66
CA LEU A 50 4.02 -4.46 3.99
C LEU A 50 3.76 -4.37 5.49
N ARG A 51 4.43 -3.41 6.14
CA ARG A 51 4.28 -3.20 7.57
C ARG A 51 4.31 -1.72 7.92
N VAL A 52 3.78 -1.39 9.09
CA VAL A 52 3.75 0.01 9.54
C VAL A 52 5.15 0.61 9.57
N GLY A 53 5.28 1.81 9.01
CA GLY A 53 6.57 2.47 8.97
C GLY A 53 7.02 2.79 7.55
N ASP A 54 6.95 1.79 6.68
CA ASP A 54 7.36 1.96 5.29
C ASP A 54 6.43 2.92 4.57
N GLN A 55 6.99 3.69 3.63
CA GLN A 55 6.21 4.65 2.88
C GLN A 55 5.81 4.08 1.52
N LEU A 56 4.51 3.80 1.35
CA LEU A 56 4.01 3.25 0.10
C LEU A 56 3.82 4.35 -0.94
N VAL A 57 4.52 4.23 -2.06
CA VAL A 57 4.42 5.22 -3.13
C VAL A 57 3.70 4.64 -4.34
N ARG A 58 4.26 3.55 -4.88
CA ARG A 58 3.67 2.90 -6.04
C ARG A 58 3.59 3.86 -7.22
N PHE A 59 4.52 4.80 -7.28
CA PHE A 59 4.56 5.78 -8.36
C PHE A 59 5.99 6.02 -8.82
N ALA A 60 6.15 6.32 -10.11
CA ALA A 60 7.46 6.57 -10.68
C ALA A 60 7.98 7.94 -10.26
N GLY A 61 8.99 7.93 -9.39
CA GLY A 61 9.56 9.18 -8.92
C GLY A 61 9.63 9.25 -7.40
N TYR A 62 9.21 8.18 -6.74
CA TYR A 62 9.21 8.12 -5.29
C TYR A 62 8.32 9.22 -4.70
N THR A 63 7.20 9.46 -5.35
CA THR A 63 6.25 10.48 -4.90
C THR A 63 4.84 9.93 -4.83
N VAL A 64 4.19 10.14 -3.69
CA VAL A 64 2.82 9.66 -3.49
C VAL A 64 1.86 10.83 -3.23
N THR A 65 0.59 10.61 -3.53
CA THR A 65 -0.42 11.64 -3.33
C THR A 65 -0.89 11.66 -1.88
N GLU A 66 -1.69 10.65 -1.50
CA GLU A 66 -2.20 10.55 -0.14
C GLU A 66 -3.05 9.31 0.03
N LEU A 67 -3.65 9.15 1.20
CA LEU A 67 -4.49 8.00 1.49
C LEU A 67 -5.73 8.00 0.61
N ALA A 68 -6.17 9.19 0.20
CA ALA A 68 -7.34 9.33 -0.66
C ALA A 68 -7.08 8.73 -2.04
N ALA A 69 -5.90 9.02 -2.59
CA ALA A 69 -5.53 8.52 -3.90
C ALA A 69 -5.31 7.01 -3.88
N PHE A 70 -4.78 6.52 -2.76
CA PHE A 70 -4.51 5.10 -2.61
C PHE A 70 -5.81 4.31 -2.48
N ASN A 71 -6.86 4.98 -2.01
CA ASN A 71 -8.16 4.35 -1.83
C ASN A 71 -8.68 3.82 -3.17
N THR A 72 -8.55 4.62 -4.21
CA THR A 72 -9.01 4.24 -5.54
C THR A 72 -8.11 3.16 -6.14
N VAL A 73 -6.82 3.25 -5.85
CA VAL A 73 -5.86 2.28 -6.36
C VAL A 73 -6.05 0.92 -5.71
N VAL A 74 -6.29 0.92 -4.40
CA VAL A 74 -6.49 -0.32 -3.65
C VAL A 74 -7.67 -1.11 -4.22
N ALA A 75 -8.70 -0.39 -4.64
CA ALA A 75 -9.89 -1.03 -5.20
C ALA A 75 -9.55 -1.81 -6.46
N ARG A 76 -8.74 -1.21 -7.33
CA ARG A 76 -8.34 -1.85 -8.58
C ARG A 76 -7.19 -2.82 -8.35
N HIS A 77 -6.47 -2.62 -7.23
CA HIS A 77 -5.34 -3.49 -6.89
C HIS A 77 -5.83 -4.81 -6.31
N VAL A 78 -6.69 -4.73 -5.30
CA VAL A 78 -7.23 -5.91 -4.66
C VAL A 78 -7.71 -6.92 -5.68
N ARG A 79 -6.94 -7.99 -5.86
CA ARG A 79 -7.28 -9.03 -6.82
C ARG A 79 -6.80 -10.40 -6.33
N PRO A 80 -7.40 -11.47 -6.89
CA PRO A 80 -7.04 -12.85 -6.53
C PRO A 80 -5.65 -13.23 -7.01
N SER A 81 -4.70 -13.28 -6.08
CA SER A 81 -3.33 -13.64 -6.41
C SER A 81 -2.74 -12.66 -7.43
N ALA A 82 -3.04 -11.38 -7.24
CA ALA A 82 -2.54 -10.34 -8.13
C ALA A 82 -1.17 -9.85 -7.68
N SER A 83 -0.17 -10.04 -8.53
CA SER A 83 1.19 -9.61 -8.22
C SER A 83 1.63 -8.49 -9.14
N ILE A 84 2.08 -7.37 -8.56
CA ILE A 84 2.53 -6.23 -9.34
C ILE A 84 3.69 -5.54 -8.65
N PRO A 85 4.55 -4.88 -9.46
CA PRO A 85 5.73 -4.16 -8.95
C PRO A 85 5.35 -2.91 -8.17
N VAL A 86 6.06 -2.65 -7.09
CA VAL A 86 5.80 -1.48 -6.25
C VAL A 86 7.10 -0.85 -5.76
N VAL A 87 7.09 0.46 -5.57
CA VAL A 87 8.27 1.18 -5.09
C VAL A 87 8.08 1.65 -3.66
N PHE A 88 9.09 1.39 -2.82
CA PHE A 88 9.04 1.78 -1.42
C PHE A 88 10.23 2.65 -1.06
N SER A 89 10.03 3.56 -0.11
CA SER A 89 11.09 4.45 0.33
C SER A 89 11.21 4.46 1.85
N ARG A 90 12.43 4.64 2.35
CA ARG A 90 12.68 4.67 3.79
C ARG A 90 13.53 5.87 4.17
N ASP A 91 12.89 6.99 4.45
CA ASP A 91 13.59 8.21 4.84
C ASP A 91 14.51 8.68 3.71
N GLY A 92 14.04 8.55 2.47
CA GLY A 92 14.83 8.96 1.33
C GLY A 92 15.50 7.80 0.63
N VAL A 93 15.50 6.63 1.29
CA VAL A 93 16.11 5.43 0.73
C VAL A 93 15.35 4.96 -0.51
N VAL A 94 16.09 4.46 -1.50
CA VAL A 94 15.47 3.97 -2.73
C VAL A 94 15.64 2.46 -2.85
N MET A 95 14.52 1.75 -2.78
CA MET A 95 14.54 0.29 -2.89
C MET A 95 13.32 -0.21 -3.64
N SER A 96 13.43 -1.40 -4.23
CA SER A 96 12.33 -1.99 -4.99
C SER A 96 11.92 -3.32 -4.38
N ALA A 97 10.61 -3.49 -4.16
CA ALA A 97 10.09 -4.72 -3.58
C ALA A 97 8.76 -5.10 -4.23
N THR A 98 8.58 -6.40 -4.48
CA THR A 98 7.35 -6.89 -5.09
C THR A 98 6.26 -7.11 -4.05
N ILE A 99 5.05 -6.64 -4.35
CA ILE A 99 3.93 -6.78 -3.44
C ILE A 99 2.85 -7.68 -4.05
N VAL A 100 2.58 -8.80 -3.38
CA VAL A 100 1.57 -9.75 -3.83
C VAL A 100 0.46 -9.89 -2.82
N VAL A 101 -0.73 -9.40 -3.18
CA VAL A 101 -1.89 -9.48 -2.29
C VAL A 101 -2.85 -10.58 -2.75
N GLY A 102 -3.61 -11.11 -1.79
CA GLY A 102 -4.56 -12.16 -2.11
C GLY A 102 -5.95 -11.86 -1.59
N GLU A 103 -6.88 -11.60 -2.50
CA GLU A 103 -8.25 -11.29 -2.11
C GLU A 103 -9.01 -12.56 -1.74
N LEU A 104 -8.74 -13.64 -2.46
CA LEU A 104 -9.39 -14.91 -2.21
C LEU A 104 -8.87 -16.00 -3.16
N GLU A 105 -9.29 -17.24 -2.93
CA GLU A 105 -8.86 -18.35 -3.77
C GLU A 105 -9.97 -18.74 -4.75
N PRO A 1 -11.62 -4.85 -11.09
CA PRO A 1 -12.35 -4.82 -9.81
C PRO A 1 -12.42 -3.42 -9.22
N LEU A 2 -13.00 -3.32 -8.03
CA LEU A 2 -13.12 -2.03 -7.35
C LEU A 2 -13.52 -2.23 -5.90
N THR A 3 -13.17 -1.25 -5.05
CA THR A 3 -13.49 -1.32 -3.63
C THR A 3 -14.15 -0.03 -3.15
N ARG A 4 -14.72 -0.07 -1.96
CA ARG A 4 -15.39 1.10 -1.40
C ARG A 4 -14.39 2.01 -0.70
N PRO A 5 -14.73 3.30 -0.59
CA PRO A 5 -13.88 4.30 0.05
C PRO A 5 -13.79 4.11 1.55
N TYR A 6 -12.98 3.15 1.97
CA TYR A 6 -12.81 2.85 3.39
C TYR A 6 -11.34 2.94 3.80
N LEU A 7 -11.07 3.64 4.89
CA LEU A 7 -9.71 3.80 5.38
C LEU A 7 -9.54 3.12 6.73
N GLY A 8 -8.42 2.40 6.89
CA GLY A 8 -8.16 1.72 8.14
C GLY A 8 -6.78 2.03 8.69
N PHE A 9 -6.19 3.12 8.22
CA PHE A 9 -4.87 3.52 8.66
C PHE A 9 -4.71 5.04 8.60
N ARG A 10 -3.60 5.54 9.14
CA ARG A 10 -3.33 6.97 9.14
C ARG A 10 -2.13 7.31 8.28
N VAL A 11 -2.07 8.54 7.81
CA VAL A 11 -0.97 8.99 6.96
C VAL A 11 -0.45 10.36 7.40
N ALA A 12 0.86 10.54 7.36
CA ALA A 12 1.48 11.80 7.75
C ALA A 12 2.33 12.37 6.63
N VAL A 13 1.99 13.58 6.20
CA VAL A 13 2.72 14.24 5.13
C VAL A 13 4.01 14.87 5.63
N GLY A 14 5.10 14.66 4.90
CA GLY A 14 6.38 15.21 5.30
C GLY A 14 7.40 15.18 4.17
N ARG A 15 8.68 15.25 4.53
CA ARG A 15 9.75 15.23 3.55
C ARG A 15 10.82 14.20 3.92
N ASP A 16 11.40 13.58 2.91
CA ASP A 16 12.43 12.57 3.13
C ASP A 16 13.83 13.17 2.94
N SER A 17 14.84 12.32 3.01
CA SER A 17 16.22 12.75 2.86
C SER A 17 16.50 13.17 1.42
N SER A 18 15.75 12.59 0.49
CA SER A 18 15.91 12.91 -0.93
C SER A 18 15.12 14.15 -1.32
N GLY A 19 13.85 14.16 -0.93
CA GLY A 19 12.99 15.29 -1.24
C GLY A 19 12.06 15.01 -2.40
N CYS A 20 11.23 13.98 -2.26
CA CYS A 20 10.29 13.62 -3.31
C CYS A 20 8.85 13.85 -2.86
N THR A 21 8.69 14.20 -1.59
CA THR A 21 7.36 14.45 -1.03
C THR A 21 6.52 13.18 -1.03
N THR A 22 6.59 12.43 0.07
CA THR A 22 5.84 11.19 0.19
C THR A 22 5.32 11.01 1.62
N LEU A 23 4.19 10.33 1.75
CA LEU A 23 3.58 10.08 3.05
C LEU A 23 4.02 8.73 3.61
N SER A 24 3.90 8.57 4.93
CA SER A 24 4.28 7.33 5.58
C SER A 24 3.08 6.68 6.27
N ILE A 25 3.09 5.36 6.33
CA ILE A 25 2.01 4.61 6.97
C ILE A 25 2.31 4.32 8.43
N GLN A 26 1.35 4.60 9.30
CA GLN A 26 1.53 4.37 10.73
C GLN A 26 0.72 3.17 11.19
N GLU A 27 -0.30 2.81 10.42
CA GLU A 27 -1.15 1.67 10.74
C GLU A 27 -1.02 0.57 9.69
N VAL A 28 -1.90 -0.42 9.76
CA VAL A 28 -1.87 -1.53 8.81
C VAL A 28 -3.15 -1.56 7.98
N THR A 29 -2.98 -1.46 6.66
CA THR A 29 -4.11 -1.46 5.74
C THR A 29 -3.99 -2.61 4.74
N GLN A 30 -2.83 -3.27 4.73
CA GLN A 30 -2.60 -4.37 3.82
C GLN A 30 -3.20 -5.67 4.37
N THR A 31 -3.82 -5.57 5.54
CA THR A 31 -4.43 -6.73 6.18
C THR A 31 -5.95 -6.62 6.20
N TYR A 32 -6.48 -5.75 5.33
CA TYR A 32 -7.92 -5.56 5.25
C TYR A 32 -8.43 -5.86 3.85
N THR A 33 -9.66 -6.37 3.76
CA THR A 33 -10.26 -6.70 2.49
C THR A 33 -11.78 -6.61 2.55
N GLY A 34 -12.41 -6.40 1.40
CA GLY A 34 -13.86 -6.30 1.35
C GLY A 34 -14.42 -6.52 -0.04
N SER A 35 -13.67 -6.06 -1.04
CA SER A 35 -14.10 -6.20 -2.43
C SER A 35 -13.29 -7.29 -3.14
N ASN A 36 -13.91 -7.93 -4.13
CA ASN A 36 -13.24 -8.98 -4.88
C ASN A 36 -12.67 -10.05 -3.94
N GLY A 37 -13.34 -10.26 -2.81
CA GLY A 37 -12.88 -11.24 -1.86
C GLY A 37 -13.69 -11.21 -0.57
N GLY A 38 -13.52 -10.15 0.20
CA GLY A 38 -14.24 -10.01 1.46
C GLY A 38 -13.64 -10.88 2.56
N ALA A 39 -12.54 -10.41 3.15
CA ALA A 39 -11.88 -11.14 4.21
C ALA A 39 -10.67 -10.37 4.73
N ASP A 40 -10.88 -9.56 5.76
CA ASP A 40 -9.80 -8.77 6.35
C ASP A 40 -8.99 -9.61 7.34
N LEU A 41 -7.72 -9.82 7.03
CA LEU A 41 -6.83 -10.61 7.88
C LEU A 41 -5.37 -10.39 7.50
N MET A 42 -4.50 -11.23 8.06
CA MET A 42 -3.07 -11.14 7.77
C MET A 42 -2.59 -12.36 6.99
N GLY A 43 -1.99 -12.12 5.83
CA GLY A 43 -1.49 -13.21 5.02
C GLY A 43 -0.54 -12.74 3.93
N PRO A 44 -1.08 -12.05 2.92
CA PRO A 44 -0.30 -11.53 1.79
C PRO A 44 0.61 -10.38 2.22
N ALA A 45 0.14 -9.56 3.14
CA ALA A 45 0.90 -8.42 3.64
C ALA A 45 2.17 -8.89 4.36
N PHE A 46 2.03 -9.92 5.18
CA PHE A 46 3.16 -10.46 5.92
C PHE A 46 4.19 -11.08 4.98
N ALA A 47 3.73 -11.53 3.82
CA ALA A 47 4.61 -12.14 2.83
C ALA A 47 5.48 -11.09 2.14
N ALA A 48 4.89 -9.92 1.88
CA ALA A 48 5.62 -8.84 1.23
C ALA A 48 6.42 -8.03 2.24
N GLY A 49 6.01 -8.10 3.50
CA GLY A 49 6.70 -7.36 4.55
C GLY A 49 6.09 -6.00 4.80
N LEU A 50 4.87 -5.80 4.31
CA LEU A 50 4.17 -4.53 4.49
C LEU A 50 3.80 -4.32 5.95
N ARG A 51 4.46 -3.35 6.59
CA ARG A 51 4.19 -3.04 7.99
C ARG A 51 4.28 -1.54 8.24
N VAL A 52 4.01 -1.13 9.48
CA VAL A 52 4.07 0.28 9.85
C VAL A 52 5.50 0.81 9.79
N GLY A 53 5.66 1.96 9.16
CA GLY A 53 6.98 2.56 9.04
C GLY A 53 7.34 2.89 7.60
N ASP A 54 7.28 1.88 6.74
CA ASP A 54 7.59 2.06 5.33
C ASP A 54 6.59 2.99 4.66
N GLN A 55 7.02 3.64 3.58
CA GLN A 55 6.16 4.56 2.85
C GLN A 55 5.70 3.95 1.53
N LEU A 56 4.40 4.01 1.27
CA LEU A 56 3.84 3.46 0.04
C LEU A 56 3.77 4.53 -1.06
N VAL A 57 4.34 4.21 -2.21
CA VAL A 57 4.34 5.13 -3.33
C VAL A 57 3.65 4.53 -4.54
N ARG A 58 4.13 3.37 -4.98
CA ARG A 58 3.55 2.69 -6.14
C ARG A 58 3.44 3.63 -7.33
N PHE A 59 4.34 4.61 -7.39
CA PHE A 59 4.35 5.57 -8.48
C PHE A 59 5.78 5.95 -8.88
N ALA A 60 5.97 6.23 -10.16
CA ALA A 60 7.30 6.60 -10.66
C ALA A 60 7.67 8.02 -10.24
N GLY A 61 8.56 8.12 -9.26
CA GLY A 61 8.99 9.42 -8.78
C GLY A 61 9.11 9.47 -7.27
N TYR A 62 8.70 8.40 -6.61
CA TYR A 62 8.76 8.32 -5.16
C TYR A 62 7.92 9.42 -4.52
N THR A 63 6.77 9.70 -5.12
CA THR A 63 5.87 10.73 -4.61
C THR A 63 4.52 10.14 -4.22
N VAL A 64 3.81 10.84 -3.33
CA VAL A 64 2.50 10.39 -2.88
C VAL A 64 1.57 11.56 -2.63
N THR A 65 0.27 11.31 -2.72
CA THR A 65 -0.72 12.35 -2.50
C THR A 65 -1.36 12.24 -1.13
N GLU A 66 -2.22 11.24 -0.95
CA GLU A 66 -2.89 11.02 0.33
C GLU A 66 -3.55 9.65 0.37
N LEU A 67 -4.33 9.41 1.41
CA LEU A 67 -5.02 8.13 1.58
C LEU A 67 -5.83 7.80 0.34
N ALA A 68 -6.30 8.82 -0.35
CA ALA A 68 -7.09 8.63 -1.57
C ALA A 68 -6.26 7.97 -2.66
N ALA A 69 -5.03 8.44 -2.83
CA ALA A 69 -4.13 7.88 -3.84
C ALA A 69 -3.87 6.40 -3.59
N PHE A 70 -3.85 6.01 -2.32
CA PHE A 70 -3.61 4.61 -1.97
C PHE A 70 -4.90 3.80 -2.07
N ASN A 71 -6.03 4.46 -1.87
CA ASN A 71 -7.32 3.79 -1.95
C ASN A 71 -7.71 3.51 -3.39
N THR A 72 -7.32 4.41 -4.29
CA THR A 72 -7.62 4.25 -5.71
C THR A 72 -6.75 3.16 -6.34
N VAL A 73 -5.48 3.12 -5.94
CA VAL A 73 -4.55 2.14 -6.46
C VAL A 73 -4.86 0.74 -5.92
N VAL A 74 -5.18 0.67 -4.64
CA VAL A 74 -5.51 -0.60 -4.00
C VAL A 74 -6.82 -1.16 -4.53
N ALA A 75 -7.77 -0.27 -4.80
CA ALA A 75 -9.07 -0.68 -5.31
C ALA A 75 -8.92 -1.45 -6.62
N ARG A 76 -8.06 -0.98 -7.50
CA ARG A 76 -7.84 -1.63 -8.79
C ARG A 76 -6.92 -2.84 -8.62
N HIS A 77 -6.07 -2.81 -7.60
CA HIS A 77 -5.16 -3.89 -7.34
C HIS A 77 -5.86 -5.07 -6.68
N VAL A 78 -6.94 -4.76 -5.95
CA VAL A 78 -7.71 -5.79 -5.27
C VAL A 78 -8.13 -6.90 -6.23
N ARG A 79 -7.41 -8.02 -6.17
CA ARG A 79 -7.70 -9.16 -7.03
C ARG A 79 -7.22 -10.46 -6.40
N PRO A 80 -7.79 -11.59 -6.86
CA PRO A 80 -7.43 -12.91 -6.35
C PRO A 80 -6.02 -13.34 -6.77
N SER A 81 -5.10 -13.33 -5.81
CA SER A 81 -3.72 -13.70 -6.09
C SER A 81 -3.11 -12.80 -7.15
N ALA A 82 -3.41 -11.51 -7.06
CA ALA A 82 -2.89 -10.52 -8.01
C ALA A 82 -1.56 -9.96 -7.53
N SER A 83 -0.47 -10.44 -8.13
CA SER A 83 0.86 -9.97 -7.76
C SER A 83 1.29 -8.80 -8.63
N ILE A 84 1.59 -7.68 -8.00
CA ILE A 84 2.02 -6.48 -8.72
C ILE A 84 3.19 -5.81 -8.01
N PRO A 85 4.23 -5.45 -8.79
CA PRO A 85 5.43 -4.80 -8.28
C PRO A 85 5.16 -3.37 -7.81
N VAL A 86 5.42 -3.12 -6.54
CA VAL A 86 5.20 -1.79 -5.96
C VAL A 86 6.52 -1.15 -5.56
N VAL A 87 6.58 0.18 -5.64
CA VAL A 87 7.79 0.91 -5.26
C VAL A 87 7.69 1.47 -3.85
N PHE A 88 8.69 1.17 -3.03
CA PHE A 88 8.71 1.64 -1.64
C PHE A 88 9.92 2.55 -1.40
N SER A 89 9.78 3.45 -0.43
CA SER A 89 10.85 4.38 -0.09
C SER A 89 11.05 4.44 1.42
N ARG A 90 12.31 4.66 1.83
CA ARG A 90 12.63 4.74 3.25
C ARG A 90 13.50 5.96 3.53
N ASP A 91 12.85 7.08 3.82
CA ASP A 91 13.56 8.33 4.11
C ASP A 91 14.40 8.77 2.92
N GLY A 92 13.84 8.59 1.72
CA GLY A 92 14.56 8.97 0.52
C GLY A 92 15.20 7.79 -0.19
N VAL A 93 15.25 6.66 0.51
CA VAL A 93 15.85 5.44 -0.05
C VAL A 93 15.02 4.92 -1.23
N VAL A 94 15.71 4.42 -2.25
CA VAL A 94 15.06 3.89 -3.43
C VAL A 94 15.20 2.37 -3.50
N MET A 95 14.07 1.67 -3.37
CA MET A 95 14.07 0.21 -3.42
C MET A 95 12.81 -0.30 -4.11
N SER A 96 12.89 -1.53 -4.61
CA SER A 96 11.76 -2.14 -5.30
C SER A 96 11.49 -3.54 -4.78
N ALA A 97 10.24 -3.82 -4.44
CA ALA A 97 9.84 -5.13 -3.93
C ALA A 97 8.49 -5.55 -4.47
N THR A 98 8.36 -6.83 -4.83
CA THR A 98 7.12 -7.36 -5.36
C THR A 98 6.16 -7.75 -4.24
N ILE A 99 4.96 -7.19 -4.27
CA ILE A 99 3.95 -7.48 -3.26
C ILE A 99 2.75 -8.20 -3.88
N VAL A 100 2.41 -9.35 -3.31
CA VAL A 100 1.28 -10.13 -3.80
C VAL A 100 0.11 -10.08 -2.82
N VAL A 101 -0.99 -9.47 -3.25
CA VAL A 101 -2.18 -9.36 -2.40
C VAL A 101 -3.25 -10.37 -2.81
N GLY A 102 -3.52 -11.31 -1.93
CA GLY A 102 -4.52 -12.33 -2.21
C GLY A 102 -5.71 -12.25 -1.28
N GLU A 103 -6.86 -11.85 -1.82
CA GLU A 103 -8.08 -11.73 -1.03
C GLU A 103 -8.70 -13.10 -0.78
N LEU A 104 -8.59 -13.98 -1.77
CA LEU A 104 -9.14 -15.33 -1.66
C LEU A 104 -8.04 -16.38 -1.69
N GLU A 105 -7.03 -16.19 -0.85
CA GLU A 105 -5.92 -17.13 -0.77
C GLU A 105 -5.30 -17.34 -2.15
N PRO A 1 -11.67 -4.09 -10.02
CA PRO A 1 -12.17 -4.33 -8.66
C PRO A 1 -12.35 -3.05 -7.87
N LEU A 2 -12.62 -3.19 -6.58
CA LEU A 2 -12.81 -2.03 -5.71
C LEU A 2 -12.47 -2.38 -4.26
N THR A 3 -12.36 -1.34 -3.42
CA THR A 3 -12.03 -1.54 -2.02
C THR A 3 -13.11 -0.96 -1.12
N ARG A 4 -13.05 -1.30 0.17
CA ARG A 4 -14.02 -0.80 1.13
C ARG A 4 -14.16 0.72 1.04
N PRO A 5 -15.30 1.24 1.50
CA PRO A 5 -15.57 2.69 1.49
C PRO A 5 -14.71 3.45 2.46
N TYR A 6 -14.59 2.93 3.68
CA TYR A 6 -13.78 3.57 4.72
C TYR A 6 -12.32 3.16 4.61
N LEU A 7 -11.42 4.03 5.06
CA LEU A 7 -10.00 3.77 5.02
C LEU A 7 -9.54 2.97 6.24
N GLY A 8 -8.62 2.03 6.01
CA GLY A 8 -8.13 1.21 7.11
C GLY A 8 -6.68 1.50 7.43
N PHE A 9 -6.31 2.78 7.39
CA PHE A 9 -4.94 3.19 7.69
C PHE A 9 -4.81 4.71 7.70
N ARG A 10 -3.72 5.20 8.26
CA ARG A 10 -3.47 6.63 8.35
C ARG A 10 -2.18 7.01 7.65
N VAL A 11 -2.11 8.24 7.14
CA VAL A 11 -0.93 8.73 6.44
C VAL A 11 -0.55 10.13 6.91
N ALA A 12 0.74 10.41 6.94
CA ALA A 12 1.23 11.72 7.36
C ALA A 12 2.05 12.38 6.25
N VAL A 13 1.66 13.59 5.87
CA VAL A 13 2.36 14.32 4.83
C VAL A 13 3.61 14.99 5.38
N GLY A 14 4.74 14.74 4.72
CA GLY A 14 5.99 15.32 5.16
C GLY A 14 7.10 15.14 4.14
N ARG A 15 8.35 15.16 4.61
CA ARG A 15 9.50 15.00 3.73
C ARG A 15 10.48 13.99 4.29
N ASP A 16 11.10 13.21 3.41
CA ASP A 16 12.06 12.19 3.83
C ASP A 16 13.49 12.71 3.67
N SER A 17 14.46 11.84 3.96
CA SER A 17 15.86 12.22 3.84
C SER A 17 16.19 12.72 2.44
N SER A 18 15.41 12.28 1.46
CA SER A 18 15.61 12.67 0.07
C SER A 18 14.84 13.95 -0.25
N GLY A 19 13.53 13.92 0.03
CA GLY A 19 12.70 15.08 -0.24
C GLY A 19 11.95 14.97 -1.55
N CYS A 20 11.10 13.94 -1.66
CA CYS A 20 10.32 13.73 -2.87
C CYS A 20 8.83 13.94 -2.61
N THR A 21 8.52 14.50 -1.45
CA THR A 21 7.13 14.75 -1.07
C THR A 21 6.30 13.48 -1.12
N THR A 22 6.35 12.71 -0.04
CA THR A 22 5.60 11.45 0.04
C THR A 22 5.05 11.24 1.44
N LEU A 23 3.98 10.43 1.53
CA LEU A 23 3.36 10.14 2.81
C LEU A 23 3.80 8.78 3.34
N SER A 24 4.04 8.72 4.65
CA SER A 24 4.47 7.47 5.28
C SER A 24 3.29 6.74 5.91
N ILE A 25 3.37 5.41 5.92
CA ILE A 25 2.30 4.60 6.49
C ILE A 25 2.55 4.35 7.98
N GLN A 26 1.49 4.51 8.77
CA GLN A 26 1.58 4.30 10.22
C GLN A 26 0.87 3.01 10.62
N GLU A 27 -0.08 2.58 9.82
CA GLU A 27 -0.83 1.35 10.10
C GLU A 27 -0.79 0.41 8.90
N VAL A 28 -1.62 -0.63 8.95
CA VAL A 28 -1.68 -1.61 7.87
C VAL A 28 -2.94 -1.42 7.02
N THR A 29 -2.76 -1.49 5.71
CA THR A 29 -3.88 -1.32 4.79
C THR A 29 -4.07 -2.56 3.91
N GLN A 30 -3.10 -3.48 3.98
CA GLN A 30 -3.16 -4.71 3.20
C GLN A 30 -3.85 -5.82 3.99
N THR A 31 -4.52 -5.45 5.08
CA THR A 31 -5.22 -6.41 5.91
C THR A 31 -6.73 -6.21 5.83
N TYR A 32 -7.18 -5.49 4.80
CA TYR A 32 -8.60 -5.24 4.61
C TYR A 32 -9.07 -5.74 3.25
N THR A 33 -10.30 -6.22 3.20
CA THR A 33 -10.87 -6.73 1.96
C THR A 33 -12.39 -6.80 2.03
N GLY A 34 -13.05 -6.56 0.91
CA GLY A 34 -14.50 -6.59 0.86
C GLY A 34 -15.04 -6.81 -0.54
N SER A 35 -14.36 -6.23 -1.53
CA SER A 35 -14.78 -6.36 -2.91
C SER A 35 -13.86 -7.31 -3.68
N ASN A 36 -14.44 -8.09 -4.58
CA ASN A 36 -13.68 -9.04 -5.37
C ASN A 36 -13.01 -10.08 -4.48
N GLY A 37 -13.64 -10.37 -3.34
CA GLY A 37 -13.09 -11.34 -2.42
C GLY A 37 -13.87 -11.41 -1.12
N GLY A 38 -13.82 -10.34 -0.34
CA GLY A 38 -14.52 -10.31 0.93
C GLY A 38 -13.83 -11.13 2.01
N ALA A 39 -12.87 -10.51 2.69
CA ALA A 39 -12.13 -11.18 3.75
C ALA A 39 -11.10 -10.25 4.39
N ASP A 40 -11.57 -9.37 5.26
CA ASP A 40 -10.70 -8.42 5.93
C ASP A 40 -10.00 -9.08 7.13
N LEU A 41 -8.68 -9.24 7.02
CA LEU A 41 -7.91 -9.87 8.09
C LEU A 41 -6.41 -9.74 7.81
N MET A 42 -5.62 -10.48 8.57
CA MET A 42 -4.16 -10.46 8.40
C MET A 42 -3.66 -11.80 7.88
N GLY A 43 -2.89 -11.76 6.79
CA GLY A 43 -2.36 -12.97 6.22
C GLY A 43 -1.48 -12.71 5.01
N PRO A 44 -2.11 -12.27 3.91
CA PRO A 44 -1.41 -11.96 2.66
C PRO A 44 -0.54 -10.71 2.77
N ALA A 45 -0.86 -9.86 3.74
CA ALA A 45 -0.10 -8.63 3.95
C ALA A 45 1.34 -8.94 4.37
N PHE A 46 1.49 -9.85 5.33
CA PHE A 46 2.81 -10.24 5.82
C PHE A 46 3.51 -11.15 4.83
N ALA A 47 2.77 -11.62 3.83
CA ALA A 47 3.33 -12.49 2.80
C ALA A 47 4.40 -11.78 1.99
N ALA A 48 4.18 -10.49 1.74
CA ALA A 48 5.12 -9.69 0.97
C ALA A 48 6.06 -8.92 1.89
N GLY A 49 5.63 -8.70 3.12
CA GLY A 49 6.45 -7.97 4.09
C GLY A 49 5.92 -6.58 4.36
N LEU A 50 4.68 -6.34 3.98
CA LEU A 50 4.05 -5.03 4.19
C LEU A 50 3.84 -4.76 5.67
N ARG A 51 4.58 -3.78 6.19
CA ARG A 51 4.48 -3.43 7.60
C ARG A 51 4.61 -1.91 7.78
N VAL A 52 4.09 -1.41 8.89
CA VAL A 52 4.16 0.02 9.19
C VAL A 52 5.58 0.52 9.16
N GLY A 53 5.79 1.65 8.48
CA GLY A 53 7.13 2.21 8.38
C GLY A 53 7.55 2.47 6.95
N ASP A 54 6.97 1.72 6.02
CA ASP A 54 7.28 1.87 4.61
C ASP A 54 6.28 2.78 3.91
N GLN A 55 6.78 3.86 3.31
CA GLN A 55 5.93 4.80 2.61
C GLN A 55 5.42 4.23 1.30
N LEU A 56 4.10 4.09 1.18
CA LEU A 56 3.49 3.55 -0.03
C LEU A 56 3.38 4.61 -1.11
N VAL A 57 4.20 4.47 -2.15
CA VAL A 57 4.19 5.42 -3.25
C VAL A 57 3.46 4.86 -4.46
N ARG A 58 3.91 3.70 -4.94
CA ARG A 58 3.30 3.05 -6.10
C ARG A 58 3.21 4.01 -7.28
N PHE A 59 4.14 4.96 -7.33
CA PHE A 59 4.16 5.95 -8.41
C PHE A 59 5.59 6.29 -8.80
N ALA A 60 5.80 6.54 -10.09
CA ALA A 60 7.12 6.89 -10.60
C ALA A 60 7.52 8.29 -10.20
N GLY A 61 8.42 8.40 -9.23
CA GLY A 61 8.87 9.70 -8.76
C GLY A 61 8.98 9.78 -7.26
N TYR A 62 8.58 8.70 -6.58
CA TYR A 62 8.62 8.65 -5.12
C TYR A 62 7.75 9.74 -4.51
N THR A 63 6.60 9.99 -5.12
CA THR A 63 5.68 11.00 -4.64
C THR A 63 4.32 10.40 -4.31
N VAL A 64 3.60 11.03 -3.39
CA VAL A 64 2.28 10.56 -3.00
C VAL A 64 1.34 11.73 -2.71
N THR A 65 0.04 11.48 -2.85
CA THR A 65 -0.97 12.50 -2.61
C THR A 65 -1.58 12.37 -1.22
N GLU A 66 -2.28 11.25 -1.00
CA GLU A 66 -2.92 11.00 0.29
C GLU A 66 -3.62 9.64 0.28
N LEU A 67 -4.31 9.35 1.38
CA LEU A 67 -5.02 8.07 1.51
C LEU A 67 -5.97 7.87 0.33
N ALA A 68 -6.50 8.96 -0.20
CA ALA A 68 -7.42 8.90 -1.33
C ALA A 68 -6.73 8.33 -2.56
N ALA A 69 -5.48 8.73 -2.77
CA ALA A 69 -4.71 8.25 -3.92
C ALA A 69 -4.44 6.76 -3.82
N PHE A 70 -4.26 6.27 -2.59
CA PHE A 70 -3.99 4.86 -2.36
C PHE A 70 -5.28 4.04 -2.44
N ASN A 71 -6.38 4.64 -2.01
CA ASN A 71 -7.68 3.98 -2.04
C ASN A 71 -8.06 3.58 -3.46
N THR A 72 -7.69 4.41 -4.42
CA THR A 72 -7.99 4.16 -5.82
C THR A 72 -7.12 3.04 -6.37
N VAL A 73 -5.85 3.01 -5.97
CA VAL A 73 -4.92 1.99 -6.42
C VAL A 73 -5.26 0.64 -5.81
N VAL A 74 -5.43 0.61 -4.49
CA VAL A 74 -5.76 -0.63 -3.79
C VAL A 74 -7.06 -1.23 -4.30
N ALA A 75 -8.04 -0.36 -4.58
CA ALA A 75 -9.32 -0.81 -5.08
C ALA A 75 -9.17 -1.57 -6.39
N ARG A 76 -8.34 -1.05 -7.29
CA ARG A 76 -8.10 -1.70 -8.57
C ARG A 76 -7.14 -2.86 -8.43
N HIS A 77 -6.28 -2.79 -7.42
CA HIS A 77 -5.30 -3.85 -7.18
C HIS A 77 -5.96 -5.06 -6.52
N VAL A 78 -7.04 -4.82 -5.78
CA VAL A 78 -7.76 -5.89 -5.10
C VAL A 78 -8.12 -7.01 -6.07
N ARG A 79 -7.34 -8.09 -6.04
CA ARG A 79 -7.58 -9.23 -6.91
C ARG A 79 -7.06 -10.52 -6.28
N PRO A 80 -7.59 -11.66 -6.74
CA PRO A 80 -7.19 -12.97 -6.24
C PRO A 80 -5.76 -13.35 -6.65
N SER A 81 -4.85 -13.31 -5.68
CA SER A 81 -3.45 -13.64 -5.94
C SER A 81 -2.86 -12.71 -6.99
N ALA A 82 -3.22 -11.43 -6.91
CA ALA A 82 -2.72 -10.44 -7.84
C ALA A 82 -1.40 -9.84 -7.37
N SER A 83 -0.30 -10.26 -8.01
CA SER A 83 1.02 -9.78 -7.64
C SER A 83 1.52 -8.74 -8.65
N ILE A 84 1.69 -7.51 -8.19
CA ILE A 84 2.15 -6.43 -9.05
C ILE A 84 3.32 -5.70 -8.41
N PRO A 85 4.11 -5.00 -9.25
CA PRO A 85 5.28 -4.24 -8.79
C PRO A 85 4.88 -3.01 -7.98
N VAL A 86 5.65 -2.72 -6.94
CA VAL A 86 5.38 -1.57 -6.08
C VAL A 86 6.68 -0.88 -5.65
N VAL A 87 6.64 0.43 -5.53
CA VAL A 87 7.81 1.20 -5.12
C VAL A 87 7.64 1.75 -3.70
N PHE A 88 8.54 1.36 -2.81
CA PHE A 88 8.49 1.82 -1.43
C PHE A 88 9.76 2.58 -1.05
N SER A 89 9.64 3.44 -0.05
CA SER A 89 10.78 4.25 0.39
C SER A 89 11.05 4.02 1.88
N ARG A 90 12.33 4.11 2.27
CA ARG A 90 12.71 3.92 3.66
C ARG A 90 13.40 5.16 4.21
N ASP A 91 12.62 6.18 4.55
CA ASP A 91 13.15 7.42 5.07
C ASP A 91 14.07 8.10 4.06
N GLY A 92 13.67 8.06 2.80
CA GLY A 92 14.46 8.67 1.75
C GLY A 92 15.26 7.66 0.95
N VAL A 93 14.93 6.38 1.13
CA VAL A 93 15.62 5.31 0.42
C VAL A 93 14.82 4.84 -0.78
N VAL A 94 15.53 4.44 -1.84
CA VAL A 94 14.88 3.96 -3.05
C VAL A 94 15.08 2.46 -3.23
N MET A 95 13.99 1.72 -3.13
CA MET A 95 14.04 0.26 -3.27
C MET A 95 12.75 -0.26 -3.91
N SER A 96 12.89 -1.32 -4.71
CA SER A 96 11.75 -1.91 -5.39
C SER A 96 11.51 -3.34 -4.90
N ALA A 97 10.27 -3.63 -4.54
CA ALA A 97 9.90 -4.96 -4.06
C ALA A 97 8.53 -5.38 -4.57
N THR A 98 8.40 -6.64 -4.94
CA THR A 98 7.14 -7.17 -5.46
C THR A 98 6.20 -7.57 -4.32
N ILE A 99 5.00 -7.02 -4.33
CA ILE A 99 4.01 -7.33 -3.30
C ILE A 99 2.81 -8.07 -3.89
N VAL A 100 2.49 -9.22 -3.31
CA VAL A 100 1.37 -10.02 -3.77
C VAL A 100 0.25 -10.05 -2.73
N VAL A 101 -0.87 -9.42 -3.05
CA VAL A 101 -2.02 -9.38 -2.15
C VAL A 101 -3.09 -10.36 -2.58
N GLY A 102 -3.50 -11.23 -1.67
CA GLY A 102 -4.53 -12.21 -1.98
C GLY A 102 -5.80 -11.98 -1.19
N GLU A 103 -6.86 -11.56 -1.87
CA GLU A 103 -8.13 -11.31 -1.21
C GLU A 103 -8.87 -12.61 -0.91
N LEU A 104 -8.60 -13.63 -1.74
CA LEU A 104 -9.23 -14.93 -1.57
C LEU A 104 -8.65 -15.95 -2.54
N GLU A 105 -7.36 -15.78 -2.86
CA GLU A 105 -6.68 -16.68 -3.78
C GLU A 105 -7.42 -16.77 -5.10
N PRO A 1 -11.77 -4.81 -10.97
CA PRO A 1 -12.51 -4.82 -9.72
C PRO A 1 -12.71 -3.41 -9.14
N LEU A 2 -13.21 -3.35 -7.92
CA LEU A 2 -13.45 -2.07 -7.25
C LEU A 2 -13.59 -2.26 -5.75
N THR A 3 -13.27 -1.20 -5.00
CA THR A 3 -13.36 -1.24 -3.55
C THR A 3 -14.14 -0.05 -3.00
N ARG A 4 -14.51 -0.12 -1.73
CA ARG A 4 -15.26 0.96 -1.09
C ARG A 4 -14.32 1.93 -0.38
N PRO A 5 -14.77 3.18 -0.21
CA PRO A 5 -13.99 4.22 0.46
C PRO A 5 -13.84 3.97 1.95
N TYR A 6 -12.91 3.08 2.31
CA TYR A 6 -12.67 2.74 3.71
C TYR A 6 -11.20 2.96 4.07
N LEU A 7 -10.98 3.69 5.16
CA LEU A 7 -9.63 3.97 5.62
C LEU A 7 -9.36 3.31 6.97
N GLY A 8 -8.32 2.49 7.01
CA GLY A 8 -7.97 1.81 8.24
C GLY A 8 -6.54 2.06 8.67
N PHE A 9 -5.96 3.13 8.16
CA PHE A 9 -4.58 3.50 8.48
C PHE A 9 -4.40 5.00 8.50
N ARG A 10 -3.21 5.45 8.93
CA ARG A 10 -2.92 6.88 8.99
C ARG A 10 -1.82 7.25 8.00
N VAL A 11 -1.81 8.52 7.59
CA VAL A 11 -0.82 9.00 6.64
C VAL A 11 -0.26 10.35 7.08
N ALA A 12 1.06 10.46 7.07
CA ALA A 12 1.74 11.69 7.47
C ALA A 12 2.48 12.32 6.30
N VAL A 13 2.12 13.55 5.96
CA VAL A 13 2.75 14.26 4.86
C VAL A 13 4.04 14.94 5.31
N GLY A 14 5.12 14.72 4.55
CA GLY A 14 6.39 15.32 4.89
C GLY A 14 7.40 15.20 3.76
N ARG A 15 8.68 15.33 4.11
CA ARG A 15 9.74 15.24 3.11
C ARG A 15 10.86 14.32 3.60
N ASP A 16 11.43 13.55 2.68
CA ASP A 16 12.51 12.62 3.01
C ASP A 16 13.87 13.23 2.67
N SER A 17 14.93 12.45 2.87
CA SER A 17 16.29 12.90 2.58
C SER A 17 16.44 13.23 1.10
N SER A 18 15.64 12.59 0.26
CA SER A 18 15.70 12.82 -1.18
C SER A 18 14.88 14.05 -1.56
N GLY A 19 13.65 14.11 -1.07
CA GLY A 19 12.79 15.24 -1.39
C GLY A 19 11.90 14.98 -2.58
N CYS A 20 11.10 13.92 -2.51
CA CYS A 20 10.20 13.57 -3.60
C CYS A 20 8.74 13.74 -3.18
N THR A 21 8.53 14.38 -2.03
CA THR A 21 7.18 14.60 -1.52
C THR A 21 6.38 13.31 -1.48
N THR A 22 6.49 12.57 -0.38
CA THR A 22 5.78 11.32 -0.23
C THR A 22 5.29 11.14 1.20
N LEU A 23 4.26 10.31 1.37
CA LEU A 23 3.69 10.05 2.69
C LEU A 23 4.16 8.70 3.23
N SER A 24 4.06 8.53 4.54
CA SER A 24 4.47 7.29 5.19
C SER A 24 3.32 6.67 5.96
N ILE A 25 3.15 5.35 5.81
CA ILE A 25 2.08 4.64 6.49
C ILE A 25 2.50 4.27 7.91
N GLN A 26 1.61 4.51 8.87
CA GLN A 26 1.89 4.19 10.27
C GLN A 26 1.05 3.01 10.74
N GLU A 27 0.10 2.60 9.90
CA GLU A 27 -0.77 1.48 10.23
C GLU A 27 -0.66 0.38 9.17
N VAL A 28 -1.59 -0.58 9.23
CA VAL A 28 -1.61 -1.68 8.27
C VAL A 28 -2.90 -1.69 7.47
N THR A 29 -2.76 -1.63 6.15
CA THR A 29 -3.91 -1.64 5.26
C THR A 29 -3.88 -2.82 4.31
N GLN A 30 -2.75 -3.52 4.28
CA GLN A 30 -2.58 -4.68 3.41
C GLN A 30 -3.14 -5.93 4.06
N THR A 31 -3.73 -5.77 5.24
CA THR A 31 -4.31 -6.90 5.97
C THR A 31 -5.83 -6.79 6.02
N TYR A 32 -6.39 -5.95 5.16
CA TYR A 32 -7.84 -5.76 5.10
C TYR A 32 -8.38 -6.08 3.71
N THR A 33 -9.61 -6.60 3.68
CA THR A 33 -10.24 -6.95 2.42
C THR A 33 -11.77 -6.98 2.56
N GLY A 34 -12.45 -6.68 1.46
CA GLY A 34 -13.91 -6.68 1.49
C GLY A 34 -14.51 -6.83 0.10
N SER A 35 -13.86 -6.24 -0.90
CA SER A 35 -14.34 -6.31 -2.27
C SER A 35 -13.49 -7.28 -3.10
N ASN A 36 -14.12 -7.90 -4.09
CA ASN A 36 -13.42 -8.85 -4.95
C ASN A 36 -12.76 -9.95 -4.12
N GLY A 37 -13.35 -10.26 -2.97
CA GLY A 37 -12.81 -11.29 -2.11
C GLY A 37 -13.53 -11.38 -0.78
N GLY A 38 -13.33 -10.37 0.07
CA GLY A 38 -13.98 -10.36 1.37
C GLY A 38 -13.30 -11.29 2.35
N ALA A 39 -12.25 -10.79 3.00
CA ALA A 39 -11.52 -11.59 3.99
C ALA A 39 -10.36 -10.79 4.58
N ASP A 40 -10.68 -9.93 5.55
CA ASP A 40 -9.67 -9.11 6.20
C ASP A 40 -8.86 -9.94 7.19
N LEU A 41 -7.57 -10.08 6.92
CA LEU A 41 -6.68 -10.85 7.78
C LEU A 41 -5.22 -10.56 7.46
N MET A 42 -4.33 -11.41 7.96
CA MET A 42 -2.90 -11.25 7.73
C MET A 42 -2.36 -12.37 6.84
N GLY A 43 -1.81 -11.99 5.69
CA GLY A 43 -1.27 -12.98 4.78
C GLY A 43 -0.39 -12.36 3.73
N PRO A 44 -1.01 -11.61 2.80
CA PRO A 44 -0.28 -10.94 1.71
C PRO A 44 0.59 -9.79 2.20
N ALA A 45 0.27 -9.28 3.38
CA ALA A 45 1.03 -8.18 3.97
C ALA A 45 2.37 -8.67 4.52
N PHE A 46 2.33 -9.77 5.28
CA PHE A 46 3.54 -10.33 5.87
C PHE A 46 4.43 -10.95 4.78
N ALA A 47 3.82 -11.36 3.69
CA ALA A 47 4.55 -11.97 2.58
C ALA A 47 5.33 -10.92 1.81
N ALA A 48 4.82 -9.69 1.80
CA ALA A 48 5.47 -8.59 1.09
C ALA A 48 6.35 -7.77 2.04
N GLY A 49 6.04 -7.85 3.33
CA GLY A 49 6.80 -7.10 4.32
C GLY A 49 6.13 -5.81 4.73
N LEU A 50 4.84 -5.68 4.41
CA LEU A 50 4.08 -4.49 4.74
C LEU A 50 3.90 -4.36 6.25
N ARG A 51 4.55 -3.36 6.83
CA ARG A 51 4.46 -3.13 8.28
C ARG A 51 4.44 -1.63 8.58
N VAL A 52 3.92 -1.28 9.76
CA VAL A 52 3.85 0.11 10.18
C VAL A 52 5.22 0.77 10.14
N GLY A 53 5.29 1.94 9.50
CA GLY A 53 6.55 2.66 9.41
C GLY A 53 7.02 2.82 7.98
N ASP A 54 6.86 1.75 7.18
CA ASP A 54 7.28 1.79 5.78
C ASP A 54 6.43 2.76 4.98
N GLN A 55 7.03 3.39 3.98
CA GLN A 55 6.33 4.36 3.14
C GLN A 55 5.78 3.69 1.89
N LEU A 56 4.49 3.90 1.64
CA LEU A 56 3.83 3.32 0.47
C LEU A 56 3.57 4.38 -0.59
N VAL A 57 4.20 4.23 -1.75
CA VAL A 57 4.04 5.18 -2.84
C VAL A 57 3.25 4.54 -3.99
N ARG A 58 3.75 3.42 -4.50
CA ARG A 58 3.11 2.72 -5.60
C ARG A 58 3.00 3.62 -6.83
N PHE A 59 3.94 4.54 -6.96
CA PHE A 59 3.96 5.46 -8.09
C PHE A 59 5.39 5.73 -8.55
N ALA A 60 5.56 5.96 -9.86
CA ALA A 60 6.87 6.23 -10.43
C ALA A 60 7.32 7.65 -10.10
N GLY A 61 8.26 7.77 -9.17
CA GLY A 61 8.76 9.08 -8.78
C GLY A 61 8.88 9.23 -7.29
N TYR A 62 8.45 8.21 -6.55
CA TYR A 62 8.52 8.24 -5.09
C TYR A 62 7.69 9.40 -4.54
N THR A 63 6.54 9.65 -5.16
CA THR A 63 5.65 10.72 -4.74
C THR A 63 4.29 10.18 -4.35
N VAL A 64 3.62 10.88 -3.42
CA VAL A 64 2.30 10.47 -2.96
C VAL A 64 1.42 11.68 -2.67
N THR A 65 0.10 11.48 -2.75
CA THR A 65 -0.84 12.56 -2.49
C THR A 65 -1.45 12.43 -1.10
N GLU A 66 -2.27 11.41 -0.91
CA GLU A 66 -2.93 11.18 0.37
C GLU A 66 -3.72 9.87 0.36
N LEU A 67 -4.39 9.58 1.47
CA LEU A 67 -5.19 8.36 1.59
C LEU A 67 -6.19 8.26 0.44
N ALA A 68 -6.58 9.40 -0.10
CA ALA A 68 -7.53 9.43 -1.21
C ALA A 68 -6.97 8.74 -2.44
N ALA A 69 -5.70 9.02 -2.75
CA ALA A 69 -5.04 8.42 -3.90
C ALA A 69 -4.85 6.92 -3.70
N PHE A 70 -4.61 6.51 -2.47
CA PHE A 70 -4.40 5.10 -2.15
C PHE A 70 -5.68 4.30 -2.39
N ASN A 71 -6.83 4.93 -2.14
CA ASN A 71 -8.12 4.28 -2.34
C ASN A 71 -8.30 3.85 -3.80
N THR A 72 -7.81 4.67 -4.71
CA THR A 72 -7.91 4.39 -6.14
C THR A 72 -7.01 3.24 -6.54
N VAL A 73 -5.79 3.22 -5.99
CA VAL A 73 -4.83 2.16 -6.29
C VAL A 73 -5.26 0.85 -5.65
N VAL A 74 -5.71 0.90 -4.41
CA VAL A 74 -6.15 -0.29 -3.69
C VAL A 74 -7.29 -0.98 -4.44
N ALA A 75 -8.24 -0.20 -4.92
CA ALA A 75 -9.38 -0.74 -5.64
C ALA A 75 -8.92 -1.55 -6.85
N ARG A 76 -7.92 -1.05 -7.56
CA ARG A 76 -7.39 -1.72 -8.74
C ARG A 76 -6.47 -2.86 -8.33
N HIS A 77 -5.83 -2.72 -7.18
CA HIS A 77 -4.92 -3.74 -6.67
C HIS A 77 -5.69 -4.93 -6.09
N VAL A 78 -6.90 -4.66 -5.61
CA VAL A 78 -7.74 -5.71 -5.03
C VAL A 78 -8.12 -6.75 -6.07
N ARG A 79 -7.37 -7.86 -6.10
CA ARG A 79 -7.63 -8.93 -7.04
C ARG A 79 -7.11 -10.26 -6.50
N PRO A 80 -7.68 -11.37 -7.02
CA PRO A 80 -7.29 -12.72 -6.61
C PRO A 80 -5.89 -13.09 -7.08
N SER A 81 -4.94 -13.14 -6.15
CA SER A 81 -3.57 -13.47 -6.47
C SER A 81 -2.98 -12.48 -7.48
N ALA A 82 -3.31 -11.21 -7.30
CA ALA A 82 -2.82 -10.17 -8.18
C ALA A 82 -1.47 -9.62 -7.71
N SER A 83 -0.41 -10.01 -8.41
CA SER A 83 0.93 -9.56 -8.06
C SER A 83 1.31 -8.29 -8.81
N ILE A 84 1.46 -7.19 -8.06
CA ILE A 84 1.81 -5.91 -8.66
C ILE A 84 3.05 -5.32 -7.99
N PRO A 85 3.99 -4.85 -8.82
CA PRO A 85 5.24 -4.24 -8.33
C PRO A 85 5.00 -2.89 -7.66
N VAL A 86 5.25 -2.83 -6.36
CA VAL A 86 5.06 -1.59 -5.60
C VAL A 86 6.41 -1.01 -5.17
N VAL A 87 6.52 0.31 -5.22
CA VAL A 87 7.75 0.99 -4.82
C VAL A 87 7.66 1.48 -3.38
N PHE A 88 8.67 1.16 -2.59
CA PHE A 88 8.72 1.56 -1.19
C PHE A 88 9.89 2.51 -0.94
N SER A 89 9.78 3.30 0.13
CA SER A 89 10.82 4.25 0.49
C SER A 89 11.09 4.23 1.99
N ARG A 90 12.35 4.49 2.35
CA ARG A 90 12.74 4.49 3.76
C ARG A 90 13.61 5.71 4.07
N ASP A 91 12.96 6.82 4.41
CA ASP A 91 13.67 8.05 4.74
C ASP A 91 14.48 8.54 3.54
N GLY A 92 13.91 8.41 2.35
CA GLY A 92 14.59 8.84 1.14
C GLY A 92 15.21 7.68 0.38
N VAL A 93 15.29 6.52 1.02
CA VAL A 93 15.87 5.34 0.40
C VAL A 93 15.00 4.85 -0.75
N VAL A 94 15.65 4.35 -1.80
CA VAL A 94 14.94 3.86 -2.98
C VAL A 94 15.04 2.33 -3.07
N MET A 95 13.89 1.67 -3.02
CA MET A 95 13.85 0.22 -3.11
C MET A 95 12.63 -0.26 -3.88
N SER A 96 12.65 -1.52 -4.31
CA SER A 96 11.54 -2.09 -5.07
C SER A 96 11.28 -3.53 -4.66
N ALA A 97 10.03 -3.83 -4.33
CA ALA A 97 9.65 -5.18 -3.92
C ALA A 97 8.27 -5.55 -4.45
N THR A 98 8.12 -6.79 -4.89
CA THR A 98 6.86 -7.27 -5.43
C THR A 98 5.92 -7.73 -4.32
N ILE A 99 4.72 -7.16 -4.29
CA ILE A 99 3.74 -7.52 -3.27
C ILE A 99 2.57 -8.29 -3.87
N VAL A 100 2.27 -9.45 -3.30
CA VAL A 100 1.17 -10.28 -3.79
C VAL A 100 -0.03 -10.21 -2.86
N VAL A 101 -1.11 -9.61 -3.35
CA VAL A 101 -2.33 -9.47 -2.56
C VAL A 101 -3.30 -10.62 -2.83
N GLY A 102 -3.68 -11.32 -1.77
CA GLY A 102 -4.59 -12.44 -1.90
C GLY A 102 -5.98 -12.12 -1.39
N GLU A 103 -6.94 -12.02 -2.30
CA GLU A 103 -8.31 -11.72 -1.93
C GLU A 103 -9.11 -13.00 -1.69
N LEU A 104 -8.78 -14.03 -2.45
CA LEU A 104 -9.47 -15.32 -2.32
C LEU A 104 -8.47 -16.45 -2.09
N GLU A 105 -8.98 -17.66 -1.91
CA GLU A 105 -8.13 -18.82 -1.69
C GLU A 105 -8.78 -20.08 -2.27
N PRO A 1 -11.47 -4.43 -9.83
CA PRO A 1 -11.99 -4.68 -8.49
C PRO A 1 -12.18 -3.41 -7.69
N LEU A 2 -12.45 -3.57 -6.39
CA LEU A 2 -12.66 -2.41 -5.51
C LEU A 2 -12.34 -2.78 -4.06
N THR A 3 -12.27 -1.77 -3.21
CA THR A 3 -11.97 -1.99 -1.80
C THR A 3 -13.01 -1.31 -0.91
N ARG A 4 -13.00 -1.64 0.38
CA ARG A 4 -13.95 -1.08 1.33
C ARG A 4 -14.00 0.44 1.19
N PRO A 5 -15.15 1.03 1.57
CA PRO A 5 -15.36 2.48 1.49
C PRO A 5 -14.52 3.25 2.51
N TYR A 6 -14.56 2.80 3.75
CA TYR A 6 -13.80 3.44 4.83
C TYR A 6 -12.40 2.85 4.93
N LEU A 7 -11.46 3.66 5.41
CA LEU A 7 -10.08 3.22 5.56
C LEU A 7 -9.68 3.14 7.03
N GLY A 8 -8.89 2.14 7.37
CA GLY A 8 -8.45 1.97 8.75
C GLY A 8 -6.97 2.23 8.91
N PHE A 9 -6.48 3.30 8.29
CA PHE A 9 -5.06 3.65 8.38
C PHE A 9 -4.87 5.16 8.28
N ARG A 10 -3.82 5.66 8.90
CA ARG A 10 -3.52 7.09 8.89
C ARG A 10 -2.23 7.37 8.12
N VAL A 11 -2.12 8.58 7.56
CA VAL A 11 -0.94 8.97 6.82
C VAL A 11 -0.48 10.37 7.21
N ALA A 12 0.83 10.57 7.21
CA ALA A 12 1.41 11.87 7.56
C ALA A 12 2.28 12.40 6.45
N VAL A 13 1.94 13.58 5.95
CA VAL A 13 2.71 14.21 4.87
C VAL A 13 3.88 15.02 5.42
N GLY A 14 5.05 14.86 4.80
CA GLY A 14 6.23 15.59 5.24
C GLY A 14 7.37 15.50 4.25
N ARG A 15 8.59 15.51 4.77
CA ARG A 15 9.78 15.43 3.92
C ARG A 15 10.77 14.40 4.46
N ASP A 16 11.42 13.68 3.56
CA ASP A 16 12.39 12.67 3.95
C ASP A 16 13.82 13.21 3.84
N SER A 17 14.79 12.36 4.14
CA SER A 17 16.19 12.75 4.07
C SER A 17 16.58 13.11 2.65
N SER A 18 15.88 12.54 1.68
CA SER A 18 16.16 12.81 0.28
C SER A 18 15.56 14.14 -0.16
N GLY A 19 14.23 14.19 -0.22
CA GLY A 19 13.56 15.41 -0.62
C GLY A 19 12.75 15.23 -1.89
N CYS A 20 11.96 14.17 -1.94
CA CYS A 20 11.13 13.89 -3.11
C CYS A 20 9.65 14.02 -2.77
N THR A 21 9.36 14.56 -1.59
CA THR A 21 7.99 14.74 -1.14
C THR A 21 7.24 13.41 -1.14
N THR A 22 7.33 12.70 -0.02
CA THR A 22 6.66 11.41 0.11
C THR A 22 5.96 11.29 1.46
N LEU A 23 4.98 10.40 1.54
CA LEU A 23 4.23 10.19 2.78
C LEU A 23 4.65 8.88 3.44
N SER A 24 4.38 8.76 4.74
CA SER A 24 4.73 7.57 5.49
C SER A 24 3.48 6.91 6.08
N ILE A 25 3.48 5.58 6.11
CA ILE A 25 2.35 4.84 6.65
C ILE A 25 2.54 4.53 8.12
N GLN A 26 1.48 4.75 8.90
CA GLN A 26 1.54 4.49 10.33
C GLN A 26 0.74 3.24 10.70
N GLU A 27 -0.18 2.85 9.82
CA GLU A 27 -1.01 1.68 10.05
C GLU A 27 -0.97 0.74 8.85
N VAL A 28 -1.85 -0.25 8.85
CA VAL A 28 -1.91 -1.22 7.77
C VAL A 28 -3.31 -1.32 7.19
N THR A 29 -3.40 -1.31 5.87
CA THR A 29 -4.70 -1.40 5.19
C THR A 29 -4.76 -2.61 4.27
N GLN A 30 -3.69 -3.41 4.29
CA GLN A 30 -3.63 -4.60 3.46
C GLN A 30 -4.29 -5.80 4.14
N THR A 31 -4.94 -5.53 5.28
CA THR A 31 -5.62 -6.57 6.04
C THR A 31 -7.12 -6.46 5.88
N TYR A 32 -7.56 -5.74 4.86
CA TYR A 32 -8.98 -5.56 4.60
C TYR A 32 -9.34 -6.04 3.19
N THR A 33 -10.59 -6.50 3.03
CA THR A 33 -11.05 -6.98 1.74
C THR A 33 -12.58 -6.99 1.69
N GLY A 34 -13.13 -6.85 0.48
CA GLY A 34 -14.57 -6.85 0.32
C GLY A 34 -14.99 -7.19 -1.11
N SER A 35 -14.22 -6.70 -2.07
CA SER A 35 -14.52 -6.95 -3.48
C SER A 35 -13.55 -7.99 -4.07
N ASN A 36 -14.08 -8.82 -4.95
CA ASN A 36 -13.25 -9.86 -5.59
C ASN A 36 -12.50 -10.67 -4.55
N GLY A 37 -13.07 -10.77 -3.35
CA GLY A 37 -12.43 -11.52 -2.29
C GLY A 37 -13.31 -11.65 -1.06
N GLY A 38 -13.75 -10.52 -0.52
CA GLY A 38 -14.59 -10.52 0.66
C GLY A 38 -14.01 -11.37 1.78
N ALA A 39 -13.06 -10.81 2.51
CA ALA A 39 -12.43 -11.51 3.63
C ALA A 39 -11.39 -10.64 4.31
N ASP A 40 -11.85 -9.67 5.08
CA ASP A 40 -10.96 -8.76 5.79
C ASP A 40 -10.27 -9.48 6.94
N LEU A 41 -8.95 -9.66 6.81
CA LEU A 41 -8.17 -10.34 7.84
C LEU A 41 -6.68 -10.09 7.63
N MET A 42 -5.85 -10.89 8.32
CA MET A 42 -4.41 -10.77 8.21
C MET A 42 -3.81 -11.99 7.52
N GLY A 43 -3.29 -11.79 6.32
CA GLY A 43 -2.70 -12.89 5.56
C GLY A 43 -1.87 -12.40 4.40
N PRO A 44 -2.54 -11.85 3.38
CA PRO A 44 -1.87 -11.34 2.18
C PRO A 44 -1.05 -10.08 2.46
N ALA A 45 -1.26 -9.49 3.63
CA ALA A 45 -0.54 -8.29 4.02
C ALA A 45 0.87 -8.63 4.51
N PHE A 46 0.98 -9.73 5.23
CA PHE A 46 2.27 -10.17 5.77
C PHE A 46 3.03 -10.99 4.74
N ALA A 47 2.33 -11.45 3.71
CA ALA A 47 2.93 -12.25 2.66
C ALA A 47 3.98 -11.45 1.89
N ALA A 48 3.70 -10.17 1.66
CA ALA A 48 4.61 -9.31 0.95
C ALA A 48 5.53 -8.56 1.91
N GLY A 49 5.09 -8.43 3.16
CA GLY A 49 5.88 -7.73 4.15
C GLY A 49 5.38 -6.32 4.41
N LEU A 50 4.16 -6.04 3.97
CA LEU A 50 3.57 -4.72 4.16
C LEU A 50 3.28 -4.45 5.63
N ARG A 51 4.02 -3.51 6.21
CA ARG A 51 3.83 -3.17 7.62
C ARG A 51 3.97 -1.66 7.83
N VAL A 52 3.78 -1.21 9.06
CA VAL A 52 3.88 0.20 9.40
C VAL A 52 5.33 0.68 9.34
N GLY A 53 5.55 1.81 8.67
CA GLY A 53 6.90 2.34 8.56
C GLY A 53 7.40 2.36 7.13
N ASP A 54 6.75 1.59 6.27
CA ASP A 54 7.14 1.51 4.87
C ASP A 54 6.35 2.52 4.03
N GLN A 55 7.06 3.34 3.27
CA GLN A 55 6.43 4.34 2.43
C GLN A 55 5.86 3.72 1.16
N LEU A 56 4.58 3.96 0.90
CA LEU A 56 3.92 3.42 -0.28
C LEU A 56 3.54 4.53 -1.26
N VAL A 57 4.23 4.56 -2.40
CA VAL A 57 3.97 5.57 -3.41
C VAL A 57 3.44 4.92 -4.70
N ARG A 58 4.02 3.79 -5.06
CA ARG A 58 3.62 3.08 -6.27
C ARG A 58 3.61 4.01 -7.48
N PHE A 59 4.47 5.02 -7.44
CA PHE A 59 4.57 5.99 -8.52
C PHE A 59 6.02 6.32 -8.85
N ALA A 60 6.30 6.61 -10.11
CA ALA A 60 7.65 6.94 -10.55
C ALA A 60 8.06 8.32 -10.06
N GLY A 61 8.98 8.35 -9.09
CA GLY A 61 9.44 9.61 -8.55
C GLY A 61 9.52 9.60 -7.05
N TYR A 62 9.12 8.48 -6.44
CA TYR A 62 9.14 8.35 -4.98
C TYR A 62 8.22 9.38 -4.33
N THR A 63 7.08 9.64 -4.96
CA THR A 63 6.12 10.60 -4.44
C THR A 63 4.71 10.03 -4.45
N VAL A 64 3.88 10.52 -3.53
CA VAL A 64 2.50 10.06 -3.44
C VAL A 64 1.58 11.18 -2.95
N THR A 65 0.28 11.02 -3.18
CA THR A 65 -0.70 12.02 -2.77
C THR A 65 -1.09 11.82 -1.30
N GLU A 66 -1.90 10.81 -1.04
CA GLU A 66 -2.34 10.52 0.32
C GLU A 66 -3.17 9.23 0.36
N LEU A 67 -3.81 8.98 1.50
CA LEU A 67 -4.63 7.79 1.67
C LEU A 67 -5.68 7.69 0.58
N ALA A 68 -6.20 8.85 0.16
CA ALA A 68 -7.21 8.90 -0.88
C ALA A 68 -6.71 8.25 -2.17
N ALA A 69 -5.48 8.55 -2.54
CA ALA A 69 -4.88 7.99 -3.74
C ALA A 69 -4.63 6.49 -3.59
N PHE A 70 -4.29 6.07 -2.37
CA PHE A 70 -4.03 4.67 -2.10
C PHE A 70 -5.31 3.84 -2.20
N ASN A 71 -6.43 4.46 -1.82
CA ASN A 71 -7.72 3.78 -1.87
C ASN A 71 -8.05 3.33 -3.30
N THR A 72 -7.65 4.15 -4.28
CA THR A 72 -7.91 3.83 -5.67
C THR A 72 -7.01 2.71 -6.16
N VAL A 73 -5.75 2.72 -5.71
CA VAL A 73 -4.79 1.71 -6.10
C VAL A 73 -5.12 0.36 -5.46
N VAL A 74 -5.33 0.37 -4.15
CA VAL A 74 -5.65 -0.84 -3.41
C VAL A 74 -6.92 -1.48 -3.95
N ALA A 75 -7.90 -0.65 -4.29
CA ALA A 75 -9.17 -1.15 -4.82
C ALA A 75 -8.96 -1.92 -6.11
N ARG A 76 -8.10 -1.41 -6.98
CA ARG A 76 -7.81 -2.06 -8.25
C ARG A 76 -6.84 -3.22 -8.05
N HIS A 77 -6.02 -3.13 -7.02
CA HIS A 77 -5.03 -4.17 -6.71
C HIS A 77 -5.71 -5.37 -6.06
N VAL A 78 -6.79 -5.12 -5.35
CA VAL A 78 -7.53 -6.19 -4.67
C VAL A 78 -7.99 -7.25 -5.66
N ARG A 79 -7.23 -8.34 -5.74
CA ARG A 79 -7.56 -9.43 -6.65
C ARG A 79 -6.97 -10.75 -6.15
N PRO A 80 -7.52 -11.87 -6.64
CA PRO A 80 -7.07 -13.21 -6.27
C PRO A 80 -5.68 -13.53 -6.81
N SER A 81 -4.69 -13.56 -5.93
CA SER A 81 -3.32 -13.84 -6.33
C SER A 81 -2.82 -12.82 -7.34
N ALA A 82 -3.18 -11.56 -7.12
CA ALA A 82 -2.76 -10.48 -8.01
C ALA A 82 -1.46 -9.84 -7.52
N SER A 83 -0.35 -10.26 -8.13
CA SER A 83 0.96 -9.73 -7.76
C SER A 83 1.34 -8.55 -8.65
N ILE A 84 1.83 -7.48 -8.03
CA ILE A 84 2.23 -6.28 -8.75
C ILE A 84 3.39 -5.58 -8.07
N PRO A 85 4.41 -5.21 -8.85
CA PRO A 85 5.59 -4.52 -8.33
C PRO A 85 5.29 -3.09 -7.90
N VAL A 86 5.50 -2.82 -6.60
CA VAL A 86 5.25 -1.49 -6.06
C VAL A 86 6.54 -0.80 -5.65
N VAL A 87 6.57 0.52 -5.75
CA VAL A 87 7.75 1.30 -5.39
C VAL A 87 7.69 1.74 -3.93
N PHE A 88 8.70 1.35 -3.16
CA PHE A 88 8.76 1.71 -1.74
C PHE A 88 9.98 2.59 -1.47
N SER A 89 9.86 3.44 -0.46
CA SER A 89 10.95 4.34 -0.08
C SER A 89 11.15 4.35 1.43
N ARG A 90 12.40 4.54 1.85
CA ARG A 90 12.72 4.56 3.27
C ARG A 90 13.55 5.81 3.62
N ASP A 91 12.85 6.90 3.94
CA ASP A 91 13.50 8.15 4.29
C ASP A 91 14.34 8.66 3.13
N GLY A 92 13.81 8.52 1.91
CA GLY A 92 14.52 8.99 0.73
C GLY A 92 15.18 7.85 -0.02
N VAL A 93 15.27 6.69 0.62
CA VAL A 93 15.89 5.52 0.00
C VAL A 93 15.06 5.03 -1.19
N VAL A 94 15.75 4.56 -2.23
CA VAL A 94 15.09 4.06 -3.42
C VAL A 94 15.28 2.56 -3.56
N MET A 95 14.18 1.81 -3.44
CA MET A 95 14.22 0.36 -3.56
C MET A 95 12.94 -0.18 -4.17
N SER A 96 13.06 -1.25 -4.95
CA SER A 96 11.90 -1.86 -5.60
C SER A 96 11.59 -3.21 -4.97
N ALA A 97 10.32 -3.41 -4.63
CA ALA A 97 9.87 -4.66 -4.02
C ALA A 97 8.49 -5.06 -4.54
N THR A 98 8.33 -6.36 -4.80
CA THR A 98 7.06 -6.87 -5.30
C THR A 98 6.17 -7.36 -4.16
N ILE A 99 4.93 -6.90 -4.15
CA ILE A 99 3.98 -7.29 -3.11
C ILE A 99 2.83 -8.10 -3.70
N VAL A 100 2.62 -9.30 -3.17
CA VAL A 100 1.56 -10.17 -3.63
C VAL A 100 0.33 -10.07 -2.74
N VAL A 101 -0.77 -9.55 -3.28
CA VAL A 101 -2.00 -9.40 -2.53
C VAL A 101 -3.01 -10.48 -2.90
N GLY A 102 -3.14 -11.48 -2.04
CA GLY A 102 -4.06 -12.57 -2.30
C GLY A 102 -5.29 -12.50 -1.40
N GLU A 103 -6.44 -12.20 -2.00
CA GLU A 103 -7.68 -12.10 -1.25
C GLU A 103 -8.40 -13.44 -1.22
N LEU A 104 -7.97 -14.36 -2.08
CA LEU A 104 -8.58 -15.69 -2.16
C LEU A 104 -7.54 -16.73 -2.55
N GLU A 105 -6.38 -16.68 -1.91
CA GLU A 105 -5.31 -17.62 -2.18
C GLU A 105 -5.68 -19.03 -1.71
N PRO A 1 -12.63 -6.26 -10.21
CA PRO A 1 -13.18 -6.11 -8.87
C PRO A 1 -13.37 -4.65 -8.47
N LEU A 2 -13.89 -4.43 -7.26
CA LEU A 2 -14.12 -3.08 -6.77
C LEU A 2 -13.93 -3.02 -5.26
N THR A 3 -13.70 -1.81 -4.74
CA THR A 3 -13.50 -1.62 -3.31
C THR A 3 -14.41 -0.50 -2.78
N ARG A 4 -14.51 -0.41 -1.45
CA ARG A 4 -15.33 0.62 -0.83
C ARG A 4 -14.46 1.65 -0.12
N PRO A 5 -15.04 2.83 0.15
CA PRO A 5 -14.34 3.92 0.82
C PRO A 5 -14.07 3.61 2.30
N TYR A 6 -13.07 2.78 2.54
CA TYR A 6 -12.72 2.40 3.91
C TYR A 6 -11.25 2.69 4.20
N LEU A 7 -10.99 3.29 5.35
CA LEU A 7 -9.62 3.63 5.74
C LEU A 7 -9.19 2.83 6.96
N GLY A 8 -8.09 2.08 6.82
CA GLY A 8 -7.59 1.28 7.92
C GLY A 8 -6.14 1.58 8.24
N PHE A 9 -5.70 2.79 7.91
CA PHE A 9 -4.32 3.18 8.15
C PHE A 9 -4.19 4.70 8.20
N ARG A 10 -3.06 5.18 8.69
CA ARG A 10 -2.81 6.62 8.78
C ARG A 10 -1.68 7.04 7.86
N VAL A 11 -1.71 8.29 7.41
CA VAL A 11 -0.68 8.81 6.52
C VAL A 11 -0.22 10.20 6.96
N ALA A 12 1.07 10.33 7.22
CA ALA A 12 1.64 11.61 7.66
C ALA A 12 2.55 12.20 6.58
N VAL A 13 2.22 13.40 6.13
CA VAL A 13 3.01 14.08 5.11
C VAL A 13 4.25 14.72 5.71
N GLY A 14 5.42 14.34 5.19
CA GLY A 14 6.66 14.89 5.70
C GLY A 14 7.73 14.96 4.62
N ARG A 15 8.99 15.00 5.04
CA ARG A 15 10.11 15.06 4.12
C ARG A 15 11.18 14.04 4.47
N ASP A 16 11.73 13.38 3.45
CA ASP A 16 12.77 12.39 3.65
C ASP A 16 14.15 12.97 3.40
N SER A 17 15.17 12.12 3.49
CA SER A 17 16.55 12.56 3.27
C SER A 17 16.74 13.05 1.84
N SER A 18 15.92 12.53 0.92
CA SER A 18 16.02 12.91 -0.48
C SER A 18 15.25 14.20 -0.74
N GLY A 19 14.02 14.26 -0.24
CA GLY A 19 13.19 15.44 -0.42
C GLY A 19 12.33 15.36 -1.67
N CYS A 20 11.54 14.29 -1.76
CA CYS A 20 10.67 14.09 -2.92
C CYS A 20 9.20 14.19 -2.51
N THR A 21 8.96 14.65 -1.28
CA THR A 21 7.60 14.78 -0.76
C THR A 21 6.86 13.45 -0.83
N THR A 22 6.92 12.70 0.26
CA THR A 22 6.25 11.40 0.32
C THR A 22 5.62 11.18 1.70
N LEU A 23 4.63 10.30 1.75
CA LEU A 23 3.94 10.00 3.00
C LEU A 23 4.38 8.64 3.55
N SER A 24 4.23 8.46 4.85
CA SER A 24 4.61 7.21 5.50
C SER A 24 3.39 6.54 6.16
N ILE A 25 3.44 5.22 6.24
CA ILE A 25 2.34 4.47 6.84
C ILE A 25 2.64 4.15 8.30
N GLN A 26 1.65 4.37 9.16
CA GLN A 26 1.80 4.11 10.60
C GLN A 26 1.05 2.85 11.01
N GLU A 27 0.12 2.44 10.16
CA GLU A 27 -0.67 1.23 10.43
C GLU A 27 -0.61 0.26 9.26
N VAL A 28 -1.46 -0.75 9.29
CA VAL A 28 -1.50 -1.76 8.23
C VAL A 28 -2.79 -1.67 7.44
N THR A 29 -2.67 -1.70 6.11
CA THR A 29 -3.83 -1.62 5.24
C THR A 29 -4.00 -2.90 4.43
N GLN A 30 -2.91 -3.65 4.26
CA GLN A 30 -2.95 -4.90 3.52
C GLN A 30 -3.63 -6.00 4.32
N THR A 31 -3.94 -5.70 5.58
CA THR A 31 -4.59 -6.67 6.46
C THR A 31 -6.11 -6.47 6.46
N TYR A 32 -6.61 -5.78 5.44
CA TYR A 32 -8.04 -5.52 5.32
C TYR A 32 -8.59 -6.10 4.02
N THR A 33 -9.83 -6.59 4.07
CA THR A 33 -10.47 -7.17 2.90
C THR A 33 -11.98 -7.26 3.10
N GLY A 34 -12.70 -7.44 1.99
CA GLY A 34 -14.15 -7.54 2.06
C GLY A 34 -14.79 -7.55 0.69
N SER A 35 -14.12 -6.93 -0.28
CA SER A 35 -14.65 -6.87 -1.64
C SER A 35 -13.78 -7.68 -2.60
N ASN A 36 -14.42 -8.58 -3.34
CA ASN A 36 -13.73 -9.44 -4.29
C ASN A 36 -12.54 -10.13 -3.63
N GLY A 37 -12.73 -10.56 -2.38
CA GLY A 37 -11.68 -11.23 -1.65
C GLY A 37 -12.21 -12.11 -0.53
N GLY A 38 -12.66 -11.48 0.55
CA GLY A 38 -13.19 -12.23 1.68
C GLY A 38 -13.49 -11.34 2.87
N ALA A 39 -12.46 -11.01 3.64
CA ALA A 39 -12.63 -10.17 4.82
C ALA A 39 -11.28 -9.77 5.40
N ASP A 40 -11.30 -8.78 6.30
CA ASP A 40 -10.07 -8.30 6.93
C ASP A 40 -9.48 -9.37 7.85
N LEU A 41 -8.17 -9.51 7.82
CA LEU A 41 -7.48 -10.49 8.65
C LEU A 41 -5.97 -10.44 8.44
N MET A 42 -5.26 -11.44 8.95
CA MET A 42 -3.81 -11.51 8.82
C MET A 42 -3.40 -12.70 7.97
N GLY A 43 -2.89 -12.44 6.77
CA GLY A 43 -2.48 -13.50 5.88
C GLY A 43 -1.73 -12.99 4.66
N PRO A 44 -2.46 -12.32 3.77
CA PRO A 44 -1.89 -11.76 2.54
C PRO A 44 -0.97 -10.58 2.81
N ALA A 45 -1.26 -9.84 3.88
CA ALA A 45 -0.45 -8.68 4.25
C ALA A 45 0.96 -9.10 4.63
N PHE A 46 1.10 -10.34 5.10
CA PHE A 46 2.41 -10.86 5.49
C PHE A 46 3.06 -11.63 4.35
N ALA A 47 2.30 -11.86 3.29
CA ALA A 47 2.81 -12.57 2.13
C ALA A 47 3.93 -11.80 1.45
N ALA A 48 3.78 -10.48 1.38
CA ALA A 48 4.79 -9.63 0.76
C ALA A 48 5.66 -8.95 1.82
N GLY A 49 5.14 -8.85 3.04
CA GLY A 49 5.89 -8.24 4.12
C GLY A 49 5.57 -6.76 4.28
N LEU A 50 4.47 -6.33 3.68
CA LEU A 50 4.05 -4.93 3.75
C LEU A 50 3.44 -4.61 5.12
N ARG A 51 4.15 -3.82 5.90
CA ARG A 51 3.68 -3.44 7.23
C ARG A 51 4.08 -2.00 7.56
N VAL A 52 3.67 -1.53 8.74
CA VAL A 52 3.98 -0.17 9.17
C VAL A 52 5.49 0.07 9.17
N GLY A 53 5.90 1.20 8.60
CA GLY A 53 7.31 1.53 8.55
C GLY A 53 7.74 2.02 7.18
N ASP A 54 7.53 1.19 6.17
CA ASP A 54 7.91 1.55 4.79
C ASP A 54 6.87 2.47 4.18
N GLN A 55 7.33 3.41 3.35
CA GLN A 55 6.44 4.36 2.70
C GLN A 55 5.93 3.79 1.38
N LEU A 56 4.67 4.08 1.07
CA LEU A 56 4.05 3.60 -0.17
C LEU A 56 3.63 4.77 -1.05
N VAL A 57 4.19 4.83 -2.25
CA VAL A 57 3.87 5.89 -3.20
C VAL A 57 3.28 5.33 -4.49
N ARG A 58 3.79 4.18 -4.91
CA ARG A 58 3.32 3.54 -6.13
C ARG A 58 3.31 4.52 -7.30
N PHE A 59 4.23 5.48 -7.27
CA PHE A 59 4.32 6.48 -8.32
C PHE A 59 5.78 6.77 -8.66
N ALA A 60 6.04 7.07 -9.93
CA ALA A 60 7.39 7.37 -10.39
C ALA A 60 7.85 8.73 -9.89
N GLY A 61 8.80 8.71 -8.95
CA GLY A 61 9.32 9.95 -8.40
C GLY A 61 9.36 9.94 -6.89
N TYR A 62 8.94 8.83 -6.29
CA TYR A 62 8.93 8.69 -4.84
C TYR A 62 8.02 9.74 -4.20
N THR A 63 6.88 10.00 -4.85
CA THR A 63 5.93 10.98 -4.36
C THR A 63 4.50 10.43 -4.39
N VAL A 64 3.67 10.89 -3.46
CA VAL A 64 2.29 10.44 -3.39
C VAL A 64 1.38 11.54 -2.86
N THR A 65 0.09 11.42 -3.13
CA THR A 65 -0.89 12.41 -2.68
C THR A 65 -1.27 12.18 -1.23
N GLU A 66 -2.10 11.17 -0.98
CA GLU A 66 -2.53 10.85 0.37
C GLU A 66 -3.38 9.57 0.38
N LEU A 67 -4.02 9.30 1.51
CA LEU A 67 -4.85 8.11 1.65
C LEU A 67 -5.91 8.05 0.55
N ALA A 68 -6.40 9.22 0.15
CA ALA A 68 -7.42 9.30 -0.90
C ALA A 68 -6.92 8.65 -2.18
N ALA A 69 -5.65 8.85 -2.50
CA ALA A 69 -5.05 8.29 -3.71
C ALA A 69 -4.94 6.78 -3.60
N PHE A 70 -4.68 6.29 -2.39
CA PHE A 70 -4.54 4.86 -2.15
C PHE A 70 -5.87 4.15 -2.30
N ASN A 71 -6.96 4.88 -2.07
CA ASN A 71 -8.30 4.32 -2.18
C ASN A 71 -8.56 3.79 -3.60
N THR A 72 -8.12 4.57 -4.59
CA THR A 72 -8.30 4.18 -5.98
C THR A 72 -7.38 3.02 -6.35
N VAL A 73 -6.19 3.01 -5.78
CA VAL A 73 -5.22 1.96 -6.05
C VAL A 73 -5.65 0.64 -5.42
N VAL A 74 -6.17 0.70 -4.21
CA VAL A 74 -6.63 -0.48 -3.50
C VAL A 74 -7.70 -1.22 -4.30
N ALA A 75 -8.57 -0.46 -4.97
CA ALA A 75 -9.62 -1.04 -5.77
C ALA A 75 -9.06 -1.90 -6.90
N ARG A 76 -8.02 -1.40 -7.56
CA ARG A 76 -7.40 -2.11 -8.65
C ARG A 76 -6.46 -3.20 -8.13
N HIS A 77 -5.94 -2.99 -6.92
CA HIS A 77 -5.03 -3.94 -6.30
C HIS A 77 -5.80 -5.14 -5.75
N VAL A 78 -6.99 -4.89 -5.21
CA VAL A 78 -7.82 -5.94 -4.64
C VAL A 78 -8.15 -7.00 -5.69
N ARG A 79 -7.38 -8.08 -5.69
CA ARG A 79 -7.59 -9.17 -6.64
C ARG A 79 -7.05 -10.49 -6.09
N PRO A 80 -7.56 -11.60 -6.62
CA PRO A 80 -7.14 -12.95 -6.20
C PRO A 80 -5.72 -13.28 -6.63
N SER A 81 -4.79 -13.22 -5.68
CA SER A 81 -3.40 -13.50 -5.97
C SER A 81 -2.84 -12.55 -7.01
N ALA A 82 -3.22 -11.28 -6.90
CA ALA A 82 -2.76 -10.26 -7.84
C ALA A 82 -1.39 -9.72 -7.45
N SER A 83 -0.36 -10.17 -8.14
CA SER A 83 1.01 -9.74 -7.86
C SER A 83 1.36 -8.50 -8.67
N ILE A 84 1.70 -7.42 -7.98
CA ILE A 84 2.07 -6.17 -8.63
C ILE A 84 3.25 -5.50 -7.94
N PRO A 85 4.23 -5.06 -8.72
CA PRO A 85 5.43 -4.39 -8.20
C PRO A 85 5.12 -3.00 -7.64
N VAL A 86 5.39 -2.81 -6.35
CA VAL A 86 5.15 -1.53 -5.70
C VAL A 86 6.47 -0.81 -5.38
N VAL A 87 6.45 0.51 -5.49
CA VAL A 87 7.64 1.31 -5.21
C VAL A 87 7.58 1.91 -3.80
N PHE A 88 8.55 1.55 -2.98
CA PHE A 88 8.62 2.05 -1.61
C PHE A 88 9.91 2.83 -1.37
N SER A 89 9.87 3.73 -0.39
CA SER A 89 11.03 4.55 -0.06
C SER A 89 11.29 4.56 1.44
N ARG A 90 12.56 4.50 1.82
CA ARG A 90 12.92 4.49 3.23
C ARG A 90 13.91 5.62 3.54
N ASP A 91 13.40 6.71 4.10
CA ASP A 91 14.23 7.86 4.43
C ASP A 91 14.87 8.45 3.19
N GLY A 92 14.18 8.35 2.06
CA GLY A 92 14.70 8.87 0.80
C GLY A 92 15.29 7.79 -0.08
N VAL A 93 15.49 6.61 0.49
CA VAL A 93 16.05 5.49 -0.25
C VAL A 93 15.10 5.02 -1.35
N VAL A 94 15.68 4.58 -2.46
CA VAL A 94 14.88 4.11 -3.60
C VAL A 94 15.06 2.61 -3.81
N MET A 95 13.99 1.86 -3.58
CA MET A 95 14.03 0.41 -3.74
C MET A 95 12.70 -0.11 -4.29
N SER A 96 12.77 -1.16 -5.11
CA SER A 96 11.57 -1.75 -5.70
C SER A 96 11.43 -3.21 -5.28
N ALA A 97 10.22 -3.57 -4.83
CA ALA A 97 9.96 -4.93 -4.40
C ALA A 97 8.56 -5.38 -4.82
N THR A 98 8.44 -6.62 -5.26
CA THR A 98 7.17 -7.16 -5.71
C THR A 98 6.35 -7.68 -4.52
N ILE A 99 5.14 -7.16 -4.38
CA ILE A 99 4.26 -7.56 -3.28
C ILE A 99 3.02 -8.27 -3.81
N VAL A 100 2.77 -9.47 -3.31
CA VAL A 100 1.61 -10.26 -3.72
C VAL A 100 0.46 -10.10 -2.74
N VAL A 101 -0.61 -9.44 -3.18
CA VAL A 101 -1.78 -9.23 -2.33
C VAL A 101 -2.91 -10.19 -2.71
N GLY A 102 -3.20 -11.13 -1.81
CA GLY A 102 -4.26 -12.09 -2.07
C GLY A 102 -5.51 -11.82 -1.25
N GLU A 103 -6.56 -11.37 -1.92
CA GLU A 103 -7.82 -11.07 -1.24
C GLU A 103 -8.75 -12.27 -1.25
N LEU A 104 -8.73 -13.01 -2.36
CA LEU A 104 -9.58 -14.18 -2.50
C LEU A 104 -8.80 -15.46 -2.17
N GLU A 105 -9.11 -16.05 -1.02
CA GLU A 105 -8.45 -17.27 -0.59
C GLU A 105 -8.53 -18.35 -1.66
N PRO A 1 -12.12 -5.19 -10.72
CA PRO A 1 -12.71 -5.10 -9.39
C PRO A 1 -12.67 -3.69 -8.82
N LEU A 2 -13.36 -3.48 -7.71
CA LEU A 2 -13.40 -2.17 -7.06
C LEU A 2 -13.89 -2.29 -5.63
N THR A 3 -13.47 -1.34 -4.79
CA THR A 3 -13.86 -1.33 -3.39
C THR A 3 -14.39 0.04 -2.97
N ARG A 4 -15.01 0.09 -1.80
CA ARG A 4 -15.56 1.34 -1.29
C ARG A 4 -14.48 2.18 -0.61
N PRO A 5 -14.75 3.48 -0.45
CA PRO A 5 -13.81 4.41 0.18
C PRO A 5 -13.66 4.16 1.67
N TYR A 6 -12.79 3.23 2.02
CA TYR A 6 -12.54 2.89 3.42
C TYR A 6 -11.07 3.05 3.77
N LEU A 7 -10.80 3.39 5.03
CA LEU A 7 -9.43 3.57 5.50
C LEU A 7 -9.07 2.52 6.54
N GLY A 8 -7.84 2.03 6.48
CA GLY A 8 -7.39 1.02 7.42
C GLY A 8 -6.05 1.35 8.03
N PHE A 9 -5.65 2.62 7.94
CA PHE A 9 -4.37 3.06 8.47
C PHE A 9 -4.29 4.59 8.48
N ARG A 10 -3.17 5.11 8.97
CA ARG A 10 -2.96 6.55 9.04
C ARG A 10 -1.83 6.98 8.12
N VAL A 11 -1.85 8.25 7.70
CA VAL A 11 -0.83 8.78 6.82
C VAL A 11 -0.35 10.15 7.29
N ALA A 12 0.96 10.35 7.25
CA ALA A 12 1.55 11.62 7.67
C ALA A 12 2.40 12.23 6.56
N VAL A 13 2.04 13.44 6.15
CA VAL A 13 2.77 14.13 5.09
C VAL A 13 3.99 14.85 5.65
N GLY A 14 5.13 14.67 4.99
CA GLY A 14 6.36 15.31 5.43
C GLY A 14 7.43 15.35 4.36
N ARG A 15 8.69 15.43 4.77
CA ARG A 15 9.80 15.47 3.83
C ARG A 15 10.90 14.50 4.24
N ASP A 16 11.48 13.83 3.26
CA ASP A 16 12.56 12.87 3.52
C ASP A 16 13.92 13.50 3.28
N SER A 17 14.97 12.69 3.40
CA SER A 17 16.34 13.17 3.19
C SER A 17 16.61 13.41 1.71
N SER A 18 15.89 12.69 0.86
CA SER A 18 16.04 12.82 -0.58
C SER A 18 15.47 14.14 -1.08
N GLY A 19 14.17 14.31 -0.91
CA GLY A 19 13.52 15.54 -1.34
C GLY A 19 12.47 15.28 -2.41
N CYS A 20 11.64 14.28 -2.21
CA CYS A 20 10.60 13.93 -3.16
C CYS A 20 9.21 14.19 -2.57
N THR A 21 9.16 14.36 -1.25
CA THR A 21 7.90 14.61 -0.56
C THR A 21 6.96 13.42 -0.68
N THR A 22 6.96 12.58 0.35
CA THR A 22 6.11 11.38 0.37
C THR A 22 5.56 11.12 1.77
N LEU A 23 4.43 10.41 1.83
CA LEU A 23 3.80 10.09 3.10
C LEU A 23 4.25 8.72 3.61
N SER A 24 4.09 8.50 4.91
CA SER A 24 4.49 7.23 5.51
C SER A 24 3.29 6.56 6.20
N ILE A 25 3.32 5.24 6.27
CA ILE A 25 2.25 4.48 6.89
C ILE A 25 2.58 4.15 8.34
N GLN A 26 1.62 4.37 9.24
CA GLN A 26 1.82 4.08 10.65
C GLN A 26 1.19 2.76 11.04
N GLU A 27 0.21 2.32 10.25
CA GLU A 27 -0.47 1.06 10.51
C GLU A 27 -0.48 0.17 9.26
N VAL A 28 -1.26 -0.91 9.32
CA VAL A 28 -1.35 -1.83 8.20
C VAL A 28 -2.63 -1.62 7.41
N THR A 29 -2.49 -1.52 6.08
CA THR A 29 -3.65 -1.31 5.22
C THR A 29 -3.80 -2.46 4.22
N GLN A 30 -2.78 -3.30 4.14
CA GLN A 30 -2.80 -4.44 3.22
C GLN A 30 -3.38 -5.67 3.89
N THR A 31 -4.01 -5.48 5.05
CA THR A 31 -4.61 -6.57 5.80
C THR A 31 -6.13 -6.47 5.80
N TYR A 32 -6.67 -5.69 4.87
CA TYR A 32 -8.10 -5.50 4.76
C TYR A 32 -8.62 -5.93 3.39
N THR A 33 -9.83 -6.46 3.35
CA THR A 33 -10.43 -6.91 2.11
C THR A 33 -11.96 -6.85 2.17
N GLY A 34 -12.59 -6.78 1.01
CA GLY A 34 -14.04 -6.72 0.96
C GLY A 34 -14.58 -7.01 -0.43
N SER A 35 -13.85 -6.59 -1.45
CA SER A 35 -14.27 -6.80 -2.84
C SER A 35 -13.44 -7.91 -3.49
N ASN A 36 -14.04 -8.60 -4.44
CA ASN A 36 -13.37 -9.69 -5.15
C ASN A 36 -12.76 -10.67 -4.16
N GLY A 37 -13.42 -10.85 -3.02
CA GLY A 37 -12.92 -11.77 -2.01
C GLY A 37 -13.72 -11.70 -0.72
N GLY A 38 -13.58 -10.59 0.00
CA GLY A 38 -14.29 -10.43 1.25
C GLY A 38 -13.66 -11.19 2.40
N ALA A 39 -12.62 -10.61 2.99
CA ALA A 39 -11.92 -11.25 4.10
C ALA A 39 -10.79 -10.37 4.61
N ASP A 40 -11.11 -9.50 5.57
CA ASP A 40 -10.12 -8.61 6.15
C ASP A 40 -9.37 -9.28 7.30
N LEU A 41 -8.09 -9.55 7.08
CA LEU A 41 -7.26 -10.20 8.09
C LEU A 41 -5.78 -10.07 7.74
N MET A 42 -4.95 -10.84 8.45
CA MET A 42 -3.51 -10.83 8.21
C MET A 42 -3.05 -12.16 7.65
N GLY A 43 -2.48 -12.14 6.45
CA GLY A 43 -1.99 -13.35 5.83
C GLY A 43 -1.09 -13.08 4.65
N PRO A 44 -1.69 -12.71 3.50
CA PRO A 44 -0.95 -12.42 2.28
C PRO A 44 -0.14 -11.13 2.38
N ALA A 45 -0.35 -10.40 3.47
CA ALA A 45 0.36 -9.14 3.69
C ALA A 45 1.81 -9.40 4.08
N PHE A 46 2.00 -10.31 5.04
CA PHE A 46 3.34 -10.65 5.51
C PHE A 46 4.16 -11.32 4.41
N ALA A 47 3.46 -11.79 3.38
CA ALA A 47 4.11 -12.46 2.26
C ALA A 47 4.88 -11.46 1.39
N ALA A 48 4.47 -10.19 1.45
CA ALA A 48 5.12 -9.14 0.68
C ALA A 48 6.17 -8.42 1.51
N GLY A 49 6.02 -8.48 2.84
CA GLY A 49 6.96 -7.83 3.72
C GLY A 49 6.50 -6.45 4.13
N LEU A 50 5.22 -6.16 3.92
CA LEU A 50 4.64 -4.86 4.27
C LEU A 50 4.55 -4.71 5.78
N ARG A 51 5.15 -3.65 6.31
CA ARG A 51 5.14 -3.39 7.75
C ARG A 51 5.03 -1.89 8.02
N VAL A 52 4.54 -1.54 9.21
CA VAL A 52 4.39 -0.15 9.59
C VAL A 52 5.71 0.59 9.48
N GLY A 53 5.74 1.65 8.67
CA GLY A 53 6.95 2.42 8.49
C GLY A 53 7.40 2.48 7.05
N ASP A 54 6.62 1.86 6.17
CA ASP A 54 6.95 1.84 4.74
C ASP A 54 6.13 2.88 3.98
N GLN A 55 6.81 3.87 3.41
CA GLN A 55 6.15 4.93 2.67
C GLN A 55 5.58 4.39 1.36
N LEU A 56 4.26 4.31 1.28
CA LEU A 56 3.59 3.81 0.08
C LEU A 56 3.49 4.90 -0.99
N VAL A 57 4.23 4.73 -2.07
CA VAL A 57 4.22 5.70 -3.16
C VAL A 57 3.43 5.18 -4.36
N ARG A 58 3.79 4.00 -4.84
CA ARG A 58 3.12 3.38 -5.98
C ARG A 58 3.03 4.36 -7.14
N PHE A 59 4.00 5.27 -7.23
CA PHE A 59 4.03 6.26 -8.29
C PHE A 59 5.48 6.52 -8.75
N ALA A 60 5.64 6.78 -10.04
CA ALA A 60 6.96 7.05 -10.60
C ALA A 60 7.47 8.42 -10.17
N GLY A 61 8.47 8.43 -9.31
CA GLY A 61 9.03 9.69 -8.83
C GLY A 61 9.17 9.73 -7.32
N TYR A 62 8.78 8.63 -6.66
CA TYR A 62 8.86 8.55 -5.21
C TYR A 62 7.99 9.62 -4.56
N THR A 63 6.82 9.88 -5.15
CA THR A 63 5.91 10.89 -4.63
C THR A 63 4.49 10.34 -4.54
N VAL A 64 3.74 10.81 -3.56
CA VAL A 64 2.36 10.38 -3.36
C VAL A 64 1.51 11.50 -2.78
N THR A 65 0.19 11.41 -3.02
CA THR A 65 -0.73 12.43 -2.52
C THR A 65 -1.14 12.13 -1.08
N GLU A 66 -2.01 11.13 -0.91
CA GLU A 66 -2.47 10.76 0.42
C GLU A 66 -3.10 9.37 0.41
N LEU A 67 -3.76 9.01 1.50
CA LEU A 67 -4.41 7.71 1.61
C LEU A 67 -5.34 7.46 0.42
N ALA A 68 -5.98 8.52 -0.05
CA ALA A 68 -6.89 8.42 -1.19
C ALA A 68 -6.18 7.84 -2.41
N ALA A 69 -4.95 8.27 -2.64
CA ALA A 69 -4.17 7.79 -3.77
C ALA A 69 -3.88 6.29 -3.65
N PHE A 70 -3.72 5.83 -2.42
CA PHE A 70 -3.44 4.42 -2.16
C PHE A 70 -4.73 3.60 -2.15
N ASN A 71 -5.83 4.27 -1.81
CA ASN A 71 -7.13 3.60 -1.75
C ASN A 71 -7.66 3.34 -3.16
N THR A 72 -7.37 4.25 -4.09
CA THR A 72 -7.82 4.11 -5.46
C THR A 72 -7.03 3.03 -6.20
N VAL A 73 -5.73 2.98 -5.93
CA VAL A 73 -4.87 1.99 -6.57
C VAL A 73 -5.13 0.58 -6.02
N VAL A 74 -5.32 0.49 -4.71
CA VAL A 74 -5.59 -0.78 -4.06
C VAL A 74 -6.95 -1.33 -4.46
N ALA A 75 -7.92 -0.42 -4.62
CA ALA A 75 -9.27 -0.81 -5.01
C ALA A 75 -9.27 -1.58 -6.33
N ARG A 76 -8.50 -1.09 -7.29
CA ARG A 76 -8.40 -1.72 -8.60
C ARG A 76 -7.48 -2.93 -8.55
N HIS A 77 -6.53 -2.90 -7.62
CA HIS A 77 -5.57 -4.00 -7.47
C HIS A 77 -6.21 -5.18 -6.76
N VAL A 78 -7.22 -4.90 -5.94
CA VAL A 78 -7.92 -5.94 -5.19
C VAL A 78 -8.31 -7.10 -6.10
N ARG A 79 -7.52 -8.17 -6.06
CA ARG A 79 -7.78 -9.35 -6.88
C ARG A 79 -7.16 -10.60 -6.25
N PRO A 80 -7.69 -11.77 -6.63
CA PRO A 80 -7.20 -13.06 -6.12
C PRO A 80 -5.80 -13.39 -6.64
N SER A 81 -4.83 -13.41 -5.74
CA SER A 81 -3.46 -13.73 -6.12
C SER A 81 -2.93 -12.73 -7.15
N ALA A 82 -3.27 -11.45 -6.95
CA ALA A 82 -2.84 -10.40 -7.85
C ALA A 82 -1.51 -9.81 -7.40
N SER A 83 -0.51 -9.87 -8.28
CA SER A 83 0.81 -9.34 -7.97
C SER A 83 1.15 -8.15 -8.86
N ILE A 84 1.68 -7.10 -8.26
CA ILE A 84 2.05 -5.90 -9.00
C ILE A 84 3.24 -5.20 -8.36
N PRO A 85 4.01 -4.47 -9.17
CA PRO A 85 5.19 -3.72 -8.70
C PRO A 85 4.81 -2.53 -7.83
N VAL A 86 5.59 -2.30 -6.78
CA VAL A 86 5.34 -1.20 -5.87
C VAL A 86 6.66 -0.55 -5.42
N VAL A 87 6.69 0.78 -5.46
CA VAL A 87 7.88 1.52 -5.04
C VAL A 87 7.75 2.03 -3.61
N PHE A 88 8.71 1.67 -2.77
CA PHE A 88 8.70 2.09 -1.37
C PHE A 88 9.92 2.97 -1.06
N SER A 89 9.74 3.88 -0.11
CA SER A 89 10.83 4.78 0.29
C SER A 89 11.00 4.78 1.80
N ARG A 90 12.24 4.97 2.24
CA ARG A 90 12.56 5.00 3.66
C ARG A 90 13.54 6.11 3.98
N ASP A 91 13.02 7.24 4.45
CA ASP A 91 13.85 8.39 4.81
C ASP A 91 14.62 8.89 3.58
N GLY A 92 14.01 8.73 2.41
CA GLY A 92 14.65 9.18 1.18
C GLY A 92 15.29 8.04 0.42
N VAL A 93 15.39 6.89 1.06
CA VAL A 93 15.99 5.72 0.43
C VAL A 93 15.15 5.23 -0.74
N VAL A 94 15.82 4.73 -1.78
CA VAL A 94 15.12 4.24 -2.97
C VAL A 94 15.25 2.71 -3.07
N MET A 95 14.12 2.02 -2.92
CA MET A 95 14.11 0.57 -2.99
C MET A 95 12.86 0.08 -3.72
N SER A 96 12.93 -1.14 -4.26
CA SER A 96 11.81 -1.73 -4.99
C SER A 96 11.48 -3.12 -4.45
N ALA A 97 10.21 -3.35 -4.16
CA ALA A 97 9.77 -4.64 -3.65
C ALA A 97 8.42 -5.04 -4.23
N THR A 98 8.26 -6.31 -4.57
CA THR A 98 7.03 -6.82 -5.15
C THR A 98 6.02 -7.15 -4.05
N ILE A 99 4.78 -6.70 -4.24
CA ILE A 99 3.72 -6.96 -3.27
C ILE A 99 2.67 -7.90 -3.85
N VAL A 100 2.42 -9.00 -3.13
CA VAL A 100 1.44 -9.99 -3.57
C VAL A 100 0.32 -10.15 -2.54
N VAL A 101 -0.87 -9.70 -2.89
CA VAL A 101 -2.02 -9.79 -2.00
C VAL A 101 -2.95 -10.93 -2.42
N GLY A 102 -3.64 -11.51 -1.45
CA GLY A 102 -4.55 -12.60 -1.72
C GLY A 102 -5.95 -12.36 -1.17
N GLU A 103 -6.91 -12.14 -2.05
CA GLU A 103 -8.29 -11.88 -1.64
C GLU A 103 -8.99 -13.18 -1.26
N LEU A 104 -8.57 -14.29 -1.88
CA LEU A 104 -9.15 -15.59 -1.62
C LEU A 104 -8.07 -16.63 -1.34
N GLU A 105 -7.94 -17.02 -0.08
CA GLU A 105 -6.94 -18.01 0.32
C GLU A 105 -7.19 -19.34 -0.38
N PRO A 1 -11.65 -4.80 -10.90
CA PRO A 1 -12.34 -4.78 -9.60
C PRO A 1 -12.36 -3.38 -8.99
N LEU A 2 -13.08 -3.24 -7.88
CA LEU A 2 -13.17 -1.96 -7.19
C LEU A 2 -13.72 -2.14 -5.78
N THR A 3 -13.37 -1.21 -4.90
CA THR A 3 -13.82 -1.26 -3.51
C THR A 3 -14.43 0.06 -3.07
N ARG A 4 -15.10 0.06 -1.94
CA ARG A 4 -15.73 1.26 -1.41
C ARG A 4 -14.70 2.18 -0.78
N PRO A 5 -15.06 3.47 -0.63
CA PRO A 5 -14.17 4.48 -0.04
C PRO A 5 -13.96 4.26 1.46
N TYR A 6 -13.09 3.30 1.78
CA TYR A 6 -12.79 3.00 3.18
C TYR A 6 -11.30 3.13 3.47
N LEU A 7 -10.97 3.72 4.61
CA LEU A 7 -9.58 3.91 4.99
C LEU A 7 -9.24 3.09 6.24
N GLY A 8 -8.24 2.23 6.13
CA GLY A 8 -7.84 1.40 7.26
C GLY A 8 -6.38 1.57 7.61
N PHE A 9 -5.87 2.80 7.50
CA PHE A 9 -4.48 3.08 7.79
C PHE A 9 -4.25 4.58 7.97
N ARG A 10 -3.05 4.95 8.38
CA ARG A 10 -2.71 6.35 8.58
C ARG A 10 -1.52 6.76 7.71
N VAL A 11 -1.59 7.95 7.13
CA VAL A 11 -0.53 8.46 6.27
C VAL A 11 -0.19 9.91 6.61
N ALA A 12 1.07 10.17 6.87
CA ALA A 12 1.53 11.52 7.20
C ALA A 12 2.50 12.05 6.15
N VAL A 13 2.15 13.17 5.53
CA VAL A 13 2.99 13.78 4.51
C VAL A 13 4.14 14.56 5.13
N GLY A 14 5.36 14.26 4.69
CA GLY A 14 6.53 14.95 5.22
C GLY A 14 7.59 15.17 4.17
N ARG A 15 8.85 15.19 4.60
CA ARG A 15 9.97 15.40 3.68
C ARG A 15 11.07 14.38 3.94
N ASP A 16 11.55 13.75 2.87
CA ASP A 16 12.61 12.76 2.98
C ASP A 16 13.97 13.37 2.63
N SER A 17 14.99 12.53 2.60
CA SER A 17 16.34 12.99 2.28
C SER A 17 16.45 13.38 0.81
N SER A 18 15.61 12.79 -0.03
CA SER A 18 15.61 13.09 -1.46
C SER A 18 14.87 14.39 -1.75
N GLY A 19 13.75 14.59 -1.05
CA GLY A 19 12.96 15.79 -1.24
C GLY A 19 11.92 15.63 -2.32
N CYS A 20 11.23 14.49 -2.31
CA CYS A 20 10.20 14.21 -3.31
C CYS A 20 8.82 14.15 -2.66
N THR A 21 8.76 14.52 -1.38
CA THR A 21 7.50 14.50 -0.64
C THR A 21 6.91 13.10 -0.61
N THR A 22 7.12 12.40 0.50
CA THR A 22 6.60 11.06 0.67
C THR A 22 5.69 10.95 1.89
N LEU A 23 5.07 9.79 2.06
CA LEU A 23 4.17 9.57 3.19
C LEU A 23 4.50 8.25 3.89
N SER A 24 4.75 8.32 5.20
CA SER A 24 5.08 7.14 5.98
C SER A 24 3.83 6.49 6.54
N ILE A 25 3.82 5.16 6.60
CA ILE A 25 2.68 4.43 7.11
C ILE A 25 2.87 4.06 8.58
N GLN A 26 1.84 4.30 9.38
CA GLN A 26 1.90 3.99 10.81
C GLN A 26 1.06 2.76 11.13
N GLU A 27 0.16 2.40 10.23
CA GLU A 27 -0.71 1.24 10.42
C GLU A 27 -0.53 0.24 9.28
N VAL A 28 -1.42 -0.75 9.23
CA VAL A 28 -1.37 -1.78 8.20
C VAL A 28 -2.62 -1.72 7.32
N THR A 29 -2.41 -1.72 6.00
CA THR A 29 -3.50 -1.68 5.05
C THR A 29 -3.50 -2.91 4.15
N GLN A 30 -2.41 -3.66 4.19
CA GLN A 30 -2.27 -4.86 3.37
C GLN A 30 -2.94 -6.06 4.04
N THR A 31 -3.57 -5.82 5.19
CA THR A 31 -4.24 -6.87 5.93
C THR A 31 -5.77 -6.66 5.92
N TYR A 32 -6.23 -5.84 4.99
CA TYR A 32 -7.66 -5.56 4.87
C TYR A 32 -8.17 -5.92 3.48
N THR A 33 -9.43 -6.37 3.42
CA THR A 33 -10.04 -6.76 2.16
C THR A 33 -11.55 -6.55 2.20
N GLY A 34 -12.14 -6.37 1.02
CA GLY A 34 -13.58 -6.17 0.94
C GLY A 34 -14.13 -6.48 -0.45
N SER A 35 -13.35 -6.17 -1.47
CA SER A 35 -13.76 -6.41 -2.85
C SER A 35 -13.04 -7.61 -3.43
N ASN A 36 -13.69 -8.30 -4.37
CA ASN A 36 -13.11 -9.47 -5.01
C ASN A 36 -12.61 -10.47 -3.97
N GLY A 37 -13.31 -10.52 -2.83
CA GLY A 37 -12.93 -11.44 -1.78
C GLY A 37 -13.74 -11.24 -0.51
N GLY A 38 -13.54 -10.11 0.15
CA GLY A 38 -14.26 -9.82 1.37
C GLY A 38 -13.76 -10.63 2.55
N ALA A 39 -12.62 -10.23 3.10
CA ALA A 39 -12.04 -10.93 4.24
C ALA A 39 -10.75 -10.27 4.69
N ASP A 40 -10.88 -9.35 5.65
CA ASP A 40 -9.71 -8.64 6.18
C ASP A 40 -8.97 -9.48 7.20
N LEU A 41 -7.70 -9.75 6.92
CA LEU A 41 -6.88 -10.56 7.81
C LEU A 41 -5.40 -10.41 7.47
N MET A 42 -4.57 -11.31 8.00
CA MET A 42 -3.14 -11.28 7.75
C MET A 42 -2.70 -12.49 6.92
N GLY A 43 -2.09 -12.23 5.78
CA GLY A 43 -1.64 -13.30 4.91
C GLY A 43 -0.67 -12.83 3.85
N PRO A 44 -1.18 -12.04 2.90
CA PRO A 44 -0.36 -11.50 1.81
C PRO A 44 0.64 -10.46 2.28
N ALA A 45 0.26 -9.70 3.31
CA ALA A 45 1.12 -8.68 3.87
C ALA A 45 2.34 -9.28 4.56
N PHE A 46 2.10 -10.29 5.39
CA PHE A 46 3.17 -10.96 6.11
C PHE A 46 4.04 -11.76 5.16
N ALA A 47 3.46 -12.18 4.04
CA ALA A 47 4.19 -12.96 3.05
C ALA A 47 5.24 -12.11 2.34
N ALA A 48 4.91 -10.85 2.10
CA ALA A 48 5.83 -9.92 1.43
C ALA A 48 6.66 -9.14 2.45
N GLY A 49 6.14 -9.04 3.68
CA GLY A 49 6.83 -8.31 4.72
C GLY A 49 6.32 -6.90 4.88
N LEU A 50 5.15 -6.62 4.32
CA LEU A 50 4.55 -5.29 4.41
C LEU A 50 4.09 -5.00 5.83
N ARG A 51 4.75 -4.06 6.48
CA ARG A 51 4.40 -3.68 7.85
C ARG A 51 4.57 -2.17 8.05
N VAL A 52 4.23 -1.71 9.25
CA VAL A 52 4.34 -0.29 9.59
C VAL A 52 5.79 0.18 9.54
N GLY A 53 6.04 1.24 8.79
CA GLY A 53 7.40 1.76 8.68
C GLY A 53 7.83 1.95 7.24
N ASP A 54 7.11 1.32 6.32
CA ASP A 54 7.43 1.43 4.90
C ASP A 54 6.52 2.45 4.21
N GLN A 55 7.14 3.46 3.61
CA GLN A 55 6.39 4.50 2.92
C GLN A 55 5.74 3.96 1.64
N LEU A 56 4.50 4.37 1.40
CA LEU A 56 3.76 3.92 0.23
C LEU A 56 3.39 5.10 -0.66
N VAL A 57 3.87 5.06 -1.91
CA VAL A 57 3.59 6.13 -2.86
C VAL A 57 2.85 5.59 -4.08
N ARG A 58 3.22 4.39 -4.51
CA ARG A 58 2.59 3.77 -5.67
C ARG A 58 2.58 4.71 -6.86
N PHE A 59 3.59 5.57 -6.93
CA PHE A 59 3.69 6.54 -8.01
C PHE A 59 5.14 6.72 -8.44
N ALA A 60 5.36 6.91 -9.74
CA ALA A 60 6.71 7.09 -10.27
C ALA A 60 7.25 8.47 -9.94
N GLY A 61 8.20 8.53 -9.01
CA GLY A 61 8.78 9.80 -8.61
C GLY A 61 8.76 10.00 -7.11
N TYR A 62 8.29 8.98 -6.38
CA TYR A 62 8.22 9.06 -4.93
C TYR A 62 7.32 10.20 -4.49
N THR A 63 6.23 10.41 -5.22
CA THR A 63 5.28 11.48 -4.91
C THR A 63 3.86 10.94 -4.81
N VAL A 64 3.21 11.23 -3.69
CA VAL A 64 1.83 10.78 -3.46
C VAL A 64 0.97 11.89 -2.87
N THR A 65 -0.33 11.80 -3.09
CA THR A 65 -1.26 12.80 -2.59
C THR A 65 -1.61 12.54 -1.13
N GLU A 66 -2.45 11.53 -0.90
CA GLU A 66 -2.85 11.18 0.45
C GLU A 66 -3.39 9.75 0.50
N LEU A 67 -4.01 9.40 1.63
CA LEU A 67 -4.57 8.06 1.80
C LEU A 67 -5.51 7.70 0.65
N ALA A 68 -6.26 8.69 0.18
CA ALA A 68 -7.19 8.48 -0.91
C ALA A 68 -6.48 7.97 -2.15
N ALA A 69 -5.25 8.43 -2.35
CA ALA A 69 -4.45 8.02 -3.51
C ALA A 69 -4.05 6.55 -3.39
N PHE A 70 -3.84 6.08 -2.16
CA PHE A 70 -3.45 4.70 -1.92
C PHE A 70 -4.67 3.79 -1.92
N ASN A 71 -5.82 4.35 -1.53
CA ASN A 71 -7.06 3.57 -1.49
C ASN A 71 -7.61 3.34 -2.89
N THR A 72 -7.40 4.31 -3.78
CA THR A 72 -7.88 4.22 -5.15
C THR A 72 -7.03 3.24 -5.96
N VAL A 73 -5.72 3.26 -5.72
CA VAL A 73 -4.80 2.38 -6.41
C VAL A 73 -4.96 0.94 -5.95
N VAL A 74 -5.12 0.75 -4.65
CA VAL A 74 -5.28 -0.57 -4.06
C VAL A 74 -6.61 -1.18 -4.48
N ALA A 75 -7.64 -0.35 -4.57
CA ALA A 75 -8.98 -0.80 -4.96
C ALA A 75 -8.94 -1.50 -6.31
N ARG A 76 -8.15 -0.97 -7.22
CA ARG A 76 -8.04 -1.54 -8.56
C ARG A 76 -7.13 -2.77 -8.55
N HIS A 77 -6.17 -2.78 -7.63
CA HIS A 77 -5.24 -3.89 -7.51
C HIS A 77 -5.89 -5.08 -6.80
N VAL A 78 -6.87 -4.79 -5.95
CA VAL A 78 -7.58 -5.83 -5.22
C VAL A 78 -8.05 -6.94 -6.15
N ARG A 79 -7.35 -8.07 -6.12
CA ARG A 79 -7.70 -9.20 -6.98
C ARG A 79 -7.21 -10.51 -6.36
N PRO A 80 -7.85 -11.63 -6.73
CA PRO A 80 -7.50 -12.95 -6.23
C PRO A 80 -6.16 -13.43 -6.78
N SER A 81 -5.17 -13.55 -5.91
CA SER A 81 -3.84 -14.00 -6.31
C SER A 81 -3.24 -13.07 -7.34
N ALA A 82 -3.45 -11.77 -7.16
CA ALA A 82 -2.94 -10.76 -8.08
C ALA A 82 -1.69 -10.09 -7.50
N SER A 83 -0.54 -10.38 -8.12
CA SER A 83 0.73 -9.81 -7.67
C SER A 83 1.02 -8.50 -8.40
N ILE A 84 1.57 -7.53 -7.67
CA ILE A 84 1.91 -6.24 -8.25
C ILE A 84 3.09 -5.60 -7.54
N PRO A 85 4.08 -5.13 -8.32
CA PRO A 85 5.28 -4.49 -7.78
C PRO A 85 4.98 -3.13 -7.15
N VAL A 86 5.05 -3.06 -5.82
CA VAL A 86 4.80 -1.82 -5.11
C VAL A 86 6.08 -1.00 -4.94
N VAL A 87 5.93 0.32 -4.92
CA VAL A 87 7.07 1.21 -4.76
C VAL A 87 7.05 1.89 -3.40
N PHE A 88 8.06 1.60 -2.58
CA PHE A 88 8.16 2.19 -1.25
C PHE A 88 9.49 2.92 -1.07
N SER A 89 9.55 3.82 -0.09
CA SER A 89 10.75 4.59 0.18
C SER A 89 11.13 4.51 1.64
N ARG A 90 12.43 4.57 1.93
CA ARG A 90 12.92 4.50 3.29
C ARG A 90 13.67 5.78 3.66
N ASP A 91 12.90 6.82 3.98
CA ASP A 91 13.48 8.10 4.36
C ASP A 91 14.30 8.69 3.22
N GLY A 92 13.79 8.53 2.00
CA GLY A 92 14.49 9.05 0.83
C GLY A 92 15.23 7.97 0.07
N VAL A 93 14.92 6.71 0.39
CA VAL A 93 15.56 5.58 -0.28
C VAL A 93 14.68 5.01 -1.38
N VAL A 94 15.31 4.55 -2.45
CA VAL A 94 14.58 3.98 -3.59
C VAL A 94 14.64 2.46 -3.57
N MET A 95 13.50 1.82 -3.33
CA MET A 95 13.42 0.37 -3.29
C MET A 95 12.11 -0.12 -3.88
N SER A 96 12.14 -1.32 -4.45
CA SER A 96 10.95 -1.91 -5.07
C SER A 96 10.87 -3.40 -4.78
N ALA A 97 9.70 -3.85 -4.33
CA ALA A 97 9.49 -5.26 -4.02
C ALA A 97 8.10 -5.71 -4.45
N THR A 98 8.03 -6.92 -5.00
CA THR A 98 6.76 -7.47 -5.46
C THR A 98 5.99 -8.13 -4.31
N ILE A 99 4.77 -7.67 -4.08
CA ILE A 99 3.93 -8.20 -3.02
C ILE A 99 2.70 -8.90 -3.58
N VAL A 100 2.51 -10.15 -3.17
CA VAL A 100 1.37 -10.93 -3.64
C VAL A 100 0.16 -10.73 -2.73
N VAL A 101 -0.89 -10.12 -3.28
CA VAL A 101 -2.11 -9.86 -2.52
C VAL A 101 -3.10 -11.01 -2.68
N GLY A 102 -3.64 -11.48 -1.55
CA GLY A 102 -4.59 -12.56 -1.59
C GLY A 102 -5.93 -12.17 -1.01
N GLU A 103 -6.95 -12.08 -1.87
CA GLU A 103 -8.29 -11.71 -1.43
C GLU A 103 -9.05 -12.93 -0.92
N LEU A 104 -8.69 -14.10 -1.43
CA LEU A 104 -9.34 -15.34 -1.02
C LEU A 104 -8.32 -16.40 -0.65
N GLU A 105 -8.01 -16.48 0.65
CA GLU A 105 -7.04 -17.45 1.14
C GLU A 105 -5.67 -17.21 0.52
#